data_2QOS
# 
_entry.id   2QOS 
# 
_audit_conform.dict_name       mmcif_pdbx.dic 
_audit_conform.dict_version    5.398 
_audit_conform.dict_location   http://mmcif.pdb.org/dictionaries/ascii/mmcif_pdbx.dic 
# 
loop_
_database_2.database_id 
_database_2.database_code 
_database_2.pdbx_database_accession 
_database_2.pdbx_DOI 
PDB   2QOS         pdb_00002qos 10.2210/pdb2qos/pdb 
RCSB  RCSB043866   ?            ?                   
WWPDB D_1000043866 ?            ?                   
# 
loop_
_pdbx_audit_revision_history.ordinal 
_pdbx_audit_revision_history.data_content_type 
_pdbx_audit_revision_history.major_revision 
_pdbx_audit_revision_history.minor_revision 
_pdbx_audit_revision_history.revision_date 
1 'Structure model' 1 0 2007-10-16 
2 'Structure model' 1 1 2011-07-13 
3 'Structure model' 1 2 2017-10-25 
4 'Structure model' 1 3 2021-10-20 
5 'Structure model' 1 4 2023-08-30 
6 'Structure model' 1 5 2024-10-30 
# 
_pdbx_audit_revision_details.ordinal             1 
_pdbx_audit_revision_details.revision_ordinal    1 
_pdbx_audit_revision_details.data_content_type   'Structure model' 
_pdbx_audit_revision_details.provider            repository 
_pdbx_audit_revision_details.type                'Initial release' 
_pdbx_audit_revision_details.description         ? 
_pdbx_audit_revision_details.details             ? 
# 
loop_
_pdbx_audit_revision_group.ordinal 
_pdbx_audit_revision_group.revision_ordinal 
_pdbx_audit_revision_group.data_content_type 
_pdbx_audit_revision_group.group 
1 2 'Structure model' 'Version format compliance' 
2 3 'Structure model' 'Refinement description'    
3 4 'Structure model' 'Database references'       
4 5 'Structure model' 'Data collection'           
5 5 'Structure model' 'Refinement description'    
6 6 'Structure model' 'Structure summary'         
# 
loop_
_pdbx_audit_revision_category.ordinal 
_pdbx_audit_revision_category.revision_ordinal 
_pdbx_audit_revision_category.data_content_type 
_pdbx_audit_revision_category.category 
1 3 'Structure model' software                      
2 4 'Structure model' database_2                    
3 4 'Structure model' struct_ref_seq_dif            
4 5 'Structure model' chem_comp_atom                
5 5 'Structure model' chem_comp_bond                
6 5 'Structure model' pdbx_initial_refinement_model 
7 6 'Structure model' pdbx_entry_details            
8 6 'Structure model' pdbx_modification_feature     
# 
loop_
_pdbx_audit_revision_item.ordinal 
_pdbx_audit_revision_item.revision_ordinal 
_pdbx_audit_revision_item.data_content_type 
_pdbx_audit_revision_item.item 
1 4 'Structure model' '_database_2.pdbx_DOI'                
2 4 'Structure model' '_database_2.pdbx_database_accession' 
3 4 'Structure model' '_struct_ref_seq_dif.details'         
# 
_pdbx_database_status.entry_id                        2QOS 
_pdbx_database_status.deposit_site                    RCSB 
_pdbx_database_status.process_site                    RCSB 
_pdbx_database_status.recvd_initial_deposition_date   2007-07-20 
_pdbx_database_status.status_code                     REL 
_pdbx_database_status.status_code_sf                  REL 
_pdbx_database_status.status_code_mr                  ? 
_pdbx_database_status.SG_entry                        ? 
_pdbx_database_status.pdb_format_compatible           Y 
_pdbx_database_status.status_code_cs                  ? 
_pdbx_database_status.methods_development_category    ? 
_pdbx_database_status.status_code_nmr_data            ? 
# 
loop_
_pdbx_database_related.db_name 
_pdbx_database_related.db_id 
_pdbx_database_related.details 
_pdbx_database_related.content_type 
PDB 1LF7 . unspecified 
PDB 1IW2 . unspecified 
PDB 2OVE . unspecified 
PDB 2OVA . unspecified 
PDB 2OVD . unspecified 
# 
loop_
_audit_author.name 
_audit_author.pdbx_ordinal 
'Lovelace, L.L.' 1 
'Chiswell, B.'   2 
'Slade, D.J.'    3 
'Sodetz, J.M.'   4 
'Lebioda, L.'    5 
# 
_citation.id                        primary 
_citation.title                     
;Crystal structure of complement protein C8gamma in complex with a peptide containing the C8gamma binding site on C8alpha: Implications for C8gamma ligand binding.
;
_citation.journal_abbrev            Mol.Immunol. 
_citation.journal_volume            45 
_citation.page_first                750 
_citation.page_last                 756 
_citation.year                      2008 
_citation.journal_id_ASTM           MOIMD5 
_citation.country                   UK 
_citation.journal_id_ISSN           0161-5890 
_citation.journal_id_CSD            0921 
_citation.book_publisher            ? 
_citation.pdbx_database_id_PubMed   17692377 
_citation.pdbx_database_id_DOI      10.1016/j.molimm.2007.06.359 
# 
loop_
_citation_author.citation_id 
_citation_author.name 
_citation_author.ordinal 
_citation_author.identifier_ORCID 
primary 'Lovelace, L.L.' 1 ? 
primary 'Chiswell, B.'   2 ? 
primary 'Slade, D.J.'    3 ? 
primary 'Sodetz, J.M.'   4 ? 
primary 'Lebioda, L.'    5 ? 
# 
loop_
_entity.id 
_entity.type 
_entity.src_method 
_entity.pdbx_description 
_entity.formula_weight 
_entity.pdbx_number_of_molecules 
_entity.pdbx_ec 
_entity.pdbx_mutation 
_entity.pdbx_fragment 
_entity.details 
1 polymer man 'Complement component 8, gamma polypeptide' 19171.635 1   ? ? ? ? 
2 polymer syn 'Complement component C8 alpha chain'       1388.527  1   ? ? ? ? 
3 water   nat water                                       18.015    164 ? ? ? ? 
# 
_entity_name_com.entity_id   2 
_entity_name_com.name        'Complement component 8 subunit alpha' 
# 
loop_
_entity_poly.entity_id 
_entity_poly.type 
_entity_poly.nstd_linkage 
_entity_poly.nstd_monomer 
_entity_poly.pdbx_seq_one_letter_code 
_entity_poly.pdbx_seq_one_letter_code_can 
_entity_poly.pdbx_strand_id 
_entity_poly.pdbx_target_identifier 
1 'polypeptide(L)' no no 
;ASPISTIQPKANFDAQQFAGTWLLVAVGSAARFLQEQGHRAEATTLHVAPQGTAMAVSTFRKLDGICWQVRQLYGDTGVL
GRFLLQARGARGAVHVVVAETDYQSFAVLYLERAGQLSVKLYARSLPVSDSVLSGFEQRVQEAHLTEDQIFYFPKYGFCE
AADQFHVLDEVRR
;
;ASPISTIQPKANFDAQQFAGTWLLVAVGSAARFLQEQGHRAEATTLHVAPQGTAMAVSTFRKLDGICWQVRQLYGDTGVL
GRFLLQARGARGAVHVVVAETDYQSFAVLYLERAGQLSVKLYARSLPVSDSVLSGFEQRVQEAHLTEDQIFYFPKYGFCE
AADQFHVLDEVRR
;
C ? 
2 'polypeptide(L)' no no LRYDSTAERLY LRYDSTAERLY A ? 
# 
_pdbx_entity_nonpoly.entity_id   3 
_pdbx_entity_nonpoly.name        water 
_pdbx_entity_nonpoly.comp_id     HOH 
# 
loop_
_entity_poly_seq.entity_id 
_entity_poly_seq.num 
_entity_poly_seq.mon_id 
_entity_poly_seq.hetero 
1 1   ALA n 
1 2   SER n 
1 3   PRO n 
1 4   ILE n 
1 5   SER n 
1 6   THR n 
1 7   ILE n 
1 8   GLN n 
1 9   PRO n 
1 10  LYS n 
1 11  ALA n 
1 12  ASN n 
1 13  PHE n 
1 14  ASP n 
1 15  ALA n 
1 16  GLN n 
1 17  GLN n 
1 18  PHE n 
1 19  ALA n 
1 20  GLY n 
1 21  THR n 
1 22  TRP n 
1 23  LEU n 
1 24  LEU n 
1 25  VAL n 
1 26  ALA n 
1 27  VAL n 
1 28  GLY n 
1 29  SER n 
1 30  ALA n 
1 31  ALA n 
1 32  ARG n 
1 33  PHE n 
1 34  LEU n 
1 35  GLN n 
1 36  GLU n 
1 37  GLN n 
1 38  GLY n 
1 39  HIS n 
1 40  ARG n 
1 41  ALA n 
1 42  GLU n 
1 43  ALA n 
1 44  THR n 
1 45  THR n 
1 46  LEU n 
1 47  HIS n 
1 48  VAL n 
1 49  ALA n 
1 50  PRO n 
1 51  GLN n 
1 52  GLY n 
1 53  THR n 
1 54  ALA n 
1 55  MET n 
1 56  ALA n 
1 57  VAL n 
1 58  SER n 
1 59  THR n 
1 60  PHE n 
1 61  ARG n 
1 62  LYS n 
1 63  LEU n 
1 64  ASP n 
1 65  GLY n 
1 66  ILE n 
1 67  CYS n 
1 68  TRP n 
1 69  GLN n 
1 70  VAL n 
1 71  ARG n 
1 72  GLN n 
1 73  LEU n 
1 74  TYR n 
1 75  GLY n 
1 76  ASP n 
1 77  THR n 
1 78  GLY n 
1 79  VAL n 
1 80  LEU n 
1 81  GLY n 
1 82  ARG n 
1 83  PHE n 
1 84  LEU n 
1 85  LEU n 
1 86  GLN n 
1 87  ALA n 
1 88  ARG n 
1 89  GLY n 
1 90  ALA n 
1 91  ARG n 
1 92  GLY n 
1 93  ALA n 
1 94  VAL n 
1 95  HIS n 
1 96  VAL n 
1 97  VAL n 
1 98  VAL n 
1 99  ALA n 
1 100 GLU n 
1 101 THR n 
1 102 ASP n 
1 103 TYR n 
1 104 GLN n 
1 105 SER n 
1 106 PHE n 
1 107 ALA n 
1 108 VAL n 
1 109 LEU n 
1 110 TYR n 
1 111 LEU n 
1 112 GLU n 
1 113 ARG n 
1 114 ALA n 
1 115 GLY n 
1 116 GLN n 
1 117 LEU n 
1 118 SER n 
1 119 VAL n 
1 120 LYS n 
1 121 LEU n 
1 122 TYR n 
1 123 ALA n 
1 124 ARG n 
1 125 SER n 
1 126 LEU n 
1 127 PRO n 
1 128 VAL n 
1 129 SER n 
1 130 ASP n 
1 131 SER n 
1 132 VAL n 
1 133 LEU n 
1 134 SER n 
1 135 GLY n 
1 136 PHE n 
1 137 GLU n 
1 138 GLN n 
1 139 ARG n 
1 140 VAL n 
1 141 GLN n 
1 142 GLU n 
1 143 ALA n 
1 144 HIS n 
1 145 LEU n 
1 146 THR n 
1 147 GLU n 
1 148 ASP n 
1 149 GLN n 
1 150 ILE n 
1 151 PHE n 
1 152 TYR n 
1 153 PHE n 
1 154 PRO n 
1 155 LYS n 
1 156 TYR n 
1 157 GLY n 
1 158 PHE n 
1 159 CYS n 
1 160 GLU n 
1 161 ALA n 
1 162 ALA n 
1 163 ASP n 
1 164 GLN n 
1 165 PHE n 
1 166 HIS n 
1 167 VAL n 
1 168 LEU n 
1 169 ASP n 
1 170 GLU n 
1 171 VAL n 
1 172 ARG n 
1 173 ARG n 
2 1   LEU n 
2 2   ARG n 
2 3   TYR n 
2 4   ASP n 
2 5   SER n 
2 6   THR n 
2 7   ALA n 
2 8   GLU n 
2 9   ARG n 
2 10  LEU n 
2 11  TYR n 
# 
_entity_src_gen.entity_id                          1 
_entity_src_gen.pdbx_src_id                        1 
_entity_src_gen.pdbx_alt_source_flag               sample 
_entity_src_gen.pdbx_seq_type                      ? 
_entity_src_gen.pdbx_beg_seq_num                   ? 
_entity_src_gen.pdbx_end_seq_num                   ? 
_entity_src_gen.gene_src_common_name               human 
_entity_src_gen.gene_src_genus                     Homo 
_entity_src_gen.pdbx_gene_src_gene                 C8G 
_entity_src_gen.gene_src_species                   ? 
_entity_src_gen.gene_src_strain                    ? 
_entity_src_gen.gene_src_tissue                    ? 
_entity_src_gen.gene_src_tissue_fraction           ? 
_entity_src_gen.gene_src_details                   ? 
_entity_src_gen.pdbx_gene_src_fragment             ? 
_entity_src_gen.pdbx_gene_src_scientific_name      'Homo sapiens' 
_entity_src_gen.pdbx_gene_src_ncbi_taxonomy_id     9606 
_entity_src_gen.pdbx_gene_src_variant              ? 
_entity_src_gen.pdbx_gene_src_cell_line            ? 
_entity_src_gen.pdbx_gene_src_atcc                 ? 
_entity_src_gen.pdbx_gene_src_organ                ? 
_entity_src_gen.pdbx_gene_src_organelle            ? 
_entity_src_gen.pdbx_gene_src_cell                 ? 
_entity_src_gen.pdbx_gene_src_cellular_location    ? 
_entity_src_gen.host_org_common_name               ? 
_entity_src_gen.pdbx_host_org_scientific_name      'Escherichia coli' 
_entity_src_gen.pdbx_host_org_ncbi_taxonomy_id     562 
_entity_src_gen.host_org_genus                     Escherichia 
_entity_src_gen.pdbx_host_org_gene                 ? 
_entity_src_gen.pdbx_host_org_organ                ? 
_entity_src_gen.host_org_species                   ? 
_entity_src_gen.pdbx_host_org_tissue               ? 
_entity_src_gen.pdbx_host_org_tissue_fraction      ? 
_entity_src_gen.pdbx_host_org_strain               ? 
_entity_src_gen.pdbx_host_org_variant              ? 
_entity_src_gen.pdbx_host_org_cell_line            ? 
_entity_src_gen.pdbx_host_org_atcc                 ? 
_entity_src_gen.pdbx_host_org_culture_collection   ? 
_entity_src_gen.pdbx_host_org_cell                 ? 
_entity_src_gen.pdbx_host_org_organelle            ? 
_entity_src_gen.pdbx_host_org_cellular_location    ? 
_entity_src_gen.pdbx_host_org_vector_type          ? 
_entity_src_gen.pdbx_host_org_vector               ? 
_entity_src_gen.host_org_details                   ? 
_entity_src_gen.expression_system_id               ? 
_entity_src_gen.plasmid_name                       ? 
_entity_src_gen.plasmid_details                    ? 
_entity_src_gen.pdbx_description                   ? 
# 
_pdbx_entity_src_syn.entity_id              2 
_pdbx_entity_src_syn.pdbx_src_id            1 
_pdbx_entity_src_syn.pdbx_alt_source_flag   sample 
_pdbx_entity_src_syn.pdbx_beg_seq_num       ? 
_pdbx_entity_src_syn.pdbx_end_seq_num       ? 
_pdbx_entity_src_syn.organism_scientific    ? 
_pdbx_entity_src_syn.organism_common_name   ? 
_pdbx_entity_src_syn.ncbi_taxonomy_id       ? 
_pdbx_entity_src_syn.details                'This sequence has been modified from the human' 
# 
loop_
_chem_comp.id 
_chem_comp.type 
_chem_comp.mon_nstd_flag 
_chem_comp.name 
_chem_comp.pdbx_synonyms 
_chem_comp.formula 
_chem_comp.formula_weight 
ALA 'L-peptide linking' y ALANINE         ? 'C3 H7 N O2'     89.093  
ARG 'L-peptide linking' y ARGININE        ? 'C6 H15 N4 O2 1' 175.209 
ASN 'L-peptide linking' y ASPARAGINE      ? 'C4 H8 N2 O3'    132.118 
ASP 'L-peptide linking' y 'ASPARTIC ACID' ? 'C4 H7 N O4'     133.103 
CYS 'L-peptide linking' y CYSTEINE        ? 'C3 H7 N O2 S'   121.158 
GLN 'L-peptide linking' y GLUTAMINE       ? 'C5 H10 N2 O3'   146.144 
GLU 'L-peptide linking' y 'GLUTAMIC ACID' ? 'C5 H9 N O4'     147.129 
GLY 'peptide linking'   y GLYCINE         ? 'C2 H5 N O2'     75.067  
HIS 'L-peptide linking' y HISTIDINE       ? 'C6 H10 N3 O2 1' 156.162 
HOH non-polymer         . WATER           ? 'H2 O'           18.015  
ILE 'L-peptide linking' y ISOLEUCINE      ? 'C6 H13 N O2'    131.173 
LEU 'L-peptide linking' y LEUCINE         ? 'C6 H13 N O2'    131.173 
LYS 'L-peptide linking' y LYSINE          ? 'C6 H15 N2 O2 1' 147.195 
MET 'L-peptide linking' y METHIONINE      ? 'C5 H11 N O2 S'  149.211 
PHE 'L-peptide linking' y PHENYLALANINE   ? 'C9 H11 N O2'    165.189 
PRO 'L-peptide linking' y PROLINE         ? 'C5 H9 N O2'     115.130 
SER 'L-peptide linking' y SERINE          ? 'C3 H7 N O3'     105.093 
THR 'L-peptide linking' y THREONINE       ? 'C4 H9 N O3'     119.119 
TRP 'L-peptide linking' y TRYPTOPHAN      ? 'C11 H12 N2 O2'  204.225 
TYR 'L-peptide linking' y TYROSINE        ? 'C9 H11 N O3'    181.189 
VAL 'L-peptide linking' y VALINE          ? 'C5 H11 N O2'    117.146 
# 
loop_
_pdbx_poly_seq_scheme.asym_id 
_pdbx_poly_seq_scheme.entity_id 
_pdbx_poly_seq_scheme.seq_id 
_pdbx_poly_seq_scheme.mon_id 
_pdbx_poly_seq_scheme.ndb_seq_num 
_pdbx_poly_seq_scheme.pdb_seq_num 
_pdbx_poly_seq_scheme.auth_seq_num 
_pdbx_poly_seq_scheme.pdb_mon_id 
_pdbx_poly_seq_scheme.auth_mon_id 
_pdbx_poly_seq_scheme.pdb_strand_id 
_pdbx_poly_seq_scheme.pdb_ins_code 
_pdbx_poly_seq_scheme.hetero 
A 1 1   ALA 1   10  10  ALA ALA C . n 
A 1 2   SER 2   11  11  SER SER C . n 
A 1 3   PRO 3   12  12  PRO PRO C . n 
A 1 4   ILE 4   13  13  ILE ILE C . n 
A 1 5   SER 5   14  14  SER SER C . n 
A 1 6   THR 6   15  15  THR THR C . n 
A 1 7   ILE 7   16  16  ILE ILE C . n 
A 1 8   GLN 8   17  17  GLN GLN C . n 
A 1 9   PRO 9   18  18  PRO PRO C . n 
A 1 10  LYS 10  19  19  LYS LYS C . n 
A 1 11  ALA 11  20  20  ALA ALA C . n 
A 1 12  ASN 12  21  21  ASN ASN C . n 
A 1 13  PHE 13  22  22  PHE PHE C . n 
A 1 14  ASP 14  23  23  ASP ASP C . n 
A 1 15  ALA 15  24  24  ALA ALA C . n 
A 1 16  GLN 16  25  25  GLN GLN C . n 
A 1 17  GLN 17  26  26  GLN GLN C . n 
A 1 18  PHE 18  27  27  PHE PHE C . n 
A 1 19  ALA 19  28  28  ALA ALA C . n 
A 1 20  GLY 20  29  29  GLY GLY C . n 
A 1 21  THR 21  30  30  THR THR C . n 
A 1 22  TRP 22  31  31  TRP TRP C . n 
A 1 23  LEU 23  32  32  LEU LEU C . n 
A 1 24  LEU 24  33  33  LEU LEU C . n 
A 1 25  VAL 25  34  34  VAL VAL C . n 
A 1 26  ALA 26  35  35  ALA ALA C . n 
A 1 27  VAL 27  36  36  VAL VAL C . n 
A 1 28  GLY 28  37  37  GLY GLY C . n 
A 1 29  SER 29  38  38  SER SER C . n 
A 1 30  ALA 30  39  39  ALA ALA C . n 
A 1 31  ALA 31  40  40  ALA ALA C . n 
A 1 32  ARG 32  41  41  ARG ARG C . n 
A 1 33  PHE 33  42  42  PHE PHE C . n 
A 1 34  LEU 34  43  43  LEU LEU C . n 
A 1 35  GLN 35  44  44  GLN GLN C . n 
A 1 36  GLU 36  45  45  GLU GLU C . n 
A 1 37  GLN 37  46  46  GLN GLN C . n 
A 1 38  GLY 38  47  47  GLY GLY C . n 
A 1 39  HIS 39  48  48  HIS HIS C . n 
A 1 40  ARG 40  49  49  ARG ARG C . n 
A 1 41  ALA 41  50  50  ALA ALA C . n 
A 1 42  GLU 42  51  51  GLU GLU C . n 
A 1 43  ALA 43  52  52  ALA ALA C . n 
A 1 44  THR 44  53  53  THR THR C . n 
A 1 45  THR 45  54  54  THR THR C . n 
A 1 46  LEU 46  55  55  LEU LEU C . n 
A 1 47  HIS 47  56  56  HIS HIS C . n 
A 1 48  VAL 48  57  57  VAL VAL C . n 
A 1 49  ALA 49  58  58  ALA ALA C . n 
A 1 50  PRO 50  59  59  PRO PRO C . n 
A 1 51  GLN 51  60  60  GLN GLN C . n 
A 1 52  GLY 52  61  61  GLY GLY C . n 
A 1 53  THR 53  62  62  THR THR C . n 
A 1 54  ALA 54  63  63  ALA ALA C . n 
A 1 55  MET 55  64  64  MET MET C . n 
A 1 56  ALA 56  65  65  ALA ALA C . n 
A 1 57  VAL 57  66  66  VAL VAL C . n 
A 1 58  SER 58  67  67  SER SER C . n 
A 1 59  THR 59  68  68  THR THR C . n 
A 1 60  PHE 60  69  69  PHE PHE C . n 
A 1 61  ARG 61  70  70  ARG ARG C . n 
A 1 62  LYS 62  71  71  LYS LYS C . n 
A 1 63  LEU 63  72  72  LEU LEU C . n 
A 1 64  ASP 64  73  73  ASP ASP C . n 
A 1 65  GLY 65  74  74  GLY GLY C . n 
A 1 66  ILE 66  75  75  ILE ILE C . n 
A 1 67  CYS 67  76  76  CYS CYS C . n 
A 1 68  TRP 68  77  77  TRP TRP C . n 
A 1 69  GLN 69  78  78  GLN GLN C . n 
A 1 70  VAL 70  79  79  VAL VAL C . n 
A 1 71  ARG 71  80  80  ARG ARG C . n 
A 1 72  GLN 72  81  81  GLN GLN C . n 
A 1 73  LEU 73  82  82  LEU LEU C . n 
A 1 74  TYR 74  83  83  TYR TYR C . n 
A 1 75  GLY 75  84  84  GLY GLY C . n 
A 1 76  ASP 76  85  85  ASP ASP C . n 
A 1 77  THR 77  86  86  THR THR C . n 
A 1 78  GLY 78  87  87  GLY GLY C . n 
A 1 79  VAL 79  88  88  VAL VAL C . n 
A 1 80  LEU 80  89  89  LEU LEU C . n 
A 1 81  GLY 81  90  90  GLY GLY C . n 
A 1 82  ARG 82  91  91  ARG ARG C . n 
A 1 83  PHE 83  92  92  PHE PHE C . n 
A 1 84  LEU 84  93  93  LEU LEU C . n 
A 1 85  LEU 85  94  94  LEU LEU C . n 
A 1 86  GLN 86  95  95  GLN GLN C . n 
A 1 87  ALA 87  96  96  ALA ALA C . n 
A 1 88  ARG 88  97  97  ARG ARG C . n 
A 1 89  GLY 89  98  98  GLY GLY C . n 
A 1 90  ALA 90  99  99  ALA ALA C . n 
A 1 91  ARG 91  100 100 ARG ARG C . n 
A 1 92  GLY 92  101 101 GLY GLY C . n 
A 1 93  ALA 93  102 102 ALA ALA C . n 
A 1 94  VAL 94  103 103 VAL VAL C . n 
A 1 95  HIS 95  104 104 HIS HIS C . n 
A 1 96  VAL 96  105 105 VAL VAL C . n 
A 1 97  VAL 97  106 106 VAL VAL C . n 
A 1 98  VAL 98  107 107 VAL VAL C . n 
A 1 99  ALA 99  108 108 ALA ALA C . n 
A 1 100 GLU 100 109 109 GLU GLU C . n 
A 1 101 THR 101 110 110 THR THR C . n 
A 1 102 ASP 102 111 111 ASP ASP C . n 
A 1 103 TYR 103 112 112 TYR TYR C . n 
A 1 104 GLN 104 113 113 GLN GLN C . n 
A 1 105 SER 105 114 114 SER SER C . n 
A 1 106 PHE 106 115 115 PHE PHE C . n 
A 1 107 ALA 107 116 116 ALA ALA C . n 
A 1 108 VAL 108 117 117 VAL VAL C . n 
A 1 109 LEU 109 118 118 LEU LEU C . n 
A 1 110 TYR 110 119 119 TYR TYR C . n 
A 1 111 LEU 111 120 120 LEU LEU C . n 
A 1 112 GLU 112 121 121 GLU GLU C . n 
A 1 113 ARG 113 122 122 ARG ARG C . n 
A 1 114 ALA 114 123 123 ALA ALA C . n 
A 1 115 GLY 115 124 124 GLY GLY C . n 
A 1 116 GLN 116 125 125 GLN GLN C . n 
A 1 117 LEU 117 126 126 LEU LEU C . n 
A 1 118 SER 118 127 127 SER SER C . n 
A 1 119 VAL 119 128 128 VAL VAL C . n 
A 1 120 LYS 120 129 129 LYS LYS C . n 
A 1 121 LEU 121 130 130 LEU LEU C . n 
A 1 122 TYR 122 131 131 TYR TYR C . n 
A 1 123 ALA 123 132 132 ALA ALA C . n 
A 1 124 ARG 124 133 133 ARG ARG C . n 
A 1 125 SER 125 134 134 SER SER C . n 
A 1 126 LEU 126 135 135 LEU LEU C . n 
A 1 127 PRO 127 136 136 PRO PRO C . n 
A 1 128 VAL 128 137 137 VAL VAL C . n 
A 1 129 SER 129 138 138 SER SER C . n 
A 1 130 ASP 130 139 139 ASP ASP C . n 
A 1 131 SER 131 140 140 SER SER C . n 
A 1 132 VAL 132 141 141 VAL VAL C . n 
A 1 133 LEU 133 142 142 LEU LEU C . n 
A 1 134 SER 134 143 143 SER SER C . n 
A 1 135 GLY 135 144 144 GLY GLY C . n 
A 1 136 PHE 136 145 145 PHE PHE C . n 
A 1 137 GLU 137 146 146 GLU GLU C . n 
A 1 138 GLN 138 147 147 GLN GLN C . n 
A 1 139 ARG 139 148 148 ARG ARG C . n 
A 1 140 VAL 140 149 149 VAL VAL C . n 
A 1 141 GLN 141 150 150 GLN GLN C . n 
A 1 142 GLU 142 151 151 GLU GLU C . n 
A 1 143 ALA 143 152 152 ALA ALA C . n 
A 1 144 HIS 144 153 153 HIS HIS C . n 
A 1 145 LEU 145 154 154 LEU LEU C . n 
A 1 146 THR 146 155 155 THR THR C . n 
A 1 147 GLU 147 156 156 GLU GLU C . n 
A 1 148 ASP 148 157 157 ASP ASP C . n 
A 1 149 GLN 149 158 158 GLN GLN C . n 
A 1 150 ILE 150 159 159 ILE ILE C . n 
A 1 151 PHE 151 160 160 PHE PHE C . n 
A 1 152 TYR 152 161 161 TYR TYR C . n 
A 1 153 PHE 153 162 162 PHE PHE C . n 
A 1 154 PRO 154 163 163 PRO PRO C . n 
A 1 155 LYS 155 164 164 LYS LYS C . n 
A 1 156 TYR 156 165 165 TYR TYR C . n 
A 1 157 GLY 157 166 166 GLY GLY C . n 
A 1 158 PHE 158 167 167 PHE PHE C . n 
A 1 159 CYS 159 168 168 CYS CYS C . n 
A 1 160 GLU 160 169 169 GLU GLU C . n 
A 1 161 ALA 161 170 170 ALA ALA C . n 
A 1 162 ALA 162 171 171 ALA ALA C . n 
A 1 163 ASP 163 172 172 ASP ASP C . n 
A 1 164 GLN 164 173 173 GLN GLN C . n 
A 1 165 PHE 165 174 174 PHE PHE C . n 
A 1 166 HIS 166 175 175 HIS HIS C . n 
A 1 167 VAL 167 176 176 VAL VAL C . n 
A 1 168 LEU 168 177 177 LEU LEU C . n 
A 1 169 ASP 169 178 178 ASP ASP C . n 
A 1 170 GLU 170 179 179 GLU GLU C . n 
A 1 171 VAL 171 180 180 VAL VAL C . n 
A 1 172 ARG 172 181 181 ARG ARG C . n 
A 1 173 ARG 173 182 182 ARG ARG C . n 
B 2 1   LEU 1   158 158 LEU LEU A . n 
B 2 2   ARG 2   159 159 ARG ARG A . n 
B 2 3   TYR 3   160 160 TYR TYR A . n 
B 2 4   ASP 4   161 161 ASP ASP A . n 
B 2 5   SER 5   162 162 SER SER A . n 
B 2 6   THR 6   163 163 THR THR A . n 
B 2 7   ALA 7   164 164 ALA ALA A . n 
B 2 8   GLU 8   165 165 GLU GLU A . n 
B 2 9   ARG 9   166 166 ARG ARG A . n 
B 2 10  LEU 10  167 167 LEU LEU A . n 
B 2 11  TYR 11  168 168 TYR TYR A . n 
# 
loop_
_pdbx_nonpoly_scheme.asym_id 
_pdbx_nonpoly_scheme.entity_id 
_pdbx_nonpoly_scheme.mon_id 
_pdbx_nonpoly_scheme.ndb_seq_num 
_pdbx_nonpoly_scheme.pdb_seq_num 
_pdbx_nonpoly_scheme.auth_seq_num 
_pdbx_nonpoly_scheme.pdb_mon_id 
_pdbx_nonpoly_scheme.auth_mon_id 
_pdbx_nonpoly_scheme.pdb_strand_id 
_pdbx_nonpoly_scheme.pdb_ins_code 
C 3 HOH 1   183 513 HOH HOH C . 
C 3 HOH 2   184 514 HOH HOH C . 
C 3 HOH 3   185 515 HOH HOH C . 
C 3 HOH 4   186 516 HOH HOH C . 
C 3 HOH 5   187 517 HOH HOH C . 
C 3 HOH 6   188 518 HOH HOH C . 
C 3 HOH 7   189 519 HOH HOH C . 
C 3 HOH 8   190 520 HOH HOH C . 
C 3 HOH 9   191 521 HOH HOH C . 
C 3 HOH 10  192 522 HOH HOH C . 
C 3 HOH 11  193 523 HOH HOH C . 
C 3 HOH 12  194 524 HOH HOH C . 
C 3 HOH 13  195 525 HOH HOH C . 
C 3 HOH 14  196 526 HOH HOH C . 
C 3 HOH 15  197 527 HOH HOH C . 
C 3 HOH 16  198 528 HOH HOH C . 
C 3 HOH 17  199 529 HOH HOH C . 
C 3 HOH 18  200 530 HOH HOH C . 
C 3 HOH 19  201 531 HOH HOH C . 
C 3 HOH 20  202 532 HOH HOH C . 
C 3 HOH 21  203 533 HOH HOH C . 
C 3 HOH 22  204 534 HOH HOH C . 
C 3 HOH 23  205 535 HOH HOH C . 
C 3 HOH 24  206 536 HOH HOH C . 
C 3 HOH 25  207 537 HOH HOH C . 
C 3 HOH 26  208 538 HOH HOH C . 
C 3 HOH 27  209 539 HOH HOH C . 
C 3 HOH 28  210 540 HOH HOH C . 
C 3 HOH 29  211 541 HOH HOH C . 
C 3 HOH 30  212 542 HOH HOH C . 
C 3 HOH 31  213 543 HOH HOH C . 
C 3 HOH 32  214 544 HOH HOH C . 
C 3 HOH 33  215 546 HOH HOH C . 
C 3 HOH 34  216 547 HOH HOH C . 
C 3 HOH 35  217 548 HOH HOH C . 
C 3 HOH 36  218 549 HOH HOH C . 
C 3 HOH 37  219 550 HOH HOH C . 
C 3 HOH 38  220 551 HOH HOH C . 
C 3 HOH 39  221 552 HOH HOH C . 
C 3 HOH 40  222 553 HOH HOH C . 
C 3 HOH 41  223 554 HOH HOH C . 
C 3 HOH 42  224 556 HOH HOH C . 
C 3 HOH 43  225 557 HOH HOH C . 
C 3 HOH 44  226 558 HOH HOH C . 
C 3 HOH 45  227 559 HOH HOH C . 
C 3 HOH 46  228 561 HOH HOH C . 
C 3 HOH 47  229 562 HOH HOH C . 
C 3 HOH 48  230 563 HOH HOH C . 
C 3 HOH 49  231 564 HOH HOH C . 
C 3 HOH 50  232 565 HOH HOH C . 
C 3 HOH 51  233 566 HOH HOH C . 
C 3 HOH 52  234 567 HOH HOH C . 
C 3 HOH 53  235 568 HOH HOH C . 
C 3 HOH 54  236 569 HOH HOH C . 
C 3 HOH 55  237 570 HOH HOH C . 
C 3 HOH 56  238 571 HOH HOH C . 
C 3 HOH 57  239 572 HOH HOH C . 
C 3 HOH 58  240 573 HOH HOH C . 
C 3 HOH 59  241 574 HOH HOH C . 
C 3 HOH 60  242 575 HOH HOH C . 
C 3 HOH 61  243 576 HOH HOH C . 
C 3 HOH 62  244 577 HOH HOH C . 
C 3 HOH 63  245 578 HOH HOH C . 
C 3 HOH 64  246 579 HOH HOH C . 
C 3 HOH 65  247 580 HOH HOH C . 
C 3 HOH 66  248 582 HOH HOH C . 
C 3 HOH 67  249 583 HOH HOH C . 
C 3 HOH 68  250 584 HOH HOH C . 
C 3 HOH 69  251 585 HOH HOH C . 
C 3 HOH 70  252 586 HOH HOH C . 
C 3 HOH 71  253 587 HOH HOH C . 
C 3 HOH 72  254 589 HOH HOH C . 
C 3 HOH 73  255 590 HOH HOH C . 
C 3 HOH 74  256 591 HOH HOH C . 
C 3 HOH 75  257 592 HOH HOH C . 
C 3 HOH 76  258 594 HOH HOH C . 
C 3 HOH 77  259 595 HOH HOH C . 
C 3 HOH 78  260 596 HOH HOH C . 
C 3 HOH 79  261 597 HOH HOH C . 
C 3 HOH 80  262 598 HOH HOH C . 
C 3 HOH 81  263 599 HOH HOH C . 
C 3 HOH 82  264 600 HOH HOH C . 
C 3 HOH 83  265 601 HOH HOH C . 
C 3 HOH 84  266 602 HOH HOH C . 
C 3 HOH 85  267 603 HOH HOH C . 
C 3 HOH 86  268 604 HOH HOH C . 
C 3 HOH 87  269 605 HOH HOH C . 
C 3 HOH 88  270 606 HOH HOH C . 
C 3 HOH 89  271 607 HOH HOH C . 
C 3 HOH 90  272 608 HOH HOH C . 
C 3 HOH 91  273 609 HOH HOH C . 
C 3 HOH 92  274 610 HOH HOH C . 
C 3 HOH 93  275 611 HOH HOH C . 
C 3 HOH 94  276 612 HOH HOH C . 
C 3 HOH 95  277 613 HOH HOH C . 
C 3 HOH 96  278 614 HOH HOH C . 
C 3 HOH 97  279 615 HOH HOH C . 
C 3 HOH 98  280 616 HOH HOH C . 
C 3 HOH 99  281 617 HOH HOH C . 
C 3 HOH 100 282 618 HOH HOH C . 
C 3 HOH 101 283 619 HOH HOH C . 
C 3 HOH 102 284 620 HOH HOH C . 
C 3 HOH 103 285 621 HOH HOH C . 
C 3 HOH 104 286 622 HOH HOH C . 
C 3 HOH 105 287 624 HOH HOH C . 
C 3 HOH 106 288 625 HOH HOH C . 
C 3 HOH 107 289 627 HOH HOH C . 
C 3 HOH 108 290 628 HOH HOH C . 
C 3 HOH 109 291 629 HOH HOH C . 
C 3 HOH 110 292 630 HOH HOH C . 
C 3 HOH 111 293 631 HOH HOH C . 
C 3 HOH 112 294 633 HOH HOH C . 
C 3 HOH 113 295 635 HOH HOH C . 
C 3 HOH 114 296 636 HOH HOH C . 
C 3 HOH 115 297 637 HOH HOH C . 
C 3 HOH 116 298 638 HOH HOH C . 
C 3 HOH 117 299 639 HOH HOH C . 
C 3 HOH 118 300 641 HOH HOH C . 
C 3 HOH 119 301 642 HOH HOH C . 
C 3 HOH 120 302 643 HOH HOH C . 
C 3 HOH 121 303 644 HOH HOH C . 
C 3 HOH 122 304 646 HOH HOH C . 
C 3 HOH 123 305 647 HOH HOH C . 
C 3 HOH 124 306 648 HOH HOH C . 
C 3 HOH 125 307 649 HOH HOH C . 
C 3 HOH 126 308 650 HOH HOH C . 
C 3 HOH 127 309 651 HOH HOH C . 
C 3 HOH 128 310 652 HOH HOH C . 
C 3 HOH 129 311 654 HOH HOH C . 
C 3 HOH 130 312 655 HOH HOH C . 
C 3 HOH 131 313 656 HOH HOH C . 
C 3 HOH 132 314 657 HOH HOH C . 
C 3 HOH 133 315 658 HOH HOH C . 
C 3 HOH 134 316 659 HOH HOH C . 
C 3 HOH 135 317 660 HOH HOH C . 
C 3 HOH 136 318 661 HOH HOH C . 
C 3 HOH 137 319 662 HOH HOH C . 
C 3 HOH 138 320 664 HOH HOH C . 
C 3 HOH 139 321 665 HOH HOH C . 
C 3 HOH 140 322 666 HOH HOH C . 
C 3 HOH 141 323 667 HOH HOH C . 
C 3 HOH 142 324 669 HOH HOH C . 
C 3 HOH 143 325 700 HOH HOH C . 
C 3 HOH 144 326 701 HOH HOH C . 
C 3 HOH 145 327 702 HOH HOH C . 
C 3 HOH 146 328 703 HOH HOH C . 
C 3 HOH 147 329 705 HOH HOH C . 
C 3 HOH 148 330 707 HOH HOH C . 
C 3 HOH 149 331 710 HOH HOH C . 
C 3 HOH 150 332 711 HOH HOH C . 
C 3 HOH 151 333 713 HOH HOH C . 
C 3 HOH 152 334 714 HOH HOH C . 
C 3 HOH 153 335 717 HOH HOH C . 
D 3 HOH 1   169 545 HOH HOH A . 
D 3 HOH 2   170 555 HOH HOH A . 
D 3 HOH 3   171 560 HOH HOH A . 
D 3 HOH 4   172 581 HOH HOH A . 
D 3 HOH 5   173 593 HOH HOH A . 
D 3 HOH 6   174 626 HOH HOH A . 
D 3 HOH 7   175 634 HOH HOH A . 
D 3 HOH 8   176 640 HOH HOH A . 
D 3 HOH 9   177 645 HOH HOH A . 
D 3 HOH 10  178 668 HOH HOH A . 
D 3 HOH 11  179 706 HOH HOH A . 
# 
loop_
_pdbx_unobs_or_zero_occ_atoms.id 
_pdbx_unobs_or_zero_occ_atoms.PDB_model_num 
_pdbx_unobs_or_zero_occ_atoms.polymer_flag 
_pdbx_unobs_or_zero_occ_atoms.occupancy_flag 
_pdbx_unobs_or_zero_occ_atoms.auth_asym_id 
_pdbx_unobs_or_zero_occ_atoms.auth_comp_id 
_pdbx_unobs_or_zero_occ_atoms.auth_seq_id 
_pdbx_unobs_or_zero_occ_atoms.PDB_ins_code 
_pdbx_unobs_or_zero_occ_atoms.auth_atom_id 
_pdbx_unobs_or_zero_occ_atoms.label_alt_id 
_pdbx_unobs_or_zero_occ_atoms.label_asym_id 
_pdbx_unobs_or_zero_occ_atoms.label_comp_id 
_pdbx_unobs_or_zero_occ_atoms.label_seq_id 
_pdbx_unobs_or_zero_occ_atoms.label_atom_id 
1  1 Y 1 C ARG 181 ? CB  ? A ARG 172 CB  
2  1 Y 1 C ARG 181 ? CG  ? A ARG 172 CG  
3  1 Y 1 C ARG 181 ? CD  ? A ARG 172 CD  
4  1 Y 1 C ARG 181 ? NE  ? A ARG 172 NE  
5  1 Y 1 C ARG 181 ? CZ  ? A ARG 172 CZ  
6  1 Y 1 C ARG 181 ? NH1 ? A ARG 172 NH1 
7  1 Y 1 C ARG 181 ? NH2 ? A ARG 172 NH2 
8  1 Y 1 C ARG 182 ? CB  ? A ARG 173 CB  
9  1 Y 1 C ARG 182 ? CG  ? A ARG 173 CG  
10 1 Y 1 C ARG 182 ? CD  ? A ARG 173 CD  
11 1 Y 1 C ARG 182 ? NE  ? A ARG 173 NE  
12 1 Y 1 C ARG 182 ? CZ  ? A ARG 173 CZ  
13 1 Y 1 C ARG 182 ? NH1 ? A ARG 173 NH1 
14 1 Y 1 C ARG 182 ? NH2 ? A ARG 173 NH2 
# 
loop_
_software.name 
_software.version 
_software.date 
_software.type 
_software.contact_author 
_software.contact_author_email 
_software.classification 
_software.location 
_software.language 
_software.citation_id 
_software.pdbx_ordinal 
DENZO       .                 ?              package 'Zbyszek Otwinowski' zbyszek@mix.swmed.edu    'data reduction'  
http://www.lnls.br/infra/linhasluz/denzo-hkl.htm ?          ? 1 
SCALEPACK   .                 ?              package 'Zbyszek Otwinowski' zbyszek@mix.swmed.edu    'data scaling'    
http://www.lnls.br/infra/linhasluz/denzo-hkl.htm ?          ? 2 
CNS         .                 ?              package 'Axel T. Brunger'    axel.brunger@yale.edu    refinement        
http://cns.csb.yale.edu/v1.1/                    Fortran_77 ? 3 
PDB_EXTRACT 3.000             'July 2, 2007' package PDB                  sw-help@rcsb.rutgers.edu 'data extraction' 
http://pdb.rutgers.edu/software/                 C++        ? 4 
SERGUI      'Control Program' ?              ?       ?                    ?                        'data collection' ? ?          
? 5 
CNS         .                 ?              ?       ?                    ?                        phasing           ? ?          
? 6 
# 
_cell.entry_id           2QOS 
_cell.length_a           59.942 
_cell.length_b           85.251 
_cell.length_c           41.899 
_cell.angle_alpha        90.00 
_cell.angle_beta         90.00 
_cell.angle_gamma        90.00 
_cell.Z_PDB              4 
_cell.pdbx_unique_axis   ? 
_cell.length_a_esd       ? 
_cell.length_b_esd       ? 
_cell.length_c_esd       ? 
_cell.angle_alpha_esd    ? 
_cell.angle_beta_esd     ? 
_cell.angle_gamma_esd    ? 
# 
_symmetry.entry_id                         2QOS 
_symmetry.space_group_name_H-M             'P 21 21 2' 
_symmetry.pdbx_full_space_group_name_H-M   ? 
_symmetry.cell_setting                     ? 
_symmetry.Int_Tables_number                18 
_symmetry.space_group_name_Hall            ? 
# 
_exptl.crystals_number   1 
_exptl.entry_id          2QOS 
_exptl.method            'X-RAY DIFFRACTION' 
# 
_exptl_crystal.id                    1 
_exptl_crystal.density_Matthews      2.63 
_exptl_crystal.density_meas          ? 
_exptl_crystal.density_percent_sol   53.21 
_exptl_crystal.description           ? 
_exptl_crystal.F_000                 ? 
_exptl_crystal.preparation           ? 
# 
_exptl_crystal_grow.crystal_id      1 
_exptl_crystal_grow.method          'VAPOR DIFFUSION, HANGING DROP' 
_exptl_crystal_grow.pH              8.0 
_exptl_crystal_grow.temp            298 
_exptl_crystal_grow.temp_details    ? 
_exptl_crystal_grow.pdbx_details    '26-28% PEG6K, 0.1M Tris pH 8.0, VAPOR DIFFUSION, HANGING DROP, temperature 298K' 
_exptl_crystal_grow.pdbx_pH_range   . 
# 
_diffrn.id                     1 
_diffrn.ambient_temp           100 
_diffrn.ambient_temp_details   ? 
_diffrn.crystal_id             1 
# 
_diffrn_detector.diffrn_id              1 
_diffrn_detector.detector               CCD 
_diffrn_detector.type                   'MARMOSAIC 300 mm CCD' 
_diffrn_detector.pdbx_collection_date   2005-02-19 
_diffrn_detector.details                ? 
# 
_diffrn_radiation.diffrn_id                        1 
_diffrn_radiation.wavelength_id                    1 
_diffrn_radiation.pdbx_diffrn_protocol             'SINGLE WAVELENGTH' 
_diffrn_radiation.monochromator                    ? 
_diffrn_radiation.pdbx_monochromatic_or_laue_m_l   M 
_diffrn_radiation.pdbx_scattering_type             x-ray 
# 
_diffrn_radiation_wavelength.id           1 
_diffrn_radiation_wavelength.wavelength   0.97531 
_diffrn_radiation_wavelength.wt           1.0 
# 
_diffrn_source.diffrn_id                   1 
_diffrn_source.source                      SYNCHROTRON 
_diffrn_source.type                        'APS BEAMLINE 22-ID' 
_diffrn_source.pdbx_wavelength             ? 
_diffrn_source.pdbx_wavelength_list        0.97531 
_diffrn_source.pdbx_synchrotron_site       APS 
_diffrn_source.pdbx_synchrotron_beamline   22-ID 
# 
_reflns.entry_id                     2QOS 
_reflns.d_resolution_high            1.810 
_reflns.d_resolution_low             50.000 
_reflns.number_obs                   19234 
_reflns.pdbx_Rmerge_I_obs            0.063 
_reflns.pdbx_netI_over_sigmaI        16.200 
_reflns.pdbx_chi_squared             1.678 
_reflns.pdbx_redundancy              6.300 
_reflns.percent_possible_obs         94.400 
_reflns.observed_criterion_sigma_F   0 
_reflns.observed_criterion_sigma_I   2 
_reflns.number_all                   20571 
_reflns.pdbx_Rsym_value              0.051 
_reflns.B_iso_Wilson_estimate        5.9 
_reflns.R_free_details               ? 
_reflns.limit_h_max                  ? 
_reflns.limit_h_min                  ? 
_reflns.limit_k_max                  ? 
_reflns.limit_k_min                  ? 
_reflns.limit_l_max                  ? 
_reflns.limit_l_min                  ? 
_reflns.observed_criterion_F_max     ? 
_reflns.observed_criterion_F_min     ? 
_reflns.pdbx_scaling_rejects         ? 
_reflns.pdbx_diffrn_id               1 
_reflns.pdbx_ordinal                 1 
# 
_reflns_shell.d_res_high             1.81 
_reflns_shell.d_res_low              1.87 
_reflns_shell.number_measured_obs    ? 
_reflns_shell.number_measured_all    ? 
_reflns_shell.number_unique_obs      ? 
_reflns_shell.Rmerge_I_obs           0.277 
_reflns_shell.meanI_over_sigI_obs    5.2 
_reflns_shell.pdbx_Rsym_value        ? 
_reflns_shell.pdbx_chi_squared       1.150 
_reflns_shell.pdbx_redundancy        4.30 
_reflns_shell.percent_possible_obs   ? 
_reflns_shell.number_unique_all      1454 
_reflns_shell.percent_possible_all   73.10 
_reflns_shell.pdbx_diffrn_id         ? 
_reflns_shell.pdbx_ordinal           1 
# 
_refine.entry_id                                 2QOS 
_refine.ls_d_res_high                            1.81 
_refine.ls_d_res_low                             37.60 
_refine.pdbx_ls_sigma_F                          0.00 
_refine.ls_percent_reflns_obs                    91.000 
_refine.ls_number_reflns_obs                     18729 
_refine.ls_R_factor_R_work                       0.204 
_refine.ls_R_factor_R_free                       0.244 
_refine.ls_percent_reflns_R_free                 2.700 
_refine.ls_number_reflns_R_free                  558 
_refine.B_iso_mean                               26.107 
_refine.solvent_model_param_bsol                 64.701 
_refine.aniso_B[1][1]                            6.426 
_refine.aniso_B[2][2]                            -10.808 
_refine.aniso_B[3][3]                            4.382 
_refine.aniso_B[1][2]                            0.000 
_refine.aniso_B[1][3]                            0.000 
_refine.aniso_B[2][3]                            0.000 
_refine.pdbx_method_to_determine_struct          ? 
_refine.pdbx_ls_sigma_I                          ? 
_refine.ls_number_reflns_all                     19053 
_refine.ls_R_factor_all                          ? 
_refine.ls_R_factor_obs                          ? 
_refine.ls_redundancy_reflns_obs                 ? 
_refine.pdbx_data_cutoff_high_absF               ? 
_refine.pdbx_data_cutoff_low_absF                ? 
_refine.ls_number_parameters                     ? 
_refine.ls_number_restraints                     ? 
_refine.ls_R_factor_R_free_error                 ? 
_refine.ls_R_factor_R_free_error_details         ? 
_refine.pdbx_starting_model                      2OVE 
_refine.pdbx_ls_cross_valid_method               THROUGHOUT 
_refine.pdbx_R_Free_selection_details            random 
_refine.pdbx_stereochem_target_val_spec_case     ? 
_refine.pdbx_stereochemistry_target_values       'Engh & Huber' 
_refine.solvent_model_details                    ? 
_refine.solvent_model_param_ksol                 ? 
_refine.occupancy_max                            ? 
_refine.occupancy_min                            ? 
_refine.pdbx_isotropic_thermal_model             ? 
_refine.details                                  ? 
_refine.B_iso_min                                ? 
_refine.B_iso_max                                ? 
_refine.correlation_coeff_Fo_to_Fc               ? 
_refine.correlation_coeff_Fo_to_Fc_free          ? 
_refine.pdbx_solvent_vdw_probe_radii             ? 
_refine.pdbx_solvent_ion_probe_radii             ? 
_refine.pdbx_solvent_shrinkage_radii             ? 
_refine.overall_SU_R_Cruickshank_DPI             ? 
_refine.overall_SU_R_free                        ? 
_refine.overall_SU_ML                            ? 
_refine.overall_SU_B                             ? 
_refine.pdbx_overall_ESU_R_Free                  ? 
_refine.pdbx_data_cutoff_high_rms_absF           ? 
_refine.pdbx_overall_ESU_R                       ? 
_refine.ls_wR_factor_R_free                      ? 
_refine.ls_wR_factor_R_work                      ? 
_refine.overall_FOM_free_R_set                   ? 
_refine.overall_FOM_work_R_set                   ? 
_refine.pdbx_refine_id                           'X-RAY DIFFRACTION' 
_refine.pdbx_diffrn_id                           1 
_refine.pdbx_TLS_residual_ADP_flag               ? 
_refine.pdbx_overall_phase_error                 ? 
_refine.pdbx_overall_SU_R_free_Cruickshank_DPI   ? 
_refine.pdbx_overall_SU_R_Blow_DPI               ? 
_refine.pdbx_overall_SU_R_free_Blow_DPI          ? 
# 
_refine_hist.pdbx_refine_id                   'X-RAY DIFFRACTION' 
_refine_hist.cycle_id                         LAST 
_refine_hist.pdbx_number_atoms_protein        1437 
_refine_hist.pdbx_number_atoms_nucleic_acid   0 
_refine_hist.pdbx_number_atoms_ligand         0 
_refine_hist.number_atoms_solvent             164 
_refine_hist.number_atoms_total               1601 
_refine_hist.d_res_high                       1.81 
_refine_hist.d_res_low                        37.60 
# 
loop_
_refine_ls_restr.type 
_refine_ls_restr.number 
_refine_ls_restr.dev_ideal 
_refine_ls_restr.dev_ideal_target 
_refine_ls_restr.weight 
_refine_ls_restr.pdbx_refine_id 
_refine_ls_restr.pdbx_restraint_function 
c_bond_d     ? 0.005 ?     ? 'X-RAY DIFFRACTION' ? 
c_angle_d    ? 1.168 ?     ? 'X-RAY DIFFRACTION' ? 
c_mcbond_it  ? 2.126 2.500 ? 'X-RAY DIFFRACTION' ? 
c_scbond_it  ? 3.104 3.000 ? 'X-RAY DIFFRACTION' ? 
c_mcangle_it ? 3.070 3.000 ? 'X-RAY DIFFRACTION' ? 
c_scangle_it ? 4.626 3.500 ? 'X-RAY DIFFRACTION' ? 
# 
loop_
_pdbx_xplor_file.serial_no 
_pdbx_xplor_file.param_file 
_pdbx_xplor_file.topol_file 
_pdbx_xplor_file.pdbx_refine_id 
1 CNS_TOPPAR:protein_rep.param CNS_TOPPAR:protein.top 'X-RAY DIFFRACTION' 
2 CNS_TOPPAR:dna-rna_rep.param CNS_TOPPAR:dna-rna.top 'X-RAY DIFFRACTION' 
3 CNS_TOPPAR:water_rep.param   CNS_TOPPAR:water.top   'X-RAY DIFFRACTION' 
4 CNS_TOPPAR:ion.param         CNS_TOPPAR:ion.top     'X-RAY DIFFRACTION' 
# 
_struct.entry_id                  2QOS 
_struct.title                     
'Crystal structure of complement protein C8 in complex with a peptide containing the C8 binding site on C8' 
_struct.pdbx_model_details        ? 
_struct.pdbx_CASP_flag            ? 
_struct.pdbx_model_type_details   ? 
# 
_struct_keywords.entry_id        2QOS 
_struct_keywords.pdbx_keywords   'IMMUNE SYSTEM' 
_struct_keywords.text            
;Beta barrel, lipocalin, Cleavage on pair of basic residues, Complement alternate pathway, Complement pathway, Cytolysis, EGF-like domain, Glycoprotein, Immune response, Innate immunity, Membrane attack complex, Polymorphism, Secreted, IMMUNE SYSTEM
;
# 
loop_
_struct_asym.id 
_struct_asym.pdbx_blank_PDB_chainid_flag 
_struct_asym.pdbx_modified 
_struct_asym.entity_id 
_struct_asym.details 
A N N 1 ? 
B N N 2 ? 
C N N 3 ? 
D N N 3 ? 
# 
loop_
_struct_ref.id 
_struct_ref.db_name 
_struct_ref.db_code 
_struct_ref.pdbx_db_accession 
_struct_ref.entity_id 
_struct_ref.pdbx_seq_one_letter_code 
_struct_ref.pdbx_align_begin 
_struct_ref.pdbx_db_isoform 
1 UNP Q14CU0_HUMAN Q14CU0 1 
;ASPISTIQPKANFDAQQFAGTWLLVAVGSACRFLQEQGHRAEATTLHVAPQGTAMAVSTFRKLDGICWQVRQLYGDTGVL
GRFLLQARGARGAVHVVVAETDYQSFAVLYLERAGQLSVKLYARSLPVSDSVLSGFEQRVQEAHLTEDQIFYFPKYGFCE
AADQFHVLDEV
;
30  ? 
2 UNP CO8A_HUMAN   P07357 2 LRYDSTCERLY 188 ? 
# 
loop_
_struct_ref_seq.align_id 
_struct_ref_seq.ref_id 
_struct_ref_seq.pdbx_PDB_id_code 
_struct_ref_seq.pdbx_strand_id 
_struct_ref_seq.seq_align_beg 
_struct_ref_seq.pdbx_seq_align_beg_ins_code 
_struct_ref_seq.seq_align_end 
_struct_ref_seq.pdbx_seq_align_end_ins_code 
_struct_ref_seq.pdbx_db_accession 
_struct_ref_seq.db_align_beg 
_struct_ref_seq.pdbx_db_align_beg_ins_code 
_struct_ref_seq.db_align_end 
_struct_ref_seq.pdbx_db_align_end_ins_code 
_struct_ref_seq.pdbx_auth_seq_align_beg 
_struct_ref_seq.pdbx_auth_seq_align_end 
1 1 2QOS C 1 ? 173 ? Q14CU0 30  ? 202 ? 10  182 
2 2 2QOS A 1 ? 11  ? P07357 188 ? 198 ? 158 168 
# 
loop_
_struct_ref_seq_dif.align_id 
_struct_ref_seq_dif.pdbx_pdb_id_code 
_struct_ref_seq_dif.mon_id 
_struct_ref_seq_dif.pdbx_pdb_strand_id 
_struct_ref_seq_dif.seq_num 
_struct_ref_seq_dif.pdbx_pdb_ins_code 
_struct_ref_seq_dif.pdbx_seq_db_name 
_struct_ref_seq_dif.pdbx_seq_db_accession_code 
_struct_ref_seq_dif.db_mon_id 
_struct_ref_seq_dif.pdbx_seq_db_seq_num 
_struct_ref_seq_dif.details 
_struct_ref_seq_dif.pdbx_auth_seq_num 
_struct_ref_seq_dif.pdbx_ordinal 
1 2QOS ALA C 31 ? UNP Q14CU0 CYS 60  'engineered mutation' 40  1 
2 2QOS ALA A 7  ? UNP P07357 CYS 194 'engineered mutation' 164 2 
# 
_pdbx_struct_assembly.id                   1 
_pdbx_struct_assembly.details              author_and_software_defined_assembly 
_pdbx_struct_assembly.method_details       PISA 
_pdbx_struct_assembly.oligomeric_details   dimeric 
_pdbx_struct_assembly.oligomeric_count     2 
# 
_pdbx_struct_assembly_prop.biol_id   1 
_pdbx_struct_assembly_prop.type      'ABSA (A^2)' 
_pdbx_struct_assembly_prop.value     1480 
_pdbx_struct_assembly_prop.details   ? 
# 
_pdbx_struct_assembly_gen.assembly_id       1 
_pdbx_struct_assembly_gen.oper_expression   1 
_pdbx_struct_assembly_gen.asym_id_list      A,B,C,D 
# 
_pdbx_struct_oper_list.id                   1 
_pdbx_struct_oper_list.type                 'identity operation' 
_pdbx_struct_oper_list.name                 1_555 
_pdbx_struct_oper_list.symmetry_operation   x,y,z 
_pdbx_struct_oper_list.matrix[1][1]         1.0000000000 
_pdbx_struct_oper_list.matrix[1][2]         0.0000000000 
_pdbx_struct_oper_list.matrix[1][3]         0.0000000000 
_pdbx_struct_oper_list.vector[1]            0.0000000000 
_pdbx_struct_oper_list.matrix[2][1]         0.0000000000 
_pdbx_struct_oper_list.matrix[2][2]         1.0000000000 
_pdbx_struct_oper_list.matrix[2][3]         0.0000000000 
_pdbx_struct_oper_list.vector[2]            0.0000000000 
_pdbx_struct_oper_list.matrix[3][1]         0.0000000000 
_pdbx_struct_oper_list.matrix[3][2]         0.0000000000 
_pdbx_struct_oper_list.matrix[3][3]         1.0000000000 
_pdbx_struct_oper_list.vector[3]            0.0000000000 
# 
_struct_biol.id        1 
_struct_biol.details   ? 
# 
loop_
_struct_conf.conf_type_id 
_struct_conf.id 
_struct_conf.pdbx_PDB_helix_id 
_struct_conf.beg_label_comp_id 
_struct_conf.beg_label_asym_id 
_struct_conf.beg_label_seq_id 
_struct_conf.pdbx_beg_PDB_ins_code 
_struct_conf.end_label_comp_id 
_struct_conf.end_label_asym_id 
_struct_conf.end_label_seq_id 
_struct_conf.pdbx_end_PDB_ins_code 
_struct_conf.beg_auth_comp_id 
_struct_conf.beg_auth_asym_id 
_struct_conf.beg_auth_seq_id 
_struct_conf.end_auth_comp_id 
_struct_conf.end_auth_asym_id 
_struct_conf.end_auth_seq_id 
_struct_conf.pdbx_PDB_helix_class 
_struct_conf.details 
_struct_conf.pdbx_PDB_helix_length 
HELX_P HELX_P1 1 SER A 2   ? ILE A 7   ? SER C 11  ILE C 16  5 ? 6  
HELX_P HELX_P2 2 ASP A 14  ? ALA A 19  ? ASP C 23  ALA C 28  1 ? 6  
HELX_P HELX_P3 3 ALA A 31  ? GLY A 38  ? ALA C 40  GLY C 47  1 ? 8  
HELX_P HELX_P4 4 HIS A 39  ? ALA A 41  ? HIS C 48  ALA C 50  5 ? 3  
HELX_P HELX_P5 5 SER A 129 ? ALA A 143 ? SER C 138 ALA C 152 1 ? 15 
HELX_P HELX_P6 6 THR A 146 ? ASP A 148 ? THR C 155 ASP C 157 5 ? 3  
HELX_P HELX_P7 7 ASP A 163 ? PHE A 165 ? ASP C 172 PHE C 174 5 ? 3  
# 
_struct_conf_type.id          HELX_P 
_struct_conf_type.criteria    ? 
_struct_conf_type.reference   ? 
# 
_struct_conn.id                            disulf1 
_struct_conn.conn_type_id                  disulf 
_struct_conn.pdbx_leaving_atom_flag        ? 
_struct_conn.pdbx_PDB_id                   ? 
_struct_conn.ptnr1_label_asym_id           A 
_struct_conn.ptnr1_label_comp_id           CYS 
_struct_conn.ptnr1_label_seq_id            67 
_struct_conn.ptnr1_label_atom_id           SG 
_struct_conn.pdbx_ptnr1_label_alt_id       ? 
_struct_conn.pdbx_ptnr1_PDB_ins_code       ? 
_struct_conn.pdbx_ptnr1_standard_comp_id   ? 
_struct_conn.ptnr1_symmetry                1_555 
_struct_conn.ptnr2_label_asym_id           A 
_struct_conn.ptnr2_label_comp_id           CYS 
_struct_conn.ptnr2_label_seq_id            159 
_struct_conn.ptnr2_label_atom_id           SG 
_struct_conn.pdbx_ptnr2_label_alt_id       ? 
_struct_conn.pdbx_ptnr2_PDB_ins_code       ? 
_struct_conn.ptnr1_auth_asym_id            C 
_struct_conn.ptnr1_auth_comp_id            CYS 
_struct_conn.ptnr1_auth_seq_id             76 
_struct_conn.ptnr2_auth_asym_id            C 
_struct_conn.ptnr2_auth_comp_id            CYS 
_struct_conn.ptnr2_auth_seq_id             168 
_struct_conn.ptnr2_symmetry                1_555 
_struct_conn.pdbx_ptnr3_label_atom_id      ? 
_struct_conn.pdbx_ptnr3_label_seq_id       ? 
_struct_conn.pdbx_ptnr3_label_comp_id      ? 
_struct_conn.pdbx_ptnr3_label_asym_id      ? 
_struct_conn.pdbx_ptnr3_label_alt_id       ? 
_struct_conn.pdbx_ptnr3_PDB_ins_code       ? 
_struct_conn.details                       ? 
_struct_conn.pdbx_dist_value               2.042 
_struct_conn.pdbx_value_order              ? 
_struct_conn.pdbx_role                     ? 
# 
_struct_conn_type.id          disulf 
_struct_conn_type.criteria    ? 
_struct_conn_type.reference   ? 
# 
_pdbx_modification_feature.ordinal                            1 
_pdbx_modification_feature.label_comp_id                      CYS 
_pdbx_modification_feature.label_asym_id                      A 
_pdbx_modification_feature.label_seq_id                       67 
_pdbx_modification_feature.label_alt_id                       ? 
_pdbx_modification_feature.modified_residue_label_comp_id     CYS 
_pdbx_modification_feature.modified_residue_label_asym_id     A 
_pdbx_modification_feature.modified_residue_label_seq_id      159 
_pdbx_modification_feature.modified_residue_label_alt_id      ? 
_pdbx_modification_feature.auth_comp_id                       CYS 
_pdbx_modification_feature.auth_asym_id                       C 
_pdbx_modification_feature.auth_seq_id                        76 
_pdbx_modification_feature.PDB_ins_code                       ? 
_pdbx_modification_feature.symmetry                           1_555 
_pdbx_modification_feature.modified_residue_auth_comp_id      CYS 
_pdbx_modification_feature.modified_residue_auth_asym_id      C 
_pdbx_modification_feature.modified_residue_auth_seq_id       168 
_pdbx_modification_feature.modified_residue_PDB_ins_code      ? 
_pdbx_modification_feature.modified_residue_symmetry          1_555 
_pdbx_modification_feature.comp_id_linking_atom               SG 
_pdbx_modification_feature.modified_residue_id_linking_atom   SG 
_pdbx_modification_feature.modified_residue_id                . 
_pdbx_modification_feature.ref_pcm_id                         . 
_pdbx_modification_feature.ref_comp_id                        . 
_pdbx_modification_feature.type                               None 
_pdbx_modification_feature.category                           'Disulfide bridge' 
# 
_struct_mon_prot_cis.pdbx_id                1 
_struct_mon_prot_cis.label_comp_id          LEU 
_struct_mon_prot_cis.label_seq_id           126 
_struct_mon_prot_cis.label_asym_id          A 
_struct_mon_prot_cis.label_alt_id           . 
_struct_mon_prot_cis.pdbx_PDB_ins_code      ? 
_struct_mon_prot_cis.auth_comp_id           LEU 
_struct_mon_prot_cis.auth_seq_id            135 
_struct_mon_prot_cis.auth_asym_id           C 
_struct_mon_prot_cis.pdbx_label_comp_id_2   PRO 
_struct_mon_prot_cis.pdbx_label_seq_id_2    127 
_struct_mon_prot_cis.pdbx_label_asym_id_2   A 
_struct_mon_prot_cis.pdbx_PDB_ins_code_2    ? 
_struct_mon_prot_cis.pdbx_auth_comp_id_2    PRO 
_struct_mon_prot_cis.pdbx_auth_seq_id_2     136 
_struct_mon_prot_cis.pdbx_auth_asym_id_2    C 
_struct_mon_prot_cis.pdbx_PDB_model_num     1 
_struct_mon_prot_cis.pdbx_omega_angle       0.34 
# 
loop_
_struct_sheet.id 
_struct_sheet.type 
_struct_sheet.number_strands 
_struct_sheet.details 
A ? 6 ? 
B ? 8 ? 
C ? 2 ? 
# 
loop_
_struct_sheet_order.sheet_id 
_struct_sheet_order.range_id_1 
_struct_sheet_order.range_id_2 
_struct_sheet_order.offset 
_struct_sheet_order.sense 
A 1 2 ? anti-parallel 
A 2 3 ? anti-parallel 
A 3 4 ? anti-parallel 
A 4 5 ? anti-parallel 
A 5 6 ? parallel      
B 1 2 ? anti-parallel 
B 2 3 ? anti-parallel 
B 3 4 ? anti-parallel 
B 4 5 ? anti-parallel 
B 5 6 ? anti-parallel 
B 6 7 ? anti-parallel 
B 7 8 ? parallel      
C 1 2 ? anti-parallel 
# 
loop_
_struct_sheet_range.sheet_id 
_struct_sheet_range.id 
_struct_sheet_range.beg_label_comp_id 
_struct_sheet_range.beg_label_asym_id 
_struct_sheet_range.beg_label_seq_id 
_struct_sheet_range.pdbx_beg_PDB_ins_code 
_struct_sheet_range.end_label_comp_id 
_struct_sheet_range.end_label_asym_id 
_struct_sheet_range.end_label_seq_id 
_struct_sheet_range.pdbx_end_PDB_ins_code 
_struct_sheet_range.beg_auth_comp_id 
_struct_sheet_range.beg_auth_asym_id 
_struct_sheet_range.beg_auth_seq_id 
_struct_sheet_range.end_auth_comp_id 
_struct_sheet_range.end_auth_asym_id 
_struct_sheet_range.end_auth_seq_id 
A 1 ILE A 150 ? TYR A 152 ? ILE C 159 TYR C 161 
A 2 GLY A 20  ? GLY A 28  ? GLY C 29  GLY C 37  
A 3 THR A 45  ? GLN A 51  ? THR C 54  GLN C 60  
A 4 ALA A 54  ? LEU A 63  ? ALA C 63  LEU C 72  
A 5 ILE A 66  ? ASP A 76  ? ILE C 75  ASP C 85  
A 6 VAL A 167 ? ASP A 169 ? VAL C 176 ASP C 178 
B 1 ILE A 150 ? TYR A 152 ? ILE C 159 TYR C 161 
B 2 GLY A 20  ? GLY A 28  ? GLY C 29  GLY C 37  
B 3 GLN A 116 ? ALA A 123 ? GLN C 125 ALA C 132 
B 4 PHE A 106 ? ARG A 113 ? PHE C 115 ARG C 122 
B 5 VAL A 94  ? THR A 101 ? VAL C 103 THR C 110 
B 6 ARG A 82  ? LEU A 85  ? ARG C 91  LEU C 94  
B 7 ILE A 66  ? ASP A 76  ? ILE C 75  ASP C 85  
B 8 VAL A 167 ? ASP A 169 ? VAL C 176 ASP C 178 
C 1 ARG B 2   ? ASP B 4   ? ARG A 159 ASP A 161 
C 2 ARG B 9   ? TYR B 11  ? ARG A 166 TYR A 168 
# 
loop_
_pdbx_struct_sheet_hbond.sheet_id 
_pdbx_struct_sheet_hbond.range_id_1 
_pdbx_struct_sheet_hbond.range_id_2 
_pdbx_struct_sheet_hbond.range_1_label_atom_id 
_pdbx_struct_sheet_hbond.range_1_label_comp_id 
_pdbx_struct_sheet_hbond.range_1_label_asym_id 
_pdbx_struct_sheet_hbond.range_1_label_seq_id 
_pdbx_struct_sheet_hbond.range_1_PDB_ins_code 
_pdbx_struct_sheet_hbond.range_1_auth_atom_id 
_pdbx_struct_sheet_hbond.range_1_auth_comp_id 
_pdbx_struct_sheet_hbond.range_1_auth_asym_id 
_pdbx_struct_sheet_hbond.range_1_auth_seq_id 
_pdbx_struct_sheet_hbond.range_2_label_atom_id 
_pdbx_struct_sheet_hbond.range_2_label_comp_id 
_pdbx_struct_sheet_hbond.range_2_label_asym_id 
_pdbx_struct_sheet_hbond.range_2_label_seq_id 
_pdbx_struct_sheet_hbond.range_2_PDB_ins_code 
_pdbx_struct_sheet_hbond.range_2_auth_atom_id 
_pdbx_struct_sheet_hbond.range_2_auth_comp_id 
_pdbx_struct_sheet_hbond.range_2_auth_asym_id 
_pdbx_struct_sheet_hbond.range_2_auth_seq_id 
A 1 2 O PHE A 151 ? O PHE C 160 N VAL A 27  ? N VAL C 36  
A 2 3 N TRP A 22  ? N TRP C 31  O LEU A 46  ? O LEU C 55  
A 3 4 N THR A 45  ? N THR C 54  O PHE A 60  ? O PHE C 69  
A 4 5 N MET A 55  ? N MET C 64  O TYR A 74  ? O TYR C 83  
A 5 6 N ARG A 71  ? N ARG C 80  O LEU A 168 ? O LEU C 177 
B 1 2 O PHE A 151 ? O PHE C 160 N VAL A 27  ? N VAL C 36  
B 2 3 N LEU A 23  ? N LEU C 32  O ALA A 123 ? O ALA C 132 
B 3 4 O LYS A 120 ? O LYS C 129 N LEU A 109 ? N LEU C 118 
B 4 5 O VAL A 108 ? O VAL C 117 N GLU A 100 ? N GLU C 109 
B 5 6 O VAL A 94  ? O VAL C 103 N LEU A 85  ? N LEU C 94  
B 6 7 O LEU A 84  ? O LEU C 93  N GLY A 75  ? N GLY C 84  
B 7 8 N ARG A 71  ? N ARG C 80  O LEU A 168 ? O LEU C 177 
C 1 2 N ARG B 2   ? N ARG A 159 O TYR B 11  ? O TYR A 168 
# 
_pdbx_entry_details.entry_id                   2QOS 
_pdbx_entry_details.compound_details           ? 
_pdbx_entry_details.source_details             ? 
_pdbx_entry_details.nonpolymer_details         ? 
_pdbx_entry_details.sequence_details           ? 
_pdbx_entry_details.has_ligand_of_interest     ? 
_pdbx_entry_details.has_protein_modification   Y 
# 
loop_
_pdbx_validate_torsion.id 
_pdbx_validate_torsion.PDB_model_num 
_pdbx_validate_torsion.auth_comp_id 
_pdbx_validate_torsion.auth_asym_id 
_pdbx_validate_torsion.auth_seq_id 
_pdbx_validate_torsion.PDB_ins_code 
_pdbx_validate_torsion.label_alt_id 
_pdbx_validate_torsion.phi 
_pdbx_validate_torsion.psi 
1 1 ALA C 108 ? ? -93.55  -115.49 
2 1 THR C 110 ? ? -174.90 146.03  
3 1 TYR C 112 ? ? 64.50   -23.60  
4 1 SER C 114 ? ? -136.32 -37.69  
# 
loop_
_chem_comp_atom.comp_id 
_chem_comp_atom.atom_id 
_chem_comp_atom.type_symbol 
_chem_comp_atom.pdbx_aromatic_flag 
_chem_comp_atom.pdbx_stereo_config 
_chem_comp_atom.pdbx_ordinal 
ALA N    N N N 1   
ALA CA   C N S 2   
ALA C    C N N 3   
ALA O    O N N 4   
ALA CB   C N N 5   
ALA OXT  O N N 6   
ALA H    H N N 7   
ALA H2   H N N 8   
ALA HA   H N N 9   
ALA HB1  H N N 10  
ALA HB2  H N N 11  
ALA HB3  H N N 12  
ALA HXT  H N N 13  
ARG N    N N N 14  
ARG CA   C N S 15  
ARG C    C N N 16  
ARG O    O N N 17  
ARG CB   C N N 18  
ARG CG   C N N 19  
ARG CD   C N N 20  
ARG NE   N N N 21  
ARG CZ   C N N 22  
ARG NH1  N N N 23  
ARG NH2  N N N 24  
ARG OXT  O N N 25  
ARG H    H N N 26  
ARG H2   H N N 27  
ARG HA   H N N 28  
ARG HB2  H N N 29  
ARG HB3  H N N 30  
ARG HG2  H N N 31  
ARG HG3  H N N 32  
ARG HD2  H N N 33  
ARG HD3  H N N 34  
ARG HE   H N N 35  
ARG HH11 H N N 36  
ARG HH12 H N N 37  
ARG HH21 H N N 38  
ARG HH22 H N N 39  
ARG HXT  H N N 40  
ASN N    N N N 41  
ASN CA   C N S 42  
ASN C    C N N 43  
ASN O    O N N 44  
ASN CB   C N N 45  
ASN CG   C N N 46  
ASN OD1  O N N 47  
ASN ND2  N N N 48  
ASN OXT  O N N 49  
ASN H    H N N 50  
ASN H2   H N N 51  
ASN HA   H N N 52  
ASN HB2  H N N 53  
ASN HB3  H N N 54  
ASN HD21 H N N 55  
ASN HD22 H N N 56  
ASN HXT  H N N 57  
ASP N    N N N 58  
ASP CA   C N S 59  
ASP C    C N N 60  
ASP O    O N N 61  
ASP CB   C N N 62  
ASP CG   C N N 63  
ASP OD1  O N N 64  
ASP OD2  O N N 65  
ASP OXT  O N N 66  
ASP H    H N N 67  
ASP H2   H N N 68  
ASP HA   H N N 69  
ASP HB2  H N N 70  
ASP HB3  H N N 71  
ASP HD2  H N N 72  
ASP HXT  H N N 73  
CYS N    N N N 74  
CYS CA   C N R 75  
CYS C    C N N 76  
CYS O    O N N 77  
CYS CB   C N N 78  
CYS SG   S N N 79  
CYS OXT  O N N 80  
CYS H    H N N 81  
CYS H2   H N N 82  
CYS HA   H N N 83  
CYS HB2  H N N 84  
CYS HB3  H N N 85  
CYS HG   H N N 86  
CYS HXT  H N N 87  
GLN N    N N N 88  
GLN CA   C N S 89  
GLN C    C N N 90  
GLN O    O N N 91  
GLN CB   C N N 92  
GLN CG   C N N 93  
GLN CD   C N N 94  
GLN OE1  O N N 95  
GLN NE2  N N N 96  
GLN OXT  O N N 97  
GLN H    H N N 98  
GLN H2   H N N 99  
GLN HA   H N N 100 
GLN HB2  H N N 101 
GLN HB3  H N N 102 
GLN HG2  H N N 103 
GLN HG3  H N N 104 
GLN HE21 H N N 105 
GLN HE22 H N N 106 
GLN HXT  H N N 107 
GLU N    N N N 108 
GLU CA   C N S 109 
GLU C    C N N 110 
GLU O    O N N 111 
GLU CB   C N N 112 
GLU CG   C N N 113 
GLU CD   C N N 114 
GLU OE1  O N N 115 
GLU OE2  O N N 116 
GLU OXT  O N N 117 
GLU H    H N N 118 
GLU H2   H N N 119 
GLU HA   H N N 120 
GLU HB2  H N N 121 
GLU HB3  H N N 122 
GLU HG2  H N N 123 
GLU HG3  H N N 124 
GLU HE2  H N N 125 
GLU HXT  H N N 126 
GLY N    N N N 127 
GLY CA   C N N 128 
GLY C    C N N 129 
GLY O    O N N 130 
GLY OXT  O N N 131 
GLY H    H N N 132 
GLY H2   H N N 133 
GLY HA2  H N N 134 
GLY HA3  H N N 135 
GLY HXT  H N N 136 
HIS N    N N N 137 
HIS CA   C N S 138 
HIS C    C N N 139 
HIS O    O N N 140 
HIS CB   C N N 141 
HIS CG   C Y N 142 
HIS ND1  N Y N 143 
HIS CD2  C Y N 144 
HIS CE1  C Y N 145 
HIS NE2  N Y N 146 
HIS OXT  O N N 147 
HIS H    H N N 148 
HIS H2   H N N 149 
HIS HA   H N N 150 
HIS HB2  H N N 151 
HIS HB3  H N N 152 
HIS HD1  H N N 153 
HIS HD2  H N N 154 
HIS HE1  H N N 155 
HIS HE2  H N N 156 
HIS HXT  H N N 157 
HOH O    O N N 158 
HOH H1   H N N 159 
HOH H2   H N N 160 
ILE N    N N N 161 
ILE CA   C N S 162 
ILE C    C N N 163 
ILE O    O N N 164 
ILE CB   C N S 165 
ILE CG1  C N N 166 
ILE CG2  C N N 167 
ILE CD1  C N N 168 
ILE OXT  O N N 169 
ILE H    H N N 170 
ILE H2   H N N 171 
ILE HA   H N N 172 
ILE HB   H N N 173 
ILE HG12 H N N 174 
ILE HG13 H N N 175 
ILE HG21 H N N 176 
ILE HG22 H N N 177 
ILE HG23 H N N 178 
ILE HD11 H N N 179 
ILE HD12 H N N 180 
ILE HD13 H N N 181 
ILE HXT  H N N 182 
LEU N    N N N 183 
LEU CA   C N S 184 
LEU C    C N N 185 
LEU O    O N N 186 
LEU CB   C N N 187 
LEU CG   C N N 188 
LEU CD1  C N N 189 
LEU CD2  C N N 190 
LEU OXT  O N N 191 
LEU H    H N N 192 
LEU H2   H N N 193 
LEU HA   H N N 194 
LEU HB2  H N N 195 
LEU HB3  H N N 196 
LEU HG   H N N 197 
LEU HD11 H N N 198 
LEU HD12 H N N 199 
LEU HD13 H N N 200 
LEU HD21 H N N 201 
LEU HD22 H N N 202 
LEU HD23 H N N 203 
LEU HXT  H N N 204 
LYS N    N N N 205 
LYS CA   C N S 206 
LYS C    C N N 207 
LYS O    O N N 208 
LYS CB   C N N 209 
LYS CG   C N N 210 
LYS CD   C N N 211 
LYS CE   C N N 212 
LYS NZ   N N N 213 
LYS OXT  O N N 214 
LYS H    H N N 215 
LYS H2   H N N 216 
LYS HA   H N N 217 
LYS HB2  H N N 218 
LYS HB3  H N N 219 
LYS HG2  H N N 220 
LYS HG3  H N N 221 
LYS HD2  H N N 222 
LYS HD3  H N N 223 
LYS HE2  H N N 224 
LYS HE3  H N N 225 
LYS HZ1  H N N 226 
LYS HZ2  H N N 227 
LYS HZ3  H N N 228 
LYS HXT  H N N 229 
MET N    N N N 230 
MET CA   C N S 231 
MET C    C N N 232 
MET O    O N N 233 
MET CB   C N N 234 
MET CG   C N N 235 
MET SD   S N N 236 
MET CE   C N N 237 
MET OXT  O N N 238 
MET H    H N N 239 
MET H2   H N N 240 
MET HA   H N N 241 
MET HB2  H N N 242 
MET HB3  H N N 243 
MET HG2  H N N 244 
MET HG3  H N N 245 
MET HE1  H N N 246 
MET HE2  H N N 247 
MET HE3  H N N 248 
MET HXT  H N N 249 
PHE N    N N N 250 
PHE CA   C N S 251 
PHE C    C N N 252 
PHE O    O N N 253 
PHE CB   C N N 254 
PHE CG   C Y N 255 
PHE CD1  C Y N 256 
PHE CD2  C Y N 257 
PHE CE1  C Y N 258 
PHE CE2  C Y N 259 
PHE CZ   C Y N 260 
PHE OXT  O N N 261 
PHE H    H N N 262 
PHE H2   H N N 263 
PHE HA   H N N 264 
PHE HB2  H N N 265 
PHE HB3  H N N 266 
PHE HD1  H N N 267 
PHE HD2  H N N 268 
PHE HE1  H N N 269 
PHE HE2  H N N 270 
PHE HZ   H N N 271 
PHE HXT  H N N 272 
PRO N    N N N 273 
PRO CA   C N S 274 
PRO C    C N N 275 
PRO O    O N N 276 
PRO CB   C N N 277 
PRO CG   C N N 278 
PRO CD   C N N 279 
PRO OXT  O N N 280 
PRO H    H N N 281 
PRO HA   H N N 282 
PRO HB2  H N N 283 
PRO HB3  H N N 284 
PRO HG2  H N N 285 
PRO HG3  H N N 286 
PRO HD2  H N N 287 
PRO HD3  H N N 288 
PRO HXT  H N N 289 
SER N    N N N 290 
SER CA   C N S 291 
SER C    C N N 292 
SER O    O N N 293 
SER CB   C N N 294 
SER OG   O N N 295 
SER OXT  O N N 296 
SER H    H N N 297 
SER H2   H N N 298 
SER HA   H N N 299 
SER HB2  H N N 300 
SER HB3  H N N 301 
SER HG   H N N 302 
SER HXT  H N N 303 
THR N    N N N 304 
THR CA   C N S 305 
THR C    C N N 306 
THR O    O N N 307 
THR CB   C N R 308 
THR OG1  O N N 309 
THR CG2  C N N 310 
THR OXT  O N N 311 
THR H    H N N 312 
THR H2   H N N 313 
THR HA   H N N 314 
THR HB   H N N 315 
THR HG1  H N N 316 
THR HG21 H N N 317 
THR HG22 H N N 318 
THR HG23 H N N 319 
THR HXT  H N N 320 
TRP N    N N N 321 
TRP CA   C N S 322 
TRP C    C N N 323 
TRP O    O N N 324 
TRP CB   C N N 325 
TRP CG   C Y N 326 
TRP CD1  C Y N 327 
TRP CD2  C Y N 328 
TRP NE1  N Y N 329 
TRP CE2  C Y N 330 
TRP CE3  C Y N 331 
TRP CZ2  C Y N 332 
TRP CZ3  C Y N 333 
TRP CH2  C Y N 334 
TRP OXT  O N N 335 
TRP H    H N N 336 
TRP H2   H N N 337 
TRP HA   H N N 338 
TRP HB2  H N N 339 
TRP HB3  H N N 340 
TRP HD1  H N N 341 
TRP HE1  H N N 342 
TRP HE3  H N N 343 
TRP HZ2  H N N 344 
TRP HZ3  H N N 345 
TRP HH2  H N N 346 
TRP HXT  H N N 347 
TYR N    N N N 348 
TYR CA   C N S 349 
TYR C    C N N 350 
TYR O    O N N 351 
TYR CB   C N N 352 
TYR CG   C Y N 353 
TYR CD1  C Y N 354 
TYR CD2  C Y N 355 
TYR CE1  C Y N 356 
TYR CE2  C Y N 357 
TYR CZ   C Y N 358 
TYR OH   O N N 359 
TYR OXT  O N N 360 
TYR H    H N N 361 
TYR H2   H N N 362 
TYR HA   H N N 363 
TYR HB2  H N N 364 
TYR HB3  H N N 365 
TYR HD1  H N N 366 
TYR HD2  H N N 367 
TYR HE1  H N N 368 
TYR HE2  H N N 369 
TYR HH   H N N 370 
TYR HXT  H N N 371 
VAL N    N N N 372 
VAL CA   C N S 373 
VAL C    C N N 374 
VAL O    O N N 375 
VAL CB   C N N 376 
VAL CG1  C N N 377 
VAL CG2  C N N 378 
VAL OXT  O N N 379 
VAL H    H N N 380 
VAL H2   H N N 381 
VAL HA   H N N 382 
VAL HB   H N N 383 
VAL HG11 H N N 384 
VAL HG12 H N N 385 
VAL HG13 H N N 386 
VAL HG21 H N N 387 
VAL HG22 H N N 388 
VAL HG23 H N N 389 
VAL HXT  H N N 390 
# 
loop_
_chem_comp_bond.comp_id 
_chem_comp_bond.atom_id_1 
_chem_comp_bond.atom_id_2 
_chem_comp_bond.value_order 
_chem_comp_bond.pdbx_aromatic_flag 
_chem_comp_bond.pdbx_stereo_config 
_chem_comp_bond.pdbx_ordinal 
ALA N   CA   sing N N 1   
ALA N   H    sing N N 2   
ALA N   H2   sing N N 3   
ALA CA  C    sing N N 4   
ALA CA  CB   sing N N 5   
ALA CA  HA   sing N N 6   
ALA C   O    doub N N 7   
ALA C   OXT  sing N N 8   
ALA CB  HB1  sing N N 9   
ALA CB  HB2  sing N N 10  
ALA CB  HB3  sing N N 11  
ALA OXT HXT  sing N N 12  
ARG N   CA   sing N N 13  
ARG N   H    sing N N 14  
ARG N   H2   sing N N 15  
ARG CA  C    sing N N 16  
ARG CA  CB   sing N N 17  
ARG CA  HA   sing N N 18  
ARG C   O    doub N N 19  
ARG C   OXT  sing N N 20  
ARG CB  CG   sing N N 21  
ARG CB  HB2  sing N N 22  
ARG CB  HB3  sing N N 23  
ARG CG  CD   sing N N 24  
ARG CG  HG2  sing N N 25  
ARG CG  HG3  sing N N 26  
ARG CD  NE   sing N N 27  
ARG CD  HD2  sing N N 28  
ARG CD  HD3  sing N N 29  
ARG NE  CZ   sing N N 30  
ARG NE  HE   sing N N 31  
ARG CZ  NH1  sing N N 32  
ARG CZ  NH2  doub N N 33  
ARG NH1 HH11 sing N N 34  
ARG NH1 HH12 sing N N 35  
ARG NH2 HH21 sing N N 36  
ARG NH2 HH22 sing N N 37  
ARG OXT HXT  sing N N 38  
ASN N   CA   sing N N 39  
ASN N   H    sing N N 40  
ASN N   H2   sing N N 41  
ASN CA  C    sing N N 42  
ASN CA  CB   sing N N 43  
ASN CA  HA   sing N N 44  
ASN C   O    doub N N 45  
ASN C   OXT  sing N N 46  
ASN CB  CG   sing N N 47  
ASN CB  HB2  sing N N 48  
ASN CB  HB3  sing N N 49  
ASN CG  OD1  doub N N 50  
ASN CG  ND2  sing N N 51  
ASN ND2 HD21 sing N N 52  
ASN ND2 HD22 sing N N 53  
ASN OXT HXT  sing N N 54  
ASP N   CA   sing N N 55  
ASP N   H    sing N N 56  
ASP N   H2   sing N N 57  
ASP CA  C    sing N N 58  
ASP CA  CB   sing N N 59  
ASP CA  HA   sing N N 60  
ASP C   O    doub N N 61  
ASP C   OXT  sing N N 62  
ASP CB  CG   sing N N 63  
ASP CB  HB2  sing N N 64  
ASP CB  HB3  sing N N 65  
ASP CG  OD1  doub N N 66  
ASP CG  OD2  sing N N 67  
ASP OD2 HD2  sing N N 68  
ASP OXT HXT  sing N N 69  
CYS N   CA   sing N N 70  
CYS N   H    sing N N 71  
CYS N   H2   sing N N 72  
CYS CA  C    sing N N 73  
CYS CA  CB   sing N N 74  
CYS CA  HA   sing N N 75  
CYS C   O    doub N N 76  
CYS C   OXT  sing N N 77  
CYS CB  SG   sing N N 78  
CYS CB  HB2  sing N N 79  
CYS CB  HB3  sing N N 80  
CYS SG  HG   sing N N 81  
CYS OXT HXT  sing N N 82  
GLN N   CA   sing N N 83  
GLN N   H    sing N N 84  
GLN N   H2   sing N N 85  
GLN CA  C    sing N N 86  
GLN CA  CB   sing N N 87  
GLN CA  HA   sing N N 88  
GLN C   O    doub N N 89  
GLN C   OXT  sing N N 90  
GLN CB  CG   sing N N 91  
GLN CB  HB2  sing N N 92  
GLN CB  HB3  sing N N 93  
GLN CG  CD   sing N N 94  
GLN CG  HG2  sing N N 95  
GLN CG  HG3  sing N N 96  
GLN CD  OE1  doub N N 97  
GLN CD  NE2  sing N N 98  
GLN NE2 HE21 sing N N 99  
GLN NE2 HE22 sing N N 100 
GLN OXT HXT  sing N N 101 
GLU N   CA   sing N N 102 
GLU N   H    sing N N 103 
GLU N   H2   sing N N 104 
GLU CA  C    sing N N 105 
GLU CA  CB   sing N N 106 
GLU CA  HA   sing N N 107 
GLU C   O    doub N N 108 
GLU C   OXT  sing N N 109 
GLU CB  CG   sing N N 110 
GLU CB  HB2  sing N N 111 
GLU CB  HB3  sing N N 112 
GLU CG  CD   sing N N 113 
GLU CG  HG2  sing N N 114 
GLU CG  HG3  sing N N 115 
GLU CD  OE1  doub N N 116 
GLU CD  OE2  sing N N 117 
GLU OE2 HE2  sing N N 118 
GLU OXT HXT  sing N N 119 
GLY N   CA   sing N N 120 
GLY N   H    sing N N 121 
GLY N   H2   sing N N 122 
GLY CA  C    sing N N 123 
GLY CA  HA2  sing N N 124 
GLY CA  HA3  sing N N 125 
GLY C   O    doub N N 126 
GLY C   OXT  sing N N 127 
GLY OXT HXT  sing N N 128 
HIS N   CA   sing N N 129 
HIS N   H    sing N N 130 
HIS N   H2   sing N N 131 
HIS CA  C    sing N N 132 
HIS CA  CB   sing N N 133 
HIS CA  HA   sing N N 134 
HIS C   O    doub N N 135 
HIS C   OXT  sing N N 136 
HIS CB  CG   sing N N 137 
HIS CB  HB2  sing N N 138 
HIS CB  HB3  sing N N 139 
HIS CG  ND1  sing Y N 140 
HIS CG  CD2  doub Y N 141 
HIS ND1 CE1  doub Y N 142 
HIS ND1 HD1  sing N N 143 
HIS CD2 NE2  sing Y N 144 
HIS CD2 HD2  sing N N 145 
HIS CE1 NE2  sing Y N 146 
HIS CE1 HE1  sing N N 147 
HIS NE2 HE2  sing N N 148 
HIS OXT HXT  sing N N 149 
HOH O   H1   sing N N 150 
HOH O   H2   sing N N 151 
ILE N   CA   sing N N 152 
ILE N   H    sing N N 153 
ILE N   H2   sing N N 154 
ILE CA  C    sing N N 155 
ILE CA  CB   sing N N 156 
ILE CA  HA   sing N N 157 
ILE C   O    doub N N 158 
ILE C   OXT  sing N N 159 
ILE CB  CG1  sing N N 160 
ILE CB  CG2  sing N N 161 
ILE CB  HB   sing N N 162 
ILE CG1 CD1  sing N N 163 
ILE CG1 HG12 sing N N 164 
ILE CG1 HG13 sing N N 165 
ILE CG2 HG21 sing N N 166 
ILE CG2 HG22 sing N N 167 
ILE CG2 HG23 sing N N 168 
ILE CD1 HD11 sing N N 169 
ILE CD1 HD12 sing N N 170 
ILE CD1 HD13 sing N N 171 
ILE OXT HXT  sing N N 172 
LEU N   CA   sing N N 173 
LEU N   H    sing N N 174 
LEU N   H2   sing N N 175 
LEU CA  C    sing N N 176 
LEU CA  CB   sing N N 177 
LEU CA  HA   sing N N 178 
LEU C   O    doub N N 179 
LEU C   OXT  sing N N 180 
LEU CB  CG   sing N N 181 
LEU CB  HB2  sing N N 182 
LEU CB  HB3  sing N N 183 
LEU CG  CD1  sing N N 184 
LEU CG  CD2  sing N N 185 
LEU CG  HG   sing N N 186 
LEU CD1 HD11 sing N N 187 
LEU CD1 HD12 sing N N 188 
LEU CD1 HD13 sing N N 189 
LEU CD2 HD21 sing N N 190 
LEU CD2 HD22 sing N N 191 
LEU CD2 HD23 sing N N 192 
LEU OXT HXT  sing N N 193 
LYS N   CA   sing N N 194 
LYS N   H    sing N N 195 
LYS N   H2   sing N N 196 
LYS CA  C    sing N N 197 
LYS CA  CB   sing N N 198 
LYS CA  HA   sing N N 199 
LYS C   O    doub N N 200 
LYS C   OXT  sing N N 201 
LYS CB  CG   sing N N 202 
LYS CB  HB2  sing N N 203 
LYS CB  HB3  sing N N 204 
LYS CG  CD   sing N N 205 
LYS CG  HG2  sing N N 206 
LYS CG  HG3  sing N N 207 
LYS CD  CE   sing N N 208 
LYS CD  HD2  sing N N 209 
LYS CD  HD3  sing N N 210 
LYS CE  NZ   sing N N 211 
LYS CE  HE2  sing N N 212 
LYS CE  HE3  sing N N 213 
LYS NZ  HZ1  sing N N 214 
LYS NZ  HZ2  sing N N 215 
LYS NZ  HZ3  sing N N 216 
LYS OXT HXT  sing N N 217 
MET N   CA   sing N N 218 
MET N   H    sing N N 219 
MET N   H2   sing N N 220 
MET CA  C    sing N N 221 
MET CA  CB   sing N N 222 
MET CA  HA   sing N N 223 
MET C   O    doub N N 224 
MET C   OXT  sing N N 225 
MET CB  CG   sing N N 226 
MET CB  HB2  sing N N 227 
MET CB  HB3  sing N N 228 
MET CG  SD   sing N N 229 
MET CG  HG2  sing N N 230 
MET CG  HG3  sing N N 231 
MET SD  CE   sing N N 232 
MET CE  HE1  sing N N 233 
MET CE  HE2  sing N N 234 
MET CE  HE3  sing N N 235 
MET OXT HXT  sing N N 236 
PHE N   CA   sing N N 237 
PHE N   H    sing N N 238 
PHE N   H2   sing N N 239 
PHE CA  C    sing N N 240 
PHE CA  CB   sing N N 241 
PHE CA  HA   sing N N 242 
PHE C   O    doub N N 243 
PHE C   OXT  sing N N 244 
PHE CB  CG   sing N N 245 
PHE CB  HB2  sing N N 246 
PHE CB  HB3  sing N N 247 
PHE CG  CD1  doub Y N 248 
PHE CG  CD2  sing Y N 249 
PHE CD1 CE1  sing Y N 250 
PHE CD1 HD1  sing N N 251 
PHE CD2 CE2  doub Y N 252 
PHE CD2 HD2  sing N N 253 
PHE CE1 CZ   doub Y N 254 
PHE CE1 HE1  sing N N 255 
PHE CE2 CZ   sing Y N 256 
PHE CE2 HE2  sing N N 257 
PHE CZ  HZ   sing N N 258 
PHE OXT HXT  sing N N 259 
PRO N   CA   sing N N 260 
PRO N   CD   sing N N 261 
PRO N   H    sing N N 262 
PRO CA  C    sing N N 263 
PRO CA  CB   sing N N 264 
PRO CA  HA   sing N N 265 
PRO C   O    doub N N 266 
PRO C   OXT  sing N N 267 
PRO CB  CG   sing N N 268 
PRO CB  HB2  sing N N 269 
PRO CB  HB3  sing N N 270 
PRO CG  CD   sing N N 271 
PRO CG  HG2  sing N N 272 
PRO CG  HG3  sing N N 273 
PRO CD  HD2  sing N N 274 
PRO CD  HD3  sing N N 275 
PRO OXT HXT  sing N N 276 
SER N   CA   sing N N 277 
SER N   H    sing N N 278 
SER N   H2   sing N N 279 
SER CA  C    sing N N 280 
SER CA  CB   sing N N 281 
SER CA  HA   sing N N 282 
SER C   O    doub N N 283 
SER C   OXT  sing N N 284 
SER CB  OG   sing N N 285 
SER CB  HB2  sing N N 286 
SER CB  HB3  sing N N 287 
SER OG  HG   sing N N 288 
SER OXT HXT  sing N N 289 
THR N   CA   sing N N 290 
THR N   H    sing N N 291 
THR N   H2   sing N N 292 
THR CA  C    sing N N 293 
THR CA  CB   sing N N 294 
THR CA  HA   sing N N 295 
THR C   O    doub N N 296 
THR C   OXT  sing N N 297 
THR CB  OG1  sing N N 298 
THR CB  CG2  sing N N 299 
THR CB  HB   sing N N 300 
THR OG1 HG1  sing N N 301 
THR CG2 HG21 sing N N 302 
THR CG2 HG22 sing N N 303 
THR CG2 HG23 sing N N 304 
THR OXT HXT  sing N N 305 
TRP N   CA   sing N N 306 
TRP N   H    sing N N 307 
TRP N   H2   sing N N 308 
TRP CA  C    sing N N 309 
TRP CA  CB   sing N N 310 
TRP CA  HA   sing N N 311 
TRP C   O    doub N N 312 
TRP C   OXT  sing N N 313 
TRP CB  CG   sing N N 314 
TRP CB  HB2  sing N N 315 
TRP CB  HB3  sing N N 316 
TRP CG  CD1  doub Y N 317 
TRP CG  CD2  sing Y N 318 
TRP CD1 NE1  sing Y N 319 
TRP CD1 HD1  sing N N 320 
TRP CD2 CE2  doub Y N 321 
TRP CD2 CE3  sing Y N 322 
TRP NE1 CE2  sing Y N 323 
TRP NE1 HE1  sing N N 324 
TRP CE2 CZ2  sing Y N 325 
TRP CE3 CZ3  doub Y N 326 
TRP CE3 HE3  sing N N 327 
TRP CZ2 CH2  doub Y N 328 
TRP CZ2 HZ2  sing N N 329 
TRP CZ3 CH2  sing Y N 330 
TRP CZ3 HZ3  sing N N 331 
TRP CH2 HH2  sing N N 332 
TRP OXT HXT  sing N N 333 
TYR N   CA   sing N N 334 
TYR N   H    sing N N 335 
TYR N   H2   sing N N 336 
TYR CA  C    sing N N 337 
TYR CA  CB   sing N N 338 
TYR CA  HA   sing N N 339 
TYR C   O    doub N N 340 
TYR C   OXT  sing N N 341 
TYR CB  CG   sing N N 342 
TYR CB  HB2  sing N N 343 
TYR CB  HB3  sing N N 344 
TYR CG  CD1  doub Y N 345 
TYR CG  CD2  sing Y N 346 
TYR CD1 CE1  sing Y N 347 
TYR CD1 HD1  sing N N 348 
TYR CD2 CE2  doub Y N 349 
TYR CD2 HD2  sing N N 350 
TYR CE1 CZ   doub Y N 351 
TYR CE1 HE1  sing N N 352 
TYR CE2 CZ   sing Y N 353 
TYR CE2 HE2  sing N N 354 
TYR CZ  OH   sing N N 355 
TYR OH  HH   sing N N 356 
TYR OXT HXT  sing N N 357 
VAL N   CA   sing N N 358 
VAL N   H    sing N N 359 
VAL N   H2   sing N N 360 
VAL CA  C    sing N N 361 
VAL CA  CB   sing N N 362 
VAL CA  HA   sing N N 363 
VAL C   O    doub N N 364 
VAL C   OXT  sing N N 365 
VAL CB  CG1  sing N N 366 
VAL CB  CG2  sing N N 367 
VAL CB  HB   sing N N 368 
VAL CG1 HG11 sing N N 369 
VAL CG1 HG12 sing N N 370 
VAL CG1 HG13 sing N N 371 
VAL CG2 HG21 sing N N 372 
VAL CG2 HG22 sing N N 373 
VAL CG2 HG23 sing N N 374 
VAL OXT HXT  sing N N 375 
# 
_pdbx_initial_refinement_model.id               1 
_pdbx_initial_refinement_model.entity_id_list   ? 
_pdbx_initial_refinement_model.type             'experimental model' 
_pdbx_initial_refinement_model.source_name      PDB 
_pdbx_initial_refinement_model.accession_code   2OVE 
_pdbx_initial_refinement_model.details          ? 
# 
_atom_sites.entry_id                    2QOS 
_atom_sites.fract_transf_matrix[1][1]   0.00344145 
_atom_sites.fract_transf_matrix[1][2]   -0.01415550 
_atom_sites.fract_transf_matrix[1][3]   0.00813023 
_atom_sites.fract_transf_matrix[2][1]   -0.00521308 
_atom_sites.fract_transf_matrix[2][2]   -0.00615777 
_atom_sites.fract_transf_matrix[2][3]   -0.00851461 
_atom_sites.fract_transf_matrix[3][1]   0.02080587 
_atom_sites.fract_transf_matrix[3][2]   -0.00159539 
_atom_sites.fract_transf_matrix[3][3]   -0.01158465 
_atom_sites.fract_transf_vector[1]      0.666397 
_atom_sites.fract_transf_vector[2]      0.335666 
_atom_sites.fract_transf_vector[3]      0.999097 
# 
loop_
_atom_type.symbol 
C 
N 
O 
S 
# 
loop_
_atom_site.group_PDB 
_atom_site.id 
_atom_site.type_symbol 
_atom_site.label_atom_id 
_atom_site.label_alt_id 
_atom_site.label_comp_id 
_atom_site.label_asym_id 
_atom_site.label_entity_id 
_atom_site.label_seq_id 
_atom_site.pdbx_PDB_ins_code 
_atom_site.Cartn_x 
_atom_site.Cartn_y 
_atom_site.Cartn_z 
_atom_site.occupancy 
_atom_site.B_iso_or_equiv 
_atom_site.pdbx_formal_charge 
_atom_site.auth_seq_id 
_atom_site.auth_comp_id 
_atom_site.auth_asym_id 
_atom_site.auth_atom_id 
_atom_site.pdbx_PDB_model_num 
ATOM   1    N N   . ALA A 1 1   ? -14.716 13.596  -8.887  1.00 46.78 ? 10  ALA C N   1 
ATOM   2    C CA  . ALA A 1 1   ? -14.790 13.631  -7.400  1.00 45.64 ? 10  ALA C CA  1 
ATOM   3    C C   . ALA A 1 1   ? -13.593 12.916  -6.775  1.00 43.54 ? 10  ALA C C   1 
ATOM   4    O O   . ALA A 1 1   ? -12.856 12.206  -7.461  1.00 44.20 ? 10  ALA C O   1 
ATOM   5    C CB  . ALA A 1 1   ? -16.090 12.987  -6.929  1.00 45.55 ? 10  ALA C CB  1 
ATOM   6    N N   . SER A 1 2   ? -13.409 13.111  -5.473  1.00 40.49 ? 11  SER C N   1 
ATOM   7    C CA  . SER A 1 2   ? -12.306 12.495  -4.741  1.00 37.49 ? 11  SER C CA  1 
ATOM   8    C C   . SER A 1 2   ? -12.821 11.675  -3.561  1.00 33.25 ? 11  SER C C   1 
ATOM   9    O O   . SER A 1 2   ? -13.013 12.197  -2.463  1.00 32.05 ? 11  SER C O   1 
ATOM   10   C CB  . SER A 1 2   ? -11.348 13.570  -4.226  1.00 39.38 ? 11  SER C CB  1 
ATOM   11   O OG  . SER A 1 2   ? -10.336 13.002  -3.412  1.00 40.72 ? 11  SER C OG  1 
ATOM   12   N N   . PRO A 1 3   ? -13.046 10.373  -3.777  1.00 29.49 ? 12  PRO C N   1 
ATOM   13   C CA  . PRO A 1 3   ? -13.540 9.488   -2.723  1.00 26.49 ? 12  PRO C CA  1 
ATOM   14   C C   . PRO A 1 3   ? -12.642 9.467   -1.492  1.00 26.46 ? 12  PRO C C   1 
ATOM   15   O O   . PRO A 1 3   ? -13.119 9.345   -0.363  1.00 26.31 ? 12  PRO C O   1 
ATOM   16   C CB  . PRO A 1 3   ? -13.583 8.125   -3.409  1.00 27.70 ? 12  PRO C CB  1 
ATOM   17   C CG  . PRO A 1 3   ? -13.839 8.475   -4.840  1.00 29.87 ? 12  PRO C CG  1 
ATOM   18   C CD  . PRO A 1 3   ? -12.923 9.650   -5.054  1.00 27.82 ? 12  PRO C CD  1 
ATOM   19   N N   . ILE A 1 4   ? -11.337 9.597   -1.702  1.00 22.24 ? 13  ILE C N   1 
ATOM   20   C CA  . ILE A 1 4   ? -10.412 9.538   -0.583  1.00 21.17 ? 13  ILE C CA  1 
ATOM   21   C C   . ILE A 1 4   ? -10.530 10.738  0.356   1.00 23.83 ? 13  ILE C C   1 
ATOM   22   O O   . ILE A 1 4   ? -10.110 10.671  1.512   1.00 25.31 ? 13  ILE C O   1 
ATOM   23   C CB  . ILE A 1 4   ? -8.948  9.371   -1.083  1.00 19.58 ? 13  ILE C CB  1 
ATOM   24   C CG1 . ILE A 1 4   ? -8.099  8.737   0.022   1.00 14.97 ? 13  ILE C CG1 1 
ATOM   25   C CG2 . ILE A 1 4   ? -8.363  10.716  -1.504  1.00 18.10 ? 13  ILE C CG2 1 
ATOM   26   C CD1 . ILE A 1 4   ? -6.731  8.288   -0.440  1.00 13.69 ? 13  ILE C CD1 1 
ATOM   27   N N   . SER A 1 5   ? -11.118 11.827  -0.130  1.00 24.51 ? 14  SER C N   1 
ATOM   28   C CA  . SER A 1 5   ? -11.285 13.019  0.699   1.00 27.72 ? 14  SER C CA  1 
ATOM   29   C C   . SER A 1 5   ? -12.364 12.803  1.764   1.00 28.31 ? 14  SER C C   1 
ATOM   30   O O   . SER A 1 5   ? -12.438 13.545  2.743   1.00 31.99 ? 14  SER C O   1 
ATOM   31   C CB  . SER A 1 5   ? -11.657 14.227  -0.167  1.00 29.95 ? 14  SER C CB  1 
ATOM   32   O OG  . SER A 1 5   ? -12.983 14.115  -0.653  1.00 33.37 ? 14  SER C OG  1 
ATOM   33   N N   . THR A 1 6   ? -13.203 11.791  1.569   1.00 27.98 ? 15  THR C N   1 
ATOM   34   C CA  . THR A 1 6   ? -14.264 11.494  2.526   1.00 30.51 ? 15  THR C CA  1 
ATOM   35   C C   . THR A 1 6   ? -13.787 10.491  3.575   1.00 32.02 ? 15  THR C C   1 
ATOM   36   O O   . THR A 1 6   ? -14.492 10.210  4.541   1.00 33.58 ? 15  THR C O   1 
ATOM   37   C CB  . THR A 1 6   ? -15.516 10.912  1.823   1.00 32.22 ? 15  THR C CB  1 
ATOM   38   O OG1 . THR A 1 6   ? -15.249 9.572   1.385   1.00 33.15 ? 15  THR C OG1 1 
ATOM   39   C CG2 . THR A 1 6   ? -15.893 11.761  0.623   1.00 33.29 ? 15  THR C CG2 1 
ATOM   40   N N   . ILE A 1 7   ? -12.586 9.951   3.372   1.00 29.75 ? 16  ILE C N   1 
ATOM   41   C CA  . ILE A 1 7   ? -12.010 8.979   4.300   1.00 29.34 ? 16  ILE C CA  1 
ATOM   42   C C   . ILE A 1 7   ? -11.322 9.683   5.465   1.00 28.16 ? 16  ILE C C   1 
ATOM   43   O O   . ILE A 1 7   ? -10.447 10.524  5.263   1.00 28.58 ? 16  ILE C O   1 
ATOM   44   C CB  . ILE A 1 7   ? -10.964 8.079   3.605   1.00 29.41 ? 16  ILE C CB  1 
ATOM   45   C CG1 . ILE A 1 7   ? -11.604 7.324   2.437   1.00 28.95 ? 16  ILE C CG1 1 
ATOM   46   C CG2 . ILE A 1 7   ? -10.371 7.104   4.616   1.00 29.88 ? 16  ILE C CG2 1 
ATOM   47   C CD1 . ILE A 1 7   ? -12.738 6.403   2.834   1.00 30.70 ? 16  ILE C CD1 1 
ATOM   48   N N   . GLN A 1 8   ? -11.709 9.329   6.685   1.00 28.31 ? 17  GLN C N   1 
ATOM   49   C CA  . GLN A 1 8   ? -11.126 9.942   7.873   1.00 28.46 ? 17  GLN C CA  1 
ATOM   50   C C   . GLN A 1 8   ? -9.766  9.315   8.184   1.00 24.57 ? 17  GLN C C   1 
ATOM   51   O O   . GLN A 1 8   ? -9.654  8.097   8.305   1.00 23.19 ? 17  GLN C O   1 
ATOM   52   C CB  . GLN A 1 8   ? -12.074 9.750   9.063   1.00 35.61 ? 17  GLN C CB  1 
ATOM   53   C CG  . GLN A 1 8   ? -11.798 10.657  10.257  1.00 46.66 ? 17  GLN C CG  1 
ATOM   54   C CD  . GLN A 1 8   ? -12.809 10.466  11.373  1.00 51.79 ? 17  GLN C CD  1 
ATOM   55   O OE1 . GLN A 1 8   ? -12.891 9.392   11.971  1.00 55.36 ? 17  GLN C OE1 1 
ATOM   56   N NE2 . GLN A 1 8   ? -13.590 11.507  11.655  1.00 54.86 ? 17  GLN C NE2 1 
ATOM   57   N N   . PRO A 1 9   ? -8.714  10.138  8.296   1.00 22.25 ? 18  PRO C N   1 
ATOM   58   C CA  . PRO A 1 9   ? -7.375  9.630   8.598   1.00 22.01 ? 18  PRO C CA  1 
ATOM   59   C C   . PRO A 1 9   ? -7.295  9.192   10.060  1.00 22.59 ? 18  PRO C C   1 
ATOM   60   O O   . PRO A 1 9   ? -8.062  9.662   10.902  1.00 20.36 ? 18  PRO C O   1 
ATOM   61   C CB  . PRO A 1 9   ? -6.470  10.836  8.331   1.00 21.90 ? 18  PRO C CB  1 
ATOM   62   C CG  . PRO A 1 9   ? -7.280  11.703  7.408   1.00 23.87 ? 18  PRO C CG  1 
ATOM   63   C CD  . PRO A 1 9   ? -8.663  11.571  7.969   1.00 21.74 ? 18  PRO C CD  1 
ATOM   64   N N   . LYS A 1 10  ? -6.366  8.291   10.354  1.00 17.69 ? 19  LYS C N   1 
ATOM   65   C CA  . LYS A 1 10  ? -6.157  7.811   11.715  1.00 18.52 ? 19  LYS C CA  1 
ATOM   66   C C   . LYS A 1 10  ? -5.946  9.016   12.631  1.00 21.25 ? 19  LYS C C   1 
ATOM   67   O O   . LYS A 1 10  ? -4.993  9.772   12.455  1.00 21.96 ? 19  LYS C O   1 
ATOM   68   C CB  . LYS A 1 10  ? -4.920  6.913   11.759  1.00 19.03 ? 19  LYS C CB  1 
ATOM   69   C CG  . LYS A 1 10  ? -4.454  6.538   13.154  1.00 16.93 ? 19  LYS C CG  1 
ATOM   70   C CD  . LYS A 1 10  ? -5.434  5.609   13.837  1.00 15.07 ? 19  LYS C CD  1 
ATOM   71   C CE  . LYS A 1 10  ? -4.975  5.285   15.253  1.00 16.89 ? 19  LYS C CE  1 
ATOM   72   N NZ  . LYS A 1 10  ? -5.916  4.351   15.931  1.00 19.25 ? 19  LYS C NZ  1 
ATOM   73   N N   . ALA A 1 11  ? -6.835  9.195   13.604  1.00 23.11 ? 20  ALA C N   1 
ATOM   74   C CA  . ALA A 1 11  ? -6.731  10.317  14.534  1.00 24.50 ? 20  ALA C CA  1 
ATOM   75   C C   . ALA A 1 11  ? -5.345  10.393  15.177  1.00 22.70 ? 20  ALA C C   1 
ATOM   76   O O   . ALA A 1 11  ? -4.813  9.384   15.640  1.00 24.53 ? 20  ALA C O   1 
ATOM   77   C CB  . ALA A 1 11  ? -7.807  10.197  15.614  1.00 26.79 ? 20  ALA C CB  1 
ATOM   78   N N   . ASN A 1 12  ? -4.772  11.593  15.199  1.00 23.87 ? 21  ASN C N   1 
ATOM   79   C CA  . ASN A 1 12  ? -3.452  11.819  15.781  1.00 25.61 ? 21  ASN C CA  1 
ATOM   80   C C   . ASN A 1 12  ? -2.432  10.807  15.288  1.00 23.71 ? 21  ASN C C   1 
ATOM   81   O O   . ASN A 1 12  ? -1.632  10.292  16.068  1.00 26.41 ? 21  ASN C O   1 
ATOM   82   C CB  . ASN A 1 12  ? -3.534  11.759  17.306  1.00 30.36 ? 21  ASN C CB  1 
ATOM   83   C CG  . ASN A 1 12  ? -4.350  12.894  17.886  1.00 33.94 ? 21  ASN C CG  1 
ATOM   84   O OD1 . ASN A 1 12  ? -3.944  14.056  17.838  1.00 40.06 ? 21  ASN C OD1 1 
ATOM   85   N ND2 . ASN A 1 12  ? -5.511  12.565  18.430  1.00 37.65 ? 21  ASN C ND2 1 
ATOM   86   N N   . PHE A 1 13  ? -2.467  10.530  13.990  1.00 19.00 ? 22  PHE C N   1 
ATOM   87   C CA  . PHE A 1 13  ? -1.556  9.570   13.385  1.00 19.72 ? 22  PHE C CA  1 
ATOM   88   C C   . PHE A 1 13  ? -0.119  9.751   13.855  1.00 22.31 ? 22  PHE C C   1 
ATOM   89   O O   . PHE A 1 13  ? 0.457   10.830  13.734  1.00 23.45 ? 22  PHE C O   1 
ATOM   90   C CB  . PHE A 1 13  ? -1.611  9.669   11.862  1.00 16.89 ? 22  PHE C CB  1 
ATOM   91   C CG  . PHE A 1 13  ? -0.624  8.782   11.176  1.00 14.34 ? 22  PHE C CG  1 
ATOM   92   C CD1 . PHE A 1 13  ? 0.528   9.311   10.606  1.00 15.42 ? 22  PHE C CD1 1 
ATOM   93   C CD2 . PHE A 1 13  ? -0.826  7.408   11.128  1.00 15.68 ? 22  PHE C CD2 1 
ATOM   94   C CE1 . PHE A 1 13  ? 1.467   8.481   9.997   1.00 15.42 ? 22  PHE C CE1 1 
ATOM   95   C CE2 . PHE A 1 13  ? 0.108   6.567   10.522  1.00 16.34 ? 22  PHE C CE2 1 
ATOM   96   C CZ  . PHE A 1 13  ? 1.259   7.107   9.954   1.00 15.98 ? 22  PHE C CZ  1 
ATOM   97   N N   . ASP A 1 14  ? 0.455   8.673   14.381  1.00 22.45 ? 23  ASP C N   1 
ATOM   98   C CA  . ASP A 1 14  ? 1.818   8.691   14.893  1.00 22.91 ? 23  ASP C CA  1 
ATOM   99   C C   . ASP A 1 14  ? 2.738   7.870   14.002  1.00 24.82 ? 23  ASP C C   1 
ATOM   100  O O   . ASP A 1 14  ? 2.730   6.641   14.058  1.00 22.10 ? 23  ASP C O   1 
ATOM   101  C CB  . ASP A 1 14  ? 1.827   8.137   16.317  1.00 26.30 ? 23  ASP C CB  1 
ATOM   102  C CG  . ASP A 1 14  ? 3.193   8.214   16.970  1.00 27.93 ? 23  ASP C CG  1 
ATOM   103  O OD1 . ASP A 1 14  ? 3.282   7.867   18.163  1.00 34.34 ? 23  ASP C OD1 1 
ATOM   104  O OD2 . ASP A 1 14  ? 4.164   8.613   16.300  1.00 32.14 ? 23  ASP C OD2 1 
ATOM   105  N N   . ALA A 1 15  ? 3.526   8.557   13.179  1.00 23.61 ? 24  ALA C N   1 
ATOM   106  C CA  . ALA A 1 15  ? 4.452   7.895   12.262  1.00 25.05 ? 24  ALA C CA  1 
ATOM   107  C C   . ALA A 1 15  ? 5.488   7.054   13.002  1.00 23.93 ? 24  ALA C C   1 
ATOM   108  O O   . ALA A 1 15  ? 5.997   6.069   12.463  1.00 23.21 ? 24  ALA C O   1 
ATOM   109  C CB  . ALA A 1 15  ? 5.148   8.935   11.387  1.00 22.16 ? 24  ALA C CB  1 
ATOM   110  N N   . GLN A 1 16  ? 5.793   7.439   14.237  1.00 25.09 ? 25  GLN C N   1 
ATOM   111  C CA  . GLN A 1 16  ? 6.771   6.711   15.039  1.00 26.55 ? 25  GLN C CA  1 
ATOM   112  C C   . GLN A 1 16  ? 6.296   5.292   15.329  1.00 22.13 ? 25  GLN C C   1 
ATOM   113  O O   . GLN A 1 16  ? 7.081   4.350   15.298  1.00 25.62 ? 25  GLN C O   1 
ATOM   114  C CB  . GLN A 1 16  ? 7.030   7.451   16.356  1.00 31.09 ? 25  GLN C CB  1 
ATOM   115  C CG  . GLN A 1 16  ? 7.681   8.806   16.161  1.00 39.62 ? 25  GLN C CG  1 
ATOM   116  C CD  . GLN A 1 16  ? 9.022   8.696   15.451  1.00 43.22 ? 25  GLN C CD  1 
ATOM   117  O OE1 . GLN A 1 16  ? 9.441   9.616   14.749  1.00 47.03 ? 25  GLN C OE1 1 
ATOM   118  N NE2 . GLN A 1 16  ? 9.706   7.568   15.641  1.00 46.77 ? 25  GLN C NE2 1 
ATOM   119  N N   . GLN A 1 17  ? 5.009   5.145   15.619  1.00 18.68 ? 26  GLN C N   1 
ATOM   120  C CA  . GLN A 1 17  ? 4.454   3.833   15.904  1.00 21.02 ? 26  GLN C CA  1 
ATOM   121  C C   . GLN A 1 17  ? 4.135   3.058   14.630  1.00 18.33 ? 26  GLN C C   1 
ATOM   122  O O   . GLN A 1 17  ? 4.075   1.829   14.650  1.00 19.60 ? 26  GLN C O   1 
ATOM   123  C CB  . GLN A 1 17  ? 3.184   3.958   16.743  1.00 23.17 ? 26  GLN C CB  1 
ATOM   124  C CG  . GLN A 1 17  ? 3.388   4.646   18.081  1.00 29.50 ? 26  GLN C CG  1 
ATOM   125  C CD  . GLN A 1 17  ? 2.169   4.527   18.968  1.00 31.28 ? 26  GLN C CD  1 
ATOM   126  O OE1 . GLN A 1 17  ? 1.778   3.424   19.356  1.00 34.24 ? 26  GLN C OE1 1 
ATOM   127  N NE2 . GLN A 1 17  ? 1.552   5.659   19.289  1.00 33.20 ? 26  GLN C NE2 1 
ATOM   128  N N   . PHE A 1 18  ? 3.916   3.778   13.535  1.00 16.32 ? 27  PHE C N   1 
ATOM   129  C CA  . PHE A 1 18  ? 3.598   3.152   12.258  1.00 15.73 ? 27  PHE C CA  1 
ATOM   130  C C   . PHE A 1 18  ? 4.848   2.658   11.533  1.00 15.86 ? 27  PHE C C   1 
ATOM   131  O O   . PHE A 1 18  ? 4.758   1.859   10.599  1.00 15.87 ? 27  PHE C O   1 
ATOM   132  C CB  . PHE A 1 18  ? 2.840   4.145   11.367  1.00 15.31 ? 27  PHE C CB  1 
ATOM   133  C CG  . PHE A 1 18  ? 2.259   3.528   10.123  1.00 15.45 ? 27  PHE C CG  1 
ATOM   134  C CD1 . PHE A 1 18  ? 2.883   3.685   8.890   1.00 15.17 ? 27  PHE C CD1 1 
ATOM   135  C CD2 . PHE A 1 18  ? 1.093   2.775   10.190  1.00 16.95 ? 27  PHE C CD2 1 
ATOM   136  C CE1 . PHE A 1 18  ? 2.352   3.097   7.741   1.00 19.03 ? 27  PHE C CE1 1 
ATOM   137  C CE2 . PHE A 1 18  ? 0.557   2.186   9.047   1.00 19.01 ? 27  PHE C CE2 1 
ATOM   138  C CZ  . PHE A 1 18  ? 1.185   2.346   7.826   1.00 18.54 ? 27  PHE C CZ  1 
ATOM   139  N N   . ALA A 1 19  ? 6.015   3.113   11.975  1.00 17.49 ? 28  ALA C N   1 
ATOM   140  C CA  . ALA A 1 19  ? 7.266   2.716   11.347  1.00 16.37 ? 28  ALA C CA  1 
ATOM   141  C C   . ALA A 1 19  ? 7.519   1.225   11.464  1.00 15.10 ? 28  ALA C C   1 
ATOM   142  O O   . ALA A 1 19  ? 6.911   0.537   12.291  1.00 18.20 ? 28  ALA C O   1 
ATOM   143  C CB  . ALA A 1 19  ? 8.427   3.475   11.967  1.00 18.40 ? 28  ALA C CB  1 
ATOM   144  N N   . GLY A 1 20  ? 8.432   0.731   10.637  1.00 15.78 ? 29  GLY C N   1 
ATOM   145  C CA  . GLY A 1 20  ? 8.760   -0.679  10.676  1.00 12.46 ? 29  GLY C CA  1 
ATOM   146  C C   . GLY A 1 20  ? 8.201   -1.468  9.517   1.00 16.45 ? 29  GLY C C   1 
ATOM   147  O O   . GLY A 1 20  ? 7.756   -0.917  8.505   1.00 16.14 ? 29  GLY C O   1 
ATOM   148  N N   . THR A 1 21  ? 8.196   -2.781  9.696   1.00 13.70 ? 30  THR C N   1 
ATOM   149  C CA  . THR A 1 21  ? 7.735   -3.698  8.673   1.00 15.54 ? 30  THR C CA  1 
ATOM   150  C C   . THR A 1 21  ? 6.248   -4.024  8.720   1.00 14.51 ? 30  THR C C   1 
ATOM   151  O O   . THR A 1 21  ? 5.671   -4.243  9.787   1.00 15.19 ? 30  THR C O   1 
ATOM   152  C CB  . THR A 1 21  ? 8.526   -5.018  8.752   1.00 18.36 ? 30  THR C CB  1 
ATOM   153  O OG1 . THR A 1 21  ? 9.919   -4.739  8.564   1.00 16.93 ? 30  THR C OG1 1 
ATOM   154  C CG2 . THR A 1 21  ? 8.057   -5.999  7.688   1.00 17.81 ? 30  THR C CG2 1 
ATOM   155  N N   . TRP A 1 22  ? 5.646   -4.057  7.537   1.00 12.31 ? 31  TRP C N   1 
ATOM   156  C CA  . TRP A 1 22  ? 4.236   -4.382  7.371   1.00 13.83 ? 31  TRP C CA  1 
ATOM   157  C C   . TRP A 1 22  ? 4.129   -5.396  6.238   1.00 14.68 ? 31  TRP C C   1 
ATOM   158  O O   . TRP A 1 22  ? 4.785   -5.249  5.202   1.00 16.80 ? 31  TRP C O   1 
ATOM   159  C CB  . TRP A 1 22  ? 3.424   -3.139  6.996   1.00 11.17 ? 31  TRP C CB  1 
ATOM   160  C CG  . TRP A 1 22  ? 3.199   -2.167  8.099   1.00 11.82 ? 31  TRP C CG  1 
ATOM   161  C CD1 . TRP A 1 22  ? 3.855   -0.981  8.308   1.00 13.02 ? 31  TRP C CD1 1 
ATOM   162  C CD2 . TRP A 1 22  ? 2.206   -2.263  9.119   1.00 12.88 ? 31  TRP C CD2 1 
ATOM   163  N NE1 . TRP A 1 22  ? 3.320   -0.337  9.395   1.00 13.01 ? 31  TRP C NE1 1 
ATOM   164  C CE2 . TRP A 1 22  ? 2.307   -1.103  9.913   1.00 14.13 ? 31  TRP C CE2 1 
ATOM   165  C CE3 . TRP A 1 22  ? 1.234   -3.222  9.442   1.00 11.47 ? 31  TRP C CE3 1 
ATOM   166  C CZ2 . TRP A 1 22  ? 1.471   -0.867  11.008  1.00 13.39 ? 31  TRP C CZ2 1 
ATOM   167  C CZ3 . TRP A 1 22  ? 0.394   -2.989  10.541  1.00 12.46 ? 31  TRP C CZ3 1 
ATOM   168  C CH2 . TRP A 1 22  ? 0.524   -1.820  11.307  1.00 14.13 ? 31  TRP C CH2 1 
ATOM   169  N N   . LEU A 1 23  ? 3.305   -6.420  6.430   1.00 14.06 ? 32  LEU C N   1 
ATOM   170  C CA  . LEU A 1 23  ? 3.120   -7.442  5.409   1.00 12.51 ? 32  LEU C CA  1 
ATOM   171  C C   . LEU A 1 23  ? 1.808   -7.180  4.681   1.00 13.01 ? 32  LEU C C   1 
ATOM   172  O O   . LEU A 1 23  ? 0.767   -7.012  5.315   1.00 12.54 ? 32  LEU C O   1 
ATOM   173  C CB  . LEU A 1 23  ? 3.073   -8.829  6.048   1.00 16.15 ? 32  LEU C CB  1 
ATOM   174  C CG  . LEU A 1 23  ? 4.239   -9.228  6.962   1.00 19.67 ? 32  LEU C CG  1 
ATOM   175  C CD1 . LEU A 1 23  ? 4.012   -10.664 7.415   1.00 19.78 ? 32  LEU C CD1 1 
ATOM   176  C CD2 . LEU A 1 23  ? 5.567   -9.094  6.240   1.00 22.78 ? 32  LEU C CD2 1 
ATOM   177  N N   . LEU A 1 24  ? 1.849   -7.132  3.352   1.00 10.56 ? 33  LEU C N   1 
ATOM   178  C CA  . LEU A 1 24  ? 0.623   -6.884  2.593   1.00 12.08 ? 33  LEU C CA  1 
ATOM   179  C C   . LEU A 1 24  ? -0.254  -8.143  2.595   1.00 12.30 ? 33  LEU C C   1 
ATOM   180  O O   . LEU A 1 24  ? 0.173   -9.230  2.190   1.00 14.72 ? 33  LEU C O   1 
ATOM   181  C CB  . LEU A 1 24  ? 0.952   -6.466  1.156   1.00 10.68 ? 33  LEU C CB  1 
ATOM   182  C CG  . LEU A 1 24  ? -0.264  -6.264  0.244   1.00 13.79 ? 33  LEU C CG  1 
ATOM   183  C CD1 . LEU A 1 24  ? -1.193  -5.198  0.831   1.00 15.74 ? 33  LEU C CD1 1 
ATOM   184  C CD2 . LEU A 1 24  ? 0.203   -5.845  -1.160  1.00 15.37 ? 33  LEU C CD2 1 
ATOM   185  N N   . VAL A 1 25  ? -1.487  -7.986  3.067   1.00 12.08 ? 34  VAL C N   1 
ATOM   186  C CA  . VAL A 1 25  ? -2.443  -9.084  3.155   1.00 11.29 ? 34  VAL C CA  1 
ATOM   187  C C   . VAL A 1 25  ? -3.449  -9.122  1.997   1.00 15.34 ? 34  VAL C C   1 
ATOM   188  O O   . VAL A 1 25  ? -3.715  -10.184 1.426   1.00 14.89 ? 34  VAL C O   1 
ATOM   189  C CB  . VAL A 1 25  ? -3.252  -8.990  4.478   1.00 15.59 ? 34  VAL C CB  1 
ATOM   190  C CG1 . VAL A 1 25  ? -4.290  -10.096 4.545   1.00 14.74 ? 34  VAL C CG1 1 
ATOM   191  C CG2 . VAL A 1 25  ? -2.305  -9.081  5.674   1.00 12.38 ? 34  VAL C CG2 1 
ATOM   192  N N   . ALA A 1 26  ? -4.005  -7.966  1.648   1.00 12.08 ? 35  ALA C N   1 
ATOM   193  C CA  . ALA A 1 26  ? -5.005  -7.917  0.586   1.00 12.59 ? 35  ALA C CA  1 
ATOM   194  C C   . ALA A 1 26  ? -5.201  -6.531  0.009   1.00 14.35 ? 35  ALA C C   1 
ATOM   195  O O   . ALA A 1 26  ? -4.865  -5.533  0.639   1.00 14.25 ? 35  ALA C O   1 
ATOM   196  C CB  . ALA A 1 26  ? -6.348  -8.449  1.115   1.00 12.93 ? 35  ALA C CB  1 
ATOM   197  N N   . VAL A 1 27  ? -5.751  -6.484  -1.203  1.00 15.82 ? 36  VAL C N   1 
ATOM   198  C CA  . VAL A 1 27  ? -6.027  -5.226  -1.878  1.00 15.17 ? 36  VAL C CA  1 
ATOM   199  C C   . VAL A 1 27  ? -7.425  -5.290  -2.468  1.00 15.90 ? 36  VAL C C   1 
ATOM   200  O O   . VAL A 1 27  ? -7.803  -6.298  -3.061  1.00 17.99 ? 36  VAL C O   1 
ATOM   201  C CB  . VAL A 1 27  ? -5.033  -4.964  -3.038  1.00 14.26 ? 36  VAL C CB  1 
ATOM   202  C CG1 . VAL A 1 27  ? -5.336  -3.613  -3.689  1.00 15.10 ? 36  VAL C CG1 1 
ATOM   203  C CG2 . VAL A 1 27  ? -3.599  -4.976  -2.517  1.00 14.37 ? 36  VAL C CG2 1 
ATOM   204  N N   . GLY A 1 28  ? -8.188  -4.223  -2.277  1.00 15.46 ? 37  GLY C N   1 
ATOM   205  C CA  . GLY A 1 28  ? -9.519  -4.142  -2.839  1.00 16.42 ? 37  GLY C CA  1 
ATOM   206  C C   . GLY A 1 28  ? -9.369  -3.070  -3.900  1.00 17.46 ? 37  GLY C C   1 
ATOM   207  O O   . GLY A 1 28  ? -8.993  -1.945  -3.576  1.00 17.09 ? 37  GLY C O   1 
ATOM   208  N N   . SER A 1 29  ? -9.635  -3.397  -5.161  1.00 16.88 ? 38  SER C N   1 
ATOM   209  C CA  . SER A 1 29  ? -9.468  -2.418  -6.229  1.00 18.07 ? 38  SER C CA  1 
ATOM   210  C C   . SER A 1 29  ? -10.210 -2.807  -7.500  1.00 18.87 ? 38  SER C C   1 
ATOM   211  O O   . SER A 1 29  ? -10.413 -3.989  -7.781  1.00 19.47 ? 38  SER C O   1 
ATOM   212  C CB  . SER A 1 29  ? -7.978  -2.267  -6.558  1.00 17.39 ? 38  SER C CB  1 
ATOM   213  O OG  . SER A 1 29  ? -7.789  -1.489  -7.725  1.00 23.64 ? 38  SER C OG  1 
ATOM   214  N N   . ALA A 1 30  ? -10.606 -1.804  -8.274  1.00 21.36 ? 39  ALA C N   1 
ATOM   215  C CA  . ALA A 1 30  ? -11.305 -2.057  -9.530  1.00 23.78 ? 39  ALA C CA  1 
ATOM   216  C C   . ALA A 1 30  ? -10.298 -2.050  -10.678 1.00 24.84 ? 39  ALA C C   1 
ATOM   217  O O   . ALA A 1 30  ? -10.673 -2.176  -11.841 1.00 24.65 ? 39  ALA C O   1 
ATOM   218  C CB  . ALA A 1 30  ? -12.372 -0.984  -9.764  1.00 24.29 ? 39  ALA C CB  1 
ATOM   219  N N   . ALA A 1 31  ? -9.020  -1.906  -10.341 1.00 22.63 ? 40  ALA C N   1 
ATOM   220  C CA  . ALA A 1 31  ? -7.960  -1.866  -11.343 1.00 24.61 ? 40  ALA C CA  1 
ATOM   221  C C   . ALA A 1 31  ? -8.014  -3.043  -12.315 1.00 24.52 ? 40  ALA C C   1 
ATOM   222  O O   . ALA A 1 31  ? -8.054  -4.203  -11.902 1.00 20.89 ? 40  ALA C O   1 
ATOM   223  C CB  . ALA A 1 31  ? -6.591  -1.813  -10.655 1.00 26.89 ? 40  ALA C CB  1 
ATOM   224  N N   . ARG A 1 32  ? -8.000  -2.732  -13.609 1.00 25.44 ? 41  ARG C N   1 
ATOM   225  C CA  . ARG A 1 32  ? -8.039  -3.754  -14.648 1.00 25.62 ? 41  ARG C CA  1 
ATOM   226  C C   . ARG A 1 32  ? -6.898  -4.757  -14.503 1.00 24.39 ? 41  ARG C C   1 
ATOM   227  O O   . ARG A 1 32  ? -7.103  -5.961  -14.648 1.00 24.21 ? 41  ARG C O   1 
ATOM   228  C CB  . ARG A 1 32  ? -7.972  -3.096  -16.032 1.00 26.71 ? 41  ARG C CB  1 
ATOM   229  C CG  . ARG A 1 32  ? -7.761  -4.067  -17.186 1.00 28.99 ? 41  ARG C CG  1 
ATOM   230  C CD  . ARG A 1 32  ? -7.561  -3.315  -18.498 1.00 29.28 ? 41  ARG C CD  1 
ATOM   231  N NE  . ARG A 1 32  ? -8.772  -2.612  -18.910 1.00 27.90 ? 41  ARG C NE  1 
ATOM   232  C CZ  . ARG A 1 32  ? -8.871  -1.858  -20.002 1.00 28.71 ? 41  ARG C CZ  1 
ATOM   233  N NH1 . ARG A 1 32  ? -7.825  -1.698  -20.802 1.00 25.15 ? 41  ARG C NH1 1 
ATOM   234  N NH2 . ARG A 1 32  ? -10.020 -1.269  -20.297 1.00 27.69 ? 41  ARG C NH2 1 
ATOM   235  N N   . PHE A 1 33  ? -5.701  -4.259  -14.210 1.00 22.32 ? 42  PHE C N   1 
ATOM   236  C CA  . PHE A 1 33  ? -4.537  -5.125  -14.062 1.00 23.54 ? 42  PHE C CA  1 
ATOM   237  C C   . PHE A 1 33  ? -4.752  -6.241  -13.053 1.00 24.70 ? 42  PHE C C   1 
ATOM   238  O O   . PHE A 1 33  ? -4.390  -7.392  -13.296 1.00 23.76 ? 42  PHE C O   1 
ATOM   239  C CB  . PHE A 1 33  ? -3.310  -4.318  -13.639 1.00 24.36 ? 42  PHE C CB  1 
ATOM   240  C CG  . PHE A 1 33  ? -2.077  -5.155  -13.451 1.00 26.13 ? 42  PHE C CG  1 
ATOM   241  C CD1 . PHE A 1 33  ? -1.389  -5.654  -14.553 1.00 28.15 ? 42  PHE C CD1 1 
ATOM   242  C CD2 . PHE A 1 33  ? -1.616  -5.464  -12.175 1.00 26.81 ? 42  PHE C CD2 1 
ATOM   243  C CE1 . PHE A 1 33  ? -0.257  -6.452  -14.390 1.00 29.01 ? 42  PHE C CE1 1 
ATOM   244  C CE2 . PHE A 1 33  ? -0.485  -6.262  -11.998 1.00 29.73 ? 42  PHE C CE2 1 
ATOM   245  C CZ  . PHE A 1 33  ? 0.196   -6.757  -13.109 1.00 29.68 ? 42  PHE C CZ  1 
ATOM   246  N N   . LEU A 1 34  ? -5.334  -5.902  -11.911 1.00 23.02 ? 43  LEU C N   1 
ATOM   247  C CA  . LEU A 1 34  ? -5.572  -6.903  -10.884 1.00 22.07 ? 43  LEU C CA  1 
ATOM   248  C C   . LEU A 1 34  ? -6.629  -7.910  -11.308 1.00 24.79 ? 43  LEU C C   1 
ATOM   249  O O   . LEU A 1 34  ? -6.514  -9.096  -11.015 1.00 24.96 ? 43  LEU C O   1 
ATOM   250  C CB  . LEU A 1 34  ? -5.984  -6.231  -9.572  1.00 22.00 ? 43  LEU C CB  1 
ATOM   251  C CG  . LEU A 1 34  ? -4.860  -5.464  -8.876  1.00 24.54 ? 43  LEU C CG  1 
ATOM   252  C CD1 . LEU A 1 34  ? -5.427  -4.676  -7.710  1.00 25.55 ? 43  LEU C CD1 1 
ATOM   253  C CD2 . LEU A 1 34  ? -3.793  -6.442  -8.395  1.00 25.84 ? 43  LEU C CD2 1 
ATOM   254  N N   . GLN A 1 35  ? -7.650  -7.440  -12.012 1.00 26.02 ? 44  GLN C N   1 
ATOM   255  C CA  . GLN A 1 35  ? -8.716  -8.325  -12.457 1.00 28.51 ? 44  GLN C CA  1 
ATOM   256  C C   . GLN A 1 35  ? -8.178  -9.370  -13.434 1.00 28.46 ? 44  GLN C C   1 
ATOM   257  O O   . GLN A 1 35  ? -8.635  -10.512 -13.455 1.00 29.71 ? 44  GLN C O   1 
ATOM   258  C CB  . GLN A 1 35  ? -9.827  -7.517  -13.130 1.00 32.72 ? 44  GLN C CB  1 
ATOM   259  C CG  . GLN A 1 35  ? -11.115 -8.295  -13.315 1.00 37.63 ? 44  GLN C CG  1 
ATOM   260  C CD  . GLN A 1 35  ? -11.825 -8.553  -11.999 1.00 41.03 ? 44  GLN C CD  1 
ATOM   261  O OE1 . GLN A 1 35  ? -12.764 -9.348  -11.935 1.00 43.80 ? 44  GLN C OE1 1 
ATOM   262  N NE2 . GLN A 1 35  ? -11.388 -7.872  -10.942 1.00 41.84 ? 44  GLN C NE2 1 
ATOM   263  N N   . GLU A 1 36  ? -7.193  -8.977  -14.232 1.00 24.59 ? 45  GLU C N   1 
ATOM   264  C CA  . GLU A 1 36  ? -6.617  -9.878  -15.221 1.00 27.54 ? 45  GLU C CA  1 
ATOM   265  C C   . GLU A 1 36  ? -5.358  -10.614 -14.768 1.00 30.23 ? 45  GLU C C   1 
ATOM   266  O O   . GLU A 1 36  ? -5.087  -11.721 -15.229 1.00 33.15 ? 45  GLU C O   1 
ATOM   267  C CB  . GLU A 1 36  ? -6.324  -9.102  -16.514 1.00 24.55 ? 45  GLU C CB  1 
ATOM   268  C CG  . GLU A 1 36  ? -7.572  -8.537  -17.181 1.00 27.23 ? 45  GLU C CG  1 
ATOM   269  C CD  . GLU A 1 36  ? -7.286  -7.800  -18.477 1.00 29.31 ? 45  GLU C CD  1 
ATOM   270  O OE1 . GLU A 1 36  ? -8.210  -7.704  -19.315 1.00 26.47 ? 45  GLU C OE1 1 
ATOM   271  O OE2 . GLU A 1 36  ? -6.153  -7.309  -18.658 1.00 27.71 ? 45  GLU C OE2 1 
ATOM   272  N N   . GLN A 1 37  ? -4.590  -10.014 -13.866 1.00 29.41 ? 46  GLN C N   1 
ATOM   273  C CA  . GLN A 1 37  ? -3.354  -10.641 -13.406 1.00 30.41 ? 46  GLN C CA  1 
ATOM   274  C C   . GLN A 1 37  ? -3.264  -10.768 -11.885 1.00 32.69 ? 46  GLN C C   1 
ATOM   275  O O   . GLN A 1 37  ? -2.191  -11.039 -11.349 1.00 36.36 ? 46  GLN C O   1 
ATOM   276  C CB  . GLN A 1 37  ? -2.151  -9.842  -13.916 1.00 30.90 ? 46  GLN C CB  1 
ATOM   277  C CG  . GLN A 1 37  ? -2.238  -9.427  -15.382 1.00 33.96 ? 46  GLN C CG  1 
ATOM   278  C CD  . GLN A 1 37  ? -1.981  -10.573 -16.348 1.00 38.83 ? 46  GLN C CD  1 
ATOM   279  O OE1 . GLN A 1 37  ? -2.164  -10.430 -17.559 1.00 41.20 ? 46  GLN C OE1 1 
ATOM   280  N NE2 . GLN A 1 37  ? -1.552  -11.713 -15.820 1.00 36.88 ? 46  GLN C NE2 1 
ATOM   281  N N   . GLY A 1 38  ? -4.387  -10.574 -11.198 1.00 34.22 ? 47  GLY C N   1 
ATOM   282  C CA  . GLY A 1 38  ? -4.404  -10.657 -9.747  1.00 37.50 ? 47  GLY C CA  1 
ATOM   283  C C   . GLY A 1 38  ? -4.003  -12.000 -9.162  1.00 42.21 ? 47  GLY C C   1 
ATOM   284  O O   . GLY A 1 38  ? -3.428  -12.063 -8.074  1.00 41.78 ? 47  GLY C O   1 
ATOM   285  N N   . HIS A 1 39  ? -4.303  -13.075 -9.881  1.00 44.29 ? 48  HIS C N   1 
ATOM   286  C CA  . HIS A 1 39  ? -3.967  -14.426 -9.432  1.00 46.39 ? 48  HIS C CA  1 
ATOM   287  C C   . HIS A 1 39  ? -2.478  -14.697 -9.633  1.00 45.10 ? 48  HIS C C   1 
ATOM   288  O O   . HIS A 1 39  ? -2.024  -15.833 -9.534  1.00 49.52 ? 48  HIS C O   1 
ATOM   289  C CB  . HIS A 1 39  ? -4.781  -15.455 -10.223 1.00 49.09 ? 48  HIS C CB  1 
ATOM   290  C CG  . HIS A 1 39  ? -4.585  -15.366 -11.705 1.00 52.97 ? 48  HIS C CG  1 
ATOM   291  N ND1 . HIS A 1 39  ? -4.984  -14.274 -12.446 1.00 54.20 ? 48  HIS C ND1 1 
ATOM   292  C CD2 . HIS A 1 39  ? -4.019  -16.229 -12.583 1.00 54.38 ? 48  HIS C CD2 1 
ATOM   293  C CE1 . HIS A 1 39  ? -4.672  -14.468 -13.715 1.00 55.04 ? 48  HIS C CE1 1 
ATOM   294  N NE2 . HIS A 1 39  ? -4.086  -15.646 -13.825 1.00 54.86 ? 48  HIS C NE2 1 
ATOM   295  N N   . ARG A 1 40  ? -1.725  -13.635 -9.902  1.00 42.33 ? 49  ARG C N   1 
ATOM   296  C CA  . ARG A 1 40  ? -0.287  -13.721 -10.149 1.00 39.64 ? 49  ARG C CA  1 
ATOM   297  C C   . ARG A 1 40  ? 0.494   -12.863 -9.141  1.00 35.26 ? 49  ARG C C   1 
ATOM   298  O O   . ARG A 1 40  ? 1.700   -12.669 -9.275  1.00 32.38 ? 49  ARG C O   1 
ATOM   299  C CB  . ARG A 1 40  ? -0.017  -13.232 -11.578 1.00 46.20 ? 49  ARG C CB  1 
ATOM   300  C CG  . ARG A 1 40  ? 1.335   -13.574 -12.179 1.00 55.28 ? 49  ARG C CG  1 
ATOM   301  C CD  . ARG A 1 40  ? 1.464   -12.882 -13.534 1.00 62.06 ? 49  ARG C CD  1 
ATOM   302  N NE  . ARG A 1 40  ? 2.642   -13.285 -14.297 1.00 66.14 ? 49  ARG C NE  1 
ATOM   303  C CZ  . ARG A 1 40  ? 2.787   -14.471 -14.881 1.00 69.09 ? 49  ARG C CZ  1 
ATOM   304  N NH1 . ARG A 1 40  ? 1.825   -15.381 -14.790 1.00 70.22 ? 49  ARG C NH1 1 
ATOM   305  N NH2 . ARG A 1 40  ? 3.892   -14.743 -15.564 1.00 70.54 ? 49  ARG C NH2 1 
ATOM   306  N N   . ALA A 1 41  ? -0.210  -12.349 -8.137  1.00 30.17 ? 50  ALA C N   1 
ATOM   307  C CA  . ALA A 1 41  ? 0.386   -11.495 -7.109  1.00 26.11 ? 50  ALA C CA  1 
ATOM   308  C C   . ALA A 1 41  ? 1.596   -12.104 -6.396  1.00 24.59 ? 50  ALA C C   1 
ATOM   309  O O   . ALA A 1 41  ? 1.670   -13.315 -6.205  1.00 27.34 ? 50  ALA C O   1 
ATOM   310  C CB  . ALA A 1 41  ? -0.679  -11.118 -6.087  1.00 22.92 ? 50  ALA C CB  1 
ATOM   311  N N   . GLU A 1 42  ? 2.536   -11.246 -6.002  1.00 24.38 ? 51  GLU C N   1 
ATOM   312  C CA  . GLU A 1 42  ? 3.747   -11.661 -5.292  1.00 24.36 ? 51  GLU C CA  1 
ATOM   313  C C   . GLU A 1 42  ? 3.674   -11.239 -3.826  1.00 22.49 ? 51  GLU C C   1 
ATOM   314  O O   . GLU A 1 42  ? 3.077   -10.211 -3.504  1.00 21.73 ? 51  GLU C O   1 
ATOM   315  C CB  . GLU A 1 42  ? 4.977   -11.002 -5.921  1.00 28.72 ? 51  GLU C CB  1 
ATOM   316  C CG  . GLU A 1 42  ? 5.166   -11.309 -7.396  1.00 36.84 ? 51  GLU C CG  1 
ATOM   317  C CD  . GLU A 1 42  ? 5.909   -12.606 -7.634  1.00 41.69 ? 51  GLU C CD  1 
ATOM   318  O OE1 . GLU A 1 42  ? 5.767   -13.539 -6.815  1.00 44.25 ? 51  GLU C OE1 1 
ATOM   319  O OE2 . GLU A 1 42  ? 6.630   -12.690 -8.650  1.00 46.15 ? 51  GLU C OE2 1 
ATOM   320  N N   . ALA A 1 43  ? 4.288   -12.019 -2.941  1.00 18.17 ? 52  ALA C N   1 
ATOM   321  C CA  . ALA A 1 43  ? 4.302   -11.679 -1.523  1.00 19.07 ? 52  ALA C CA  1 
ATOM   322  C C   . ALA A 1 43  ? 4.970   -10.313 -1.454  1.00 19.46 ? 52  ALA C C   1 
ATOM   323  O O   . ALA A 1 43  ? 6.072   -10.123 -1.966  1.00 18.25 ? 52  ALA C O   1 
ATOM   324  C CB  . ALA A 1 43  ? 5.111   -12.715 -0.735  1.00 21.93 ? 52  ALA C CB  1 
ATOM   325  N N   . THR A 1 44  ? 4.299   -9.368  -0.812  1.00 18.25 ? 53  THR C N   1 
ATOM   326  C CA  . THR A 1 44  ? 4.796   -8.006  -0.729  1.00 15.47 ? 53  THR C CA  1 
ATOM   327  C C   . THR A 1 44  ? 4.960   -7.516  0.700   1.00 18.54 ? 53  THR C C   1 
ATOM   328  O O   . THR A 1 44  ? 4.090   -7.729  1.550   1.00 14.21 ? 53  THR C O   1 
ATOM   329  C CB  . THR A 1 44  ? 3.838   -7.067  -1.495  1.00 17.45 ? 53  THR C CB  1 
ATOM   330  O OG1 . THR A 1 44  ? 3.735   -7.516  -2.853  1.00 22.66 ? 53  THR C OG1 1 
ATOM   331  C CG2 . THR A 1 44  ? 4.340   -5.631  -1.476  1.00 16.20 ? 53  THR C CG2 1 
ATOM   332  N N   . THR A 1 45  ? 6.079   -6.843  0.948   1.00 17.22 ? 54  THR C N   1 
ATOM   333  C CA  . THR A 1 45  ? 6.399   -6.308  2.260   1.00 17.69 ? 54  THR C CA  1 
ATOM   334  C C   . THR A 1 45  ? 6.643   -4.808  2.162   1.00 19.69 ? 54  THR C C   1 
ATOM   335  O O   . THR A 1 45  ? 7.176   -4.314  1.168   1.00 16.65 ? 54  THR C O   1 
ATOM   336  C CB  . THR A 1 45  ? 7.671   -6.982  2.829   1.00 22.64 ? 54  THR C CB  1 
ATOM   337  O OG1 . THR A 1 45  ? 7.490   -8.402  2.841   1.00 28.56 ? 54  THR C OG1 1 
ATOM   338  C CG2 . THR A 1 45  ? 7.946   -6.506  4.245   1.00 28.16 ? 54  THR C CG2 1 
ATOM   339  N N   . LEU A 1 46  ? 6.253   -4.084  3.202   1.00 16.21 ? 55  LEU C N   1 
ATOM   340  C CA  . LEU A 1 46  ? 6.434   -2.644  3.231   1.00 18.73 ? 55  LEU C CA  1 
ATOM   341  C C   . LEU A 1 46  ? 7.307   -2.288  4.430   1.00 21.39 ? 55  LEU C C   1 
ATOM   342  O O   . LEU A 1 46  ? 7.151   -2.857  5.511   1.00 21.98 ? 55  LEU C O   1 
ATOM   343  C CB  . LEU A 1 46  ? 5.069   -1.952  3.367   1.00 21.95 ? 55  LEU C CB  1 
ATOM   344  C CG  . LEU A 1 46  ? 4.920   -0.489  2.956   1.00 26.43 ? 55  LEU C CG  1 
ATOM   345  C CD1 . LEU A 1 46  ? 4.856   -0.381  1.430   1.00 28.29 ? 55  LEU C CD1 1 
ATOM   346  C CD2 . LEU A 1 46  ? 3.647   0.073   3.562   1.00 24.56 ? 55  LEU C CD2 1 
ATOM   347  N N   . HIS A 1 47  ? 8.246   -1.370  4.237   1.00 18.25 ? 56  HIS C N   1 
ATOM   348  C CA  . HIS A 1 47  ? 9.084   -0.930  5.342   1.00 18.90 ? 56  HIS C CA  1 
ATOM   349  C C   . HIS A 1 47  ? 9.003   0.587   5.410   1.00 21.69 ? 56  HIS C C   1 
ATOM   350  O O   . HIS A 1 47  ? 9.392   1.286   4.474   1.00 19.96 ? 56  HIS C O   1 
ATOM   351  C CB  . HIS A 1 47  ? 10.539  -1.381  5.175   1.00 21.69 ? 56  HIS C CB  1 
ATOM   352  C CG  . HIS A 1 47  ? 11.402  -1.027  6.345   1.00 27.38 ? 56  HIS C CG  1 
ATOM   353  N ND1 . HIS A 1 47  ? 11.952  0.226   6.512   1.00 29.06 ? 56  HIS C ND1 1 
ATOM   354  C CD2 . HIS A 1 47  ? 11.731  -1.731  7.454   1.00 30.95 ? 56  HIS C CD2 1 
ATOM   355  C CE1 . HIS A 1 47  ? 12.579  0.279   7.673   1.00 32.24 ? 56  HIS C CE1 1 
ATOM   356  N NE2 . HIS A 1 47  ? 12.460  -0.895  8.265   1.00 33.08 ? 56  HIS C NE2 1 
ATOM   357  N N   . VAL A 1 48  ? 8.497   1.080   6.535   1.00 18.31 ? 57  VAL C N   1 
ATOM   358  C CA  . VAL A 1 48  ? 8.291   2.504   6.749   1.00 18.59 ? 57  VAL C CA  1 
ATOM   359  C C   . VAL A 1 48  ? 9.234   3.149   7.748   1.00 20.67 ? 57  VAL C C   1 
ATOM   360  O O   . VAL A 1 48  ? 9.500   2.601   8.817   1.00 19.72 ? 57  VAL C O   1 
ATOM   361  C CB  . VAL A 1 48  ? 6.856   2.760   7.237   1.00 20.10 ? 57  VAL C CB  1 
ATOM   362  C CG1 . VAL A 1 48  ? 6.572   4.250   7.256   1.00 25.29 ? 57  VAL C CG1 1 
ATOM   363  C CG2 . VAL A 1 48  ? 5.869   2.022   6.349   1.00 24.11 ? 57  VAL C CG2 1 
ATOM   364  N N   . ALA A 1 49  ? 9.724   4.333   7.401   1.00 23.93 ? 58  ALA C N   1 
ATOM   365  C CA  . ALA A 1 49  ? 10.627  5.067   8.272   1.00 25.86 ? 58  ALA C CA  1 
ATOM   366  C C   . ALA A 1 49  ? 10.303  6.549   8.182   1.00 25.74 ? 58  ALA C C   1 
ATOM   367  O O   . ALA A 1 49  ? 10.363  7.139   7.108   1.00 26.35 ? 58  ALA C O   1 
ATOM   368  C CB  . ALA A 1 49  ? 12.074  4.816   7.863   1.00 28.48 ? 58  ALA C CB  1 
ATOM   369  N N   . PRO A 1 50  ? 9.928   7.162   9.314   1.00 24.86 ? 59  PRO C N   1 
ATOM   370  C CA  . PRO A 1 50  ? 9.594   8.586   9.351   1.00 24.84 ? 59  PRO C CA  1 
ATOM   371  C C   . PRO A 1 50  ? 10.756  9.437   8.856   1.00 23.97 ? 59  PRO C C   1 
ATOM   372  O O   . PRO A 1 50  ? 11.911  9.163   9.168   1.00 24.81 ? 59  PRO C O   1 
ATOM   373  C CB  . PRO A 1 50  ? 9.302   8.834   10.828  1.00 26.39 ? 59  PRO C CB  1 
ATOM   374  C CG  . PRO A 1 50  ? 8.768   7.515   11.293  1.00 29.00 ? 59  PRO C CG  1 
ATOM   375  C CD  . PRO A 1 50  ? 9.706   6.538   10.630  1.00 26.22 ? 59  PRO C CD  1 
ATOM   376  N N   . GLN A 1 51  ? 10.438  10.458  8.072   1.00 26.14 ? 60  GLN C N   1 
ATOM   377  C CA  . GLN A 1 51  ? 11.441  11.372  7.543   1.00 28.85 ? 60  GLN C CA  1 
ATOM   378  C C   . GLN A 1 51  ? 10.842  12.754  7.761   1.00 29.42 ? 60  GLN C C   1 
ATOM   379  O O   . GLN A 1 51  ? 10.299  13.362  6.839   1.00 30.99 ? 60  GLN C O   1 
ATOM   380  C CB  . GLN A 1 51  ? 11.671  11.111  6.051   1.00 31.42 ? 60  GLN C CB  1 
ATOM   381  C CG  . GLN A 1 51  ? 12.828  11.904  5.455   1.00 35.38 ? 60  GLN C CG  1 
ATOM   382  C CD  . GLN A 1 51  ? 13.013  11.650  3.973   1.00 35.35 ? 60  GLN C CD  1 
ATOM   383  O OE1 . GLN A 1 51  ? 13.199  10.512  3.543   1.00 34.12 ? 60  GLN C OE1 1 
ATOM   384  N NE2 . GLN A 1 51  ? 12.968  12.717  3.181   1.00 36.73 ? 60  GLN C NE2 1 
ATOM   385  N N   . GLY A 1 52  ? 10.933  13.235  8.996   1.00 31.84 ? 61  GLY C N   1 
ATOM   386  C CA  . GLY A 1 52  ? 10.356  14.521  9.325   1.00 33.74 ? 61  GLY C CA  1 
ATOM   387  C C   . GLY A 1 52  ? 8.870   14.268  9.459   1.00 35.22 ? 61  GLY C C   1 
ATOM   388  O O   . GLY A 1 52  ? 8.453   13.407  10.233  1.00 37.17 ? 61  GLY C O   1 
ATOM   389  N N   . THR A 1 53  ? 8.061   14.998  8.703   1.00 33.98 ? 62  THR C N   1 
ATOM   390  C CA  . THR A 1 53  ? 6.622   14.793  8.751   1.00 33.26 ? 62  THR C CA  1 
ATOM   391  C C   . THR A 1 53  ? 6.189   13.902  7.582   1.00 28.79 ? 62  THR C C   1 
ATOM   392  O O   . THR A 1 53  ? 5.012   13.573  7.438   1.00 30.72 ? 62  THR C O   1 
ATOM   393  C CB  . THR A 1 53  ? 5.865   16.135  8.706   1.00 34.52 ? 62  THR C CB  1 
ATOM   394  O OG1 . THR A 1 53  ? 4.460   15.888  8.563   1.00 43.90 ? 62  THR C OG1 1 
ATOM   395  C CG2 . THR A 1 53  ? 6.359   16.990  7.553   1.00 33.05 ? 62  THR C CG2 1 
ATOM   396  N N   . ALA A 1 54  ? 7.155   13.518  6.750   1.00 24.28 ? 63  ALA C N   1 
ATOM   397  C CA  . ALA A 1 54  ? 6.907   12.646  5.605   1.00 21.29 ? 63  ALA C CA  1 
ATOM   398  C C   . ALA A 1 54  ? 7.340   11.230  5.992   1.00 21.67 ? 63  ALA C C   1 
ATOM   399  O O   . ALA A 1 54  ? 7.826   11.016  7.103   1.00 22.38 ? 63  ALA C O   1 
ATOM   400  C CB  . ALA A 1 54  ? 7.708   13.131  4.398   1.00 20.24 ? 63  ALA C CB  1 
ATOM   401  N N   . MET A 1 55  ? 7.166   10.264  5.092   1.00 19.71 ? 64  MET C N   1 
ATOM   402  C CA  . MET A 1 55  ? 7.572   8.892   5.396   1.00 19.11 ? 64  MET C CA  1 
ATOM   403  C C   . MET A 1 55  ? 8.281   8.227   4.235   1.00 18.21 ? 64  MET C C   1 
ATOM   404  O O   . MET A 1 55  ? 7.758   8.185   3.123   1.00 17.46 ? 64  MET C O   1 
ATOM   405  C CB  . MET A 1 55  ? 6.362   8.036   5.804   1.00 17.60 ? 64  MET C CB  1 
ATOM   406  C CG  . MET A 1 55  ? 5.611   8.557   7.021   1.00 16.97 ? 64  MET C CG  1 
ATOM   407  S SD  . MET A 1 55  ? 4.537   7.303   7.762   1.00 22.33 ? 64  MET C SD  1 
ATOM   408  C CE  . MET A 1 55  ? 3.600   6.778   6.321   1.00 21.38 ? 64  MET C CE  1 
ATOM   409  N N   . ALA A 1 56  ? 9.483   7.725   4.490   1.00 17.53 ? 65  ALA C N   1 
ATOM   410  C CA  . ALA A 1 56  ? 10.225  7.024   3.456   1.00 17.72 ? 65  ALA C CA  1 
ATOM   411  C C   . ALA A 1 56  ? 9.653   5.612   3.478   1.00 17.35 ? 65  ALA C C   1 
ATOM   412  O O   . ALA A 1 56  ? 9.584   4.979   4.537   1.00 15.87 ? 65  ALA C O   1 
ATOM   413  C CB  . ALA A 1 56  ? 11.716  7.000   3.784   1.00 18.09 ? 65  ALA C CB  1 
ATOM   414  N N   . VAL A 1 57  ? 9.240   5.122   2.317   1.00 14.90 ? 66  VAL C N   1 
ATOM   415  C CA  . VAL A 1 57  ? 8.647   3.794   2.226   1.00 16.04 ? 66  VAL C CA  1 
ATOM   416  C C   . VAL A 1 57  ? 9.319   2.899   1.198   1.00 17.62 ? 66  VAL C C   1 
ATOM   417  O O   . VAL A 1 57  ? 9.448   3.263   0.029   1.00 20.83 ? 66  VAL C O   1 
ATOM   418  C CB  . VAL A 1 57  ? 7.153   3.882   1.860   1.00 18.00 ? 66  VAL C CB  1 
ATOM   419  C CG1 . VAL A 1 57  ? 6.567   2.482   1.753   1.00 18.45 ? 66  VAL C CG1 1 
ATOM   420  C CG2 . VAL A 1 57  ? 6.402   4.700   2.903   1.00 14.34 ? 66  VAL C CG2 1 
ATOM   421  N N   . SER A 1 58  ? 9.756   1.728   1.645   1.00 16.24 ? 67  SER C N   1 
ATOM   422  C CA  . SER A 1 58  ? 10.382  0.766   0.753   1.00 17.64 ? 67  SER C CA  1 
ATOM   423  C C   . SER A 1 58  ? 9.443   -0.416  0.617   1.00 17.95 ? 67  SER C C   1 
ATOM   424  O O   . SER A 1 58  ? 8.856   -0.869  1.604   1.00 19.58 ? 67  SER C O   1 
ATOM   425  C CB  . SER A 1 58  ? 11.728  0.292   1.310   1.00 20.07 ? 67  SER C CB  1 
ATOM   426  O OG  . SER A 1 58  ? 12.721  1.284   1.149   1.00 23.62 ? 67  SER C OG  1 
ATOM   427  N N   . THR A 1 59  ? 9.279   -0.898  -0.609  1.00 13.68 ? 68  THR C N   1 
ATOM   428  C CA  . THR A 1 59  ? 8.420   -2.043  -0.859  1.00 12.38 ? 68  THR C CA  1 
ATOM   429  C C   . THR A 1 59  ? 9.304   -3.165  -1.378  1.00 17.24 ? 68  THR C C   1 
ATOM   430  O O   . THR A 1 59  ? 10.112  -2.960  -2.284  1.00 17.48 ? 68  THR C O   1 
ATOM   431  C CB  . THR A 1 59  ? 7.332   -1.707  -1.896  1.00 13.14 ? 68  THR C CB  1 
ATOM   432  O OG1 . THR A 1 59  ? 6.523   -0.626  -1.403  1.00 15.10 ? 68  THR C OG1 1 
ATOM   433  C CG2 . THR A 1 59  ? 6.445   -2.914  -2.144  1.00 16.65 ? 68  THR C CG2 1 
ATOM   434  N N   . PHE A 1 60  ? 9.162   -4.342  -0.781  1.00 15.54 ? 69  PHE C N   1 
ATOM   435  C CA  . PHE A 1 60  ? 9.953   -5.500  -1.168  1.00 16.27 ? 69  PHE C CA  1 
ATOM   436  C C   . PHE A 1 60  ? 9.076   -6.578  -1.770  1.00 17.27 ? 69  PHE C C   1 
ATOM   437  O O   . PHE A 1 60  ? 8.034   -6.931  -1.225  1.00 17.41 ? 69  PHE C O   1 
ATOM   438  C CB  . PHE A 1 60  ? 10.696  -6.068  0.045   1.00 17.35 ? 69  PHE C CB  1 
ATOM   439  C CG  . PHE A 1 60  ? 11.713  -5.132  0.633   1.00 18.70 ? 69  PHE C CG  1 
ATOM   440  C CD1 . PHE A 1 60  ? 11.336  -4.128  1.523   1.00 19.75 ? 69  PHE C CD1 1 
ATOM   441  C CD2 . PHE A 1 60  ? 13.061  -5.264  0.300   1.00 19.17 ? 69  PHE C CD2 1 
ATOM   442  C CE1 . PHE A 1 60  ? 12.292  -3.269  2.079   1.00 20.63 ? 69  PHE C CE1 1 
ATOM   443  C CE2 . PHE A 1 60  ? 14.022  -4.415  0.846   1.00 21.21 ? 69  PHE C CE2 1 
ATOM   444  C CZ  . PHE A 1 60  ? 13.638  -3.414  1.739   1.00 24.03 ? 69  PHE C CZ  1 
ATOM   445  N N   . ARG A 1 61  ? 9.500   -7.101  -2.910  1.00 14.65 ? 70  ARG C N   1 
ATOM   446  C CA  . ARG A 1 61  ? 8.753   -8.151  -3.579  1.00 17.74 ? 70  ARG C CA  1 
ATOM   447  C C   . ARG A 1 61  ? 9.593   -8.712  -4.709  1.00 19.40 ? 70  ARG C C   1 
ATOM   448  O O   . ARG A 1 61  ? 10.516  -8.060  -5.200  1.00 18.78 ? 70  ARG C O   1 
ATOM   449  C CB  . ARG A 1 61  ? 7.452   -7.598  -4.158  1.00 21.12 ? 70  ARG C CB  1 
ATOM   450  C CG  . ARG A 1 61  ? 7.657   -6.386  -5.066  1.00 24.98 ? 70  ARG C CG  1 
ATOM   451  C CD  . ARG A 1 61  ? 6.488   -6.214  -6.011  1.00 25.90 ? 70  ARG C CD  1 
ATOM   452  N NE  . ARG A 1 61  ? 6.474   -7.235  -7.053  1.00 27.71 ? 70  ARG C NE  1 
ATOM   453  C CZ  . ARG A 1 61  ? 5.526   -7.342  -7.980  1.00 29.91 ? 70  ARG C CZ  1 
ATOM   454  N NH1 . ARG A 1 61  ? 4.511   -6.488  -7.993  1.00 28.29 ? 70  ARG C NH1 1 
ATOM   455  N NH2 . ARG A 1 61  ? 5.595   -8.300  -8.896  1.00 29.76 ? 70  ARG C NH2 1 
ATOM   456  N N   . LYS A 1 62  ? 9.249   -9.916  -5.131  1.00 21.73 ? 71  LYS C N   1 
ATOM   457  C CA  . LYS A 1 62  ? 9.963   -10.572 -6.208  1.00 24.31 ? 71  LYS C CA  1 
ATOM   458  C C   . LYS A 1 62  ? 9.396   -10.193 -7.569  1.00 26.32 ? 71  LYS C C   1 
ATOM   459  O O   . LYS A 1 62  ? 8.243   -9.777  -7.691  1.00 23.26 ? 71  LYS C O   1 
ATOM   460  C CB  . LYS A 1 62  ? 9.909   -12.094 -6.011  1.00 26.92 ? 71  LYS C CB  1 
ATOM   461  C CG  . LYS A 1 62  ? 10.868  -12.586 -4.933  1.00 31.46 ? 71  LYS C CG  1 
ATOM   462  C CD  . LYS A 1 62  ? 10.380  -13.843 -4.228  1.00 40.09 ? 71  LYS C CD  1 
ATOM   463  C CE  . LYS A 1 62  ? 10.399  -15.063 -5.119  1.00 43.89 ? 71  LYS C CE  1 
ATOM   464  N NZ  . LYS A 1 62  ? 9.998   -16.277 -4.348  1.00 46.81 ? 71  LYS C NZ  1 
ATOM   465  N N   . LEU A 1 63  ? 10.248  -10.309 -8.581  1.00 26.35 ? 72  LEU C N   1 
ATOM   466  C CA  . LEU A 1 63  ? 9.897   -10.040 -9.967  1.00 28.28 ? 72  LEU C CA  1 
ATOM   467  C C   . LEU A 1 63  ? 10.708  -11.075 -10.737 1.00 28.28 ? 72  LEU C C   1 
ATOM   468  O O   . LEU A 1 63  ? 11.935  -11.057 -10.692 1.00 30.87 ? 72  LEU C O   1 
ATOM   469  C CB  . LEU A 1 63  ? 10.325  -8.629  -10.373 1.00 24.32 ? 72  LEU C CB  1 
ATOM   470  C CG  . LEU A 1 63  ? 10.073  -8.240  -11.838 1.00 27.37 ? 72  LEU C CG  1 
ATOM   471  C CD1 . LEU A 1 63  ? 8.581   -8.268  -12.125 1.00 27.88 ? 72  LEU C CD1 1 
ATOM   472  C CD2 . LEU A 1 63  ? 10.645  -6.855  -12.120 1.00 26.62 ? 72  LEU C CD2 1 
ATOM   473  N N   . ASP A 1 64  ? 10.023  -11.988 -11.417 1.00 32.49 ? 73  ASP C N   1 
ATOM   474  C CA  . ASP A 1 64  ? 10.688  -13.041 -12.177 1.00 37.21 ? 73  ASP C CA  1 
ATOM   475  C C   . ASP A 1 64  ? 11.572  -13.897 -11.278 1.00 37.38 ? 73  ASP C C   1 
ATOM   476  O O   . ASP A 1 64  ? 12.609  -14.399 -11.708 1.00 40.16 ? 73  ASP C O   1 
ATOM   477  C CB  . ASP A 1 64  ? 11.532  -12.439 -13.304 1.00 39.68 ? 73  ASP C CB  1 
ATOM   478  C CG  . ASP A 1 64  ? 10.711  -11.600 -14.259 1.00 44.02 ? 73  ASP C CG  1 
ATOM   479  O OD1 . ASP A 1 64  ? 9.631   -12.068 -14.682 1.00 45.19 ? 73  ASP C OD1 1 
ATOM   480  O OD2 . ASP A 1 64  ? 11.153  -10.478 -14.593 1.00 45.42 ? 73  ASP C OD2 1 
ATOM   481  N N   . GLY A 1 65  ? 11.154  -14.051 -10.025 1.00 36.16 ? 74  GLY C N   1 
ATOM   482  C CA  . GLY A 1 65  ? 11.904  -14.859 -9.081  1.00 32.92 ? 74  GLY C CA  1 
ATOM   483  C C   . GLY A 1 65  ? 13.018  -14.142 -8.344  1.00 31.93 ? 74  GLY C C   1 
ATOM   484  O O   . GLY A 1 65  ? 13.671  -14.736 -7.488  1.00 35.57 ? 74  GLY C O   1 
ATOM   485  N N   . ILE A 1 66  ? 13.235  -12.868 -8.656  1.00 30.68 ? 75  ILE C N   1 
ATOM   486  C CA  . ILE A 1 66  ? 14.296  -12.103 -8.008  1.00 27.84 ? 75  ILE C CA  1 
ATOM   487  C C   . ILE A 1 66  ? 13.748  -11.004 -7.093  1.00 25.22 ? 75  ILE C C   1 
ATOM   488  O O   . ILE A 1 66  ? 12.833  -10.275 -7.473  1.00 24.03 ? 75  ILE C O   1 
ATOM   489  C CB  . ILE A 1 66  ? 15.220  -11.459 -9.067  1.00 28.22 ? 75  ILE C CB  1 
ATOM   490  C CG1 . ILE A 1 66  ? 15.787  -12.545 -9.990  1.00 33.77 ? 75  ILE C CG1 1 
ATOM   491  C CG2 . ILE A 1 66  ? 16.349  -10.707 -8.382  1.00 29.69 ? 75  ILE C CG2 1 
ATOM   492  C CD1 . ILE A 1 66  ? 16.616  -12.010 -11.146 1.00 34.93 ? 75  ILE C CD1 1 
ATOM   493  N N   . CYS A 1 67  ? 14.316  -10.886 -5.895  1.00 23.64 ? 76  CYS C N   1 
ATOM   494  C CA  . CYS A 1 67  ? 13.871  -9.881  -4.935  1.00 25.83 ? 76  CYS C CA  1 
ATOM   495  C C   . CYS A 1 67  ? 14.230  -8.451  -5.313  1.00 24.90 ? 76  CYS C C   1 
ATOM   496  O O   . CYS A 1 67  ? 15.384  -8.141  -5.618  1.00 24.25 ? 76  CYS C O   1 
ATOM   497  C CB  . CYS A 1 67  ? 14.424  -10.184 -3.540  1.00 28.20 ? 76  CYS C CB  1 
ATOM   498  S SG  . CYS A 1 67  ? 13.526  -11.510 -2.670  1.00 35.96 ? 76  CYS C SG  1 
ATOM   499  N N   . TRP A 1 68  ? 13.223  -7.584  -5.282  1.00 20.67 ? 77  TRP C N   1 
ATOM   500  C CA  . TRP A 1 68  ? 13.396  -6.177  -5.606  1.00 19.58 ? 77  TRP C CA  1 
ATOM   501  C C   . TRP A 1 68  ? 13.003  -5.289  -4.439  1.00 20.13 ? 77  TRP C C   1 
ATOM   502  O O   . TRP A 1 68  ? 12.198  -5.674  -3.586  1.00 17.85 ? 77  TRP C O   1 
ATOM   503  C CB  . TRP A 1 68  ? 12.530  -5.780  -6.802  1.00 20.27 ? 77  TRP C CB  1 
ATOM   504  C CG  . TRP A 1 68  ? 13.150  -6.053  -8.130  1.00 20.35 ? 77  TRP C CG  1 
ATOM   505  C CD1 . TRP A 1 68  ? 13.191  -7.247  -8.789  1.00 23.56 ? 77  TRP C CD1 1 
ATOM   506  C CD2 . TRP A 1 68  ? 13.831  -5.110  -8.960  1.00 19.79 ? 77  TRP C CD2 1 
ATOM   507  N NE1 . TRP A 1 68  ? 13.858  -7.107  -9.985  1.00 22.69 ? 77  TRP C NE1 1 
ATOM   508  C CE2 . TRP A 1 68  ? 14.264  -5.805  -10.115 1.00 20.19 ? 77  TRP C CE2 1 
ATOM   509  C CE3 . TRP A 1 68  ? 14.122  -3.744  -8.843  1.00 19.40 ? 77  TRP C CE3 1 
ATOM   510  C CZ2 . TRP A 1 68  ? 14.971  -5.177  -11.150 1.00 21.60 ? 77  TRP C CZ2 1 
ATOM   511  C CZ3 . TRP A 1 68  ? 14.825  -3.118  -9.869  1.00 22.37 ? 77  TRP C CZ3 1 
ATOM   512  C CH2 . TRP A 1 68  ? 15.243  -3.840  -11.010 1.00 21.20 ? 77  TRP C CH2 1 
ATOM   513  N N   . GLN A 1 69  ? 13.585  -4.098  -4.417  1.00 19.24 ? 78  GLN C N   1 
ATOM   514  C CA  . GLN A 1 69  ? 13.282  -3.105  -3.405  1.00 19.00 ? 78  GLN C CA  1 
ATOM   515  C C   . GLN A 1 69  ? 12.901  -1.834  -4.151  1.00 21.10 ? 78  GLN C C   1 
ATOM   516  O O   . GLN A 1 69  ? 13.676  -1.334  -4.969  1.00 21.21 ? 78  GLN C O   1 
ATOM   517  C CB  . GLN A 1 69  ? 14.496  -2.813  -2.529  1.00 18.66 ? 78  GLN C CB  1 
ATOM   518  C CG  . GLN A 1 69  ? 14.161  -1.918  -1.349  1.00 24.09 ? 78  GLN C CG  1 
ATOM   519  C CD  . GLN A 1 69  ? 15.380  -1.286  -0.714  1.00 28.59 ? 78  GLN C CD  1 
ATOM   520  O OE1 . GLN A 1 69  ? 16.482  -1.829  -0.782  1.00 30.42 ? 78  GLN C OE1 1 
ATOM   521  N NE2 . GLN A 1 69  ? 15.184  -0.138  -0.072  1.00 28.12 ? 78  GLN C NE2 1 
ATOM   522  N N   . VAL A 1 70  ? 11.703  -1.325  -3.886  1.00 17.69 ? 79  VAL C N   1 
ATOM   523  C CA  . VAL A 1 70  ? 11.244  -0.091  -4.516  1.00 16.85 ? 79  VAL C CA  1 
ATOM   524  C C   . VAL A 1 70  ? 11.276  0.983   -3.434  1.00 18.04 ? 79  VAL C C   1 
ATOM   525  O O   . VAL A 1 70  ? 10.676  0.817   -2.378  1.00 18.43 ? 79  VAL C O   1 
ATOM   526  C CB  . VAL A 1 70  ? 9.794   -0.210  -5.040  1.00 18.31 ? 79  VAL C CB  1 
ATOM   527  C CG1 . VAL A 1 70  ? 9.374   1.093   -5.707  1.00 19.18 ? 79  VAL C CG1 1 
ATOM   528  C CG2 . VAL A 1 70  ? 9.678   -1.367  -6.016  1.00 19.68 ? 79  VAL C CG2 1 
ATOM   529  N N   . ARG A 1 71  ? 11.978  2.080   -3.692  1.00 17.02 ? 80  ARG C N   1 
ATOM   530  C CA  . ARG A 1 71  ? 12.069  3.160   -2.719  1.00 17.83 ? 80  ARG C CA  1 
ATOM   531  C C   . ARG A 1 71  ? 11.178  4.326   -3.127  1.00 18.15 ? 80  ARG C C   1 
ATOM   532  O O   . ARG A 1 71  ? 11.320  4.864   -4.222  1.00 19.94 ? 80  ARG C O   1 
ATOM   533  C CB  . ARG A 1 71  ? 13.520  3.644   -2.593  1.00 24.01 ? 80  ARG C CB  1 
ATOM   534  C CG  . ARG A 1 71  ? 14.477  2.596   -2.051  1.00 30.91 ? 80  ARG C CG  1 
ATOM   535  C CD  . ARG A 1 71  ? 15.903  3.127   -1.889  1.00 39.03 ? 80  ARG C CD  1 
ATOM   536  N NE  . ARG A 1 71  ? 16.758  2.118   -1.260  1.00 48.25 ? 80  ARG C NE  1 
ATOM   537  C CZ  . ARG A 1 71  ? 18.071  2.235   -1.078  1.00 50.98 ? 80  ARG C CZ  1 
ATOM   538  N NH1 . ARG A 1 71  ? 18.709  3.328   -1.478  1.00 53.45 ? 80  ARG C NH1 1 
ATOM   539  N NH2 . ARG A 1 71  ? 18.746  1.254   -0.487  1.00 51.57 ? 80  ARG C NH2 1 
ATOM   540  N N   . GLN A 1 72  ? 10.254  4.707   -2.249  1.00 16.23 ? 81  GLN C N   1 
ATOM   541  C CA  . GLN A 1 72  ? 9.358   5.822   -2.530  1.00 15.81 ? 81  GLN C CA  1 
ATOM   542  C C   . GLN A 1 72  ? 9.324   6.750   -1.338  1.00 16.90 ? 81  GLN C C   1 
ATOM   543  O O   . GLN A 1 72  ? 9.807   6.413   -0.256  1.00 18.45 ? 81  GLN C O   1 
ATOM   544  C CB  . GLN A 1 72  ? 7.935   5.331   -2.797  1.00 17.00 ? 81  GLN C CB  1 
ATOM   545  C CG  . GLN A 1 72  ? 7.750   4.558   -4.086  1.00 17.86 ? 81  GLN C CG  1 
ATOM   546  C CD  . GLN A 1 72  ? 6.354   3.982   -4.194  1.00 18.76 ? 81  GLN C CD  1 
ATOM   547  O OE1 . GLN A 1 72  ? 5.911   3.253   -3.304  1.00 17.60 ? 81  GLN C OE1 1 
ATOM   548  N NE2 . GLN A 1 72  ? 5.649   4.313   -5.274  1.00 18.49 ? 81  GLN C NE2 1 
ATOM   549  N N   . LEU A 1 73  ? 8.741   7.923   -1.536  1.00 17.39 ? 82  LEU C N   1 
ATOM   550  C CA  . LEU A 1 73  ? 8.626   8.883   -0.457  1.00 15.01 ? 82  LEU C CA  1 
ATOM   551  C C   . LEU A 1 73  ? 7.182   9.344   -0.351  1.00 16.40 ? 82  LEU C C   1 
ATOM   552  O O   . LEU A 1 73  ? 6.639   9.935   -1.279  1.00 18.22 ? 82  LEU C O   1 
ATOM   553  C CB  . LEU A 1 73  ? 9.540   10.081  -0.714  1.00 19.25 ? 82  LEU C CB  1 
ATOM   554  C CG  . LEU A 1 73  ? 9.480   11.226  0.302   1.00 23.35 ? 82  LEU C CG  1 
ATOM   555  C CD1 . LEU A 1 73  ? 9.808   10.719  1.693   1.00 22.33 ? 82  LEU C CD1 1 
ATOM   556  C CD2 . LEU A 1 73  ? 10.454  12.318  -0.118  1.00 25.39 ? 82  LEU C CD2 1 
ATOM   557  N N   . TYR A 1 74  ? 6.558   9.040   0.781   1.00 16.32 ? 83  TYR C N   1 
ATOM   558  C CA  . TYR A 1 74  ? 5.180   9.441   1.036   1.00 15.99 ? 83  TYR C CA  1 
ATOM   559  C C   . TYR A 1 74  ? 5.272   10.861  1.586   1.00 15.37 ? 83  TYR C C   1 
ATOM   560  O O   . TYR A 1 74  ? 5.556   11.061  2.768   1.00 16.16 ? 83  TYR C O   1 
ATOM   561  C CB  . TYR A 1 74  ? 4.543   8.507   2.072   1.00 14.35 ? 83  TYR C CB  1 
ATOM   562  C CG  . TYR A 1 74  ? 4.025   7.194   1.523   1.00 14.89 ? 83  TYR C CG  1 
ATOM   563  C CD1 . TYR A 1 74  ? 4.553   6.636   0.356   1.00 15.59 ? 83  TYR C CD1 1 
ATOM   564  C CD2 . TYR A 1 74  ? 3.024   6.496   2.193   1.00 15.94 ? 83  TYR C CD2 1 
ATOM   565  C CE1 . TYR A 1 74  ? 4.093   5.411   -0.129  1.00 16.51 ? 83  TYR C CE1 1 
ATOM   566  C CE2 . TYR A 1 74  ? 2.559   5.276   1.722   1.00 16.16 ? 83  TYR C CE2 1 
ATOM   567  C CZ  . TYR A 1 74  ? 3.095   4.735   0.563   1.00 18.97 ? 83  TYR C CZ  1 
ATOM   568  O OH  . TYR A 1 74  ? 2.631   3.514   0.123   1.00 18.60 ? 83  TYR C OH  1 
ATOM   569  N N   . GLY A 1 75  ? 5.039   11.838  0.718   1.00 16.88 ? 84  GLY C N   1 
ATOM   570  C CA  . GLY A 1 75  ? 5.128   13.233  1.118   1.00 16.01 ? 84  GLY C CA  1 
ATOM   571  C C   . GLY A 1 75  ? 4.037   13.743  2.038   1.00 18.77 ? 84  GLY C C   1 
ATOM   572  O O   . GLY A 1 75  ? 2.900   13.277  1.997   1.00 15.34 ? 84  GLY C O   1 
ATOM   573  N N   . ASP A 1 76  ? 4.396   14.714  2.873   1.00 16.92 ? 85  ASP C N   1 
ATOM   574  C CA  . ASP A 1 76  ? 3.459   15.325  3.806   1.00 18.93 ? 85  ASP C CA  1 
ATOM   575  C C   . ASP A 1 76  ? 2.587   16.336  3.061   1.00 20.87 ? 85  ASP C C   1 
ATOM   576  O O   . ASP A 1 76  ? 3.091   17.263  2.427   1.00 19.20 ? 85  ASP C O   1 
ATOM   577  C CB  . ASP A 1 76  ? 4.236   16.002  4.943   1.00 21.44 ? 85  ASP C CB  1 
ATOM   578  C CG  . ASP A 1 76  ? 3.350   16.849  5.840   1.00 24.28 ? 85  ASP C CG  1 
ATOM   579  O OD1 . ASP A 1 76  ? 2.149   16.544  5.967   1.00 24.49 ? 85  ASP C OD1 1 
ATOM   580  O OD2 . ASP A 1 76  ? 3.868   17.819  6.424   1.00 30.54 ? 85  ASP C OD2 1 
ATOM   581  N N   . THR A 1 77  ? 1.275   16.136  3.142   1.00 20.27 ? 86  THR C N   1 
ATOM   582  C CA  . THR A 1 77  ? 0.291   16.979  2.479   1.00 20.80 ? 86  THR C CA  1 
ATOM   583  C C   . THR A 1 77  ? -0.231  18.092  3.388   1.00 21.47 ? 86  THR C C   1 
ATOM   584  O O   . THR A 1 77  ? -1.019  18.924  2.952   1.00 22.18 ? 86  THR C O   1 
ATOM   585  C CB  . THR A 1 77  ? -0.925  16.147  2.047   1.00 21.27 ? 86  THR C CB  1 
ATOM   586  O OG1 . THR A 1 77  ? -1.546  15.593  3.216   1.00 25.25 ? 86  THR C OG1 1 
ATOM   587  C CG2 . THR A 1 77  ? -0.502  15.008  1.123   1.00 22.06 ? 86  THR C CG2 1 
ATOM   588  N N   . GLY A 1 78  ? 0.194   18.093  4.647   1.00 22.55 ? 87  GLY C N   1 
ATOM   589  C CA  . GLY A 1 78  ? -0.265  19.114  5.574   1.00 23.90 ? 87  GLY C CA  1 
ATOM   590  C C   . GLY A 1 78  ? -1.404  18.636  6.456   1.00 26.48 ? 87  GLY C C   1 
ATOM   591  O O   . GLY A 1 78  ? -1.875  19.367  7.326   1.00 29.71 ? 87  GLY C O   1 
ATOM   592  N N   . VAL A 1 79  ? -1.855  17.407  6.222   1.00 20.63 ? 88  VAL C N   1 
ATOM   593  C CA  . VAL A 1 79  ? -2.933  16.806  7.001   1.00 22.53 ? 88  VAL C CA  1 
ATOM   594  C C   . VAL A 1 79  ? -2.424  15.499  7.599   1.00 22.59 ? 88  VAL C C   1 
ATOM   595  O O   . VAL A 1 79  ? -1.990  14.608  6.867   1.00 18.76 ? 88  VAL C O   1 
ATOM   596  C CB  . VAL A 1 79  ? -4.164  16.507  6.116   1.00 23.91 ? 88  VAL C CB  1 
ATOM   597  C CG1 . VAL A 1 79  ? -5.296  15.948  6.970   1.00 27.65 ? 88  VAL C CG1 1 
ATOM   598  C CG2 . VAL A 1 79  ? -4.612  17.779  5.408   1.00 27.00 ? 88  VAL C CG2 1 
ATOM   599  N N   . LEU A 1 80  ? -2.477  15.386  8.925   1.00 21.69 ? 89  LEU C N   1 
ATOM   600  C CA  . LEU A 1 80  ? -2.008  14.182  9.612   1.00 22.96 ? 89  LEU C CA  1 
ATOM   601  C C   . LEU A 1 80  ? -2.654  12.906  9.081   1.00 20.68 ? 89  LEU C C   1 
ATOM   602  O O   . LEU A 1 80  ? -3.875  12.795  9.046   1.00 19.97 ? 89  LEU C O   1 
ATOM   603  C CB  . LEU A 1 80  ? -2.282  14.278  11.120  1.00 26.23 ? 89  LEU C CB  1 
ATOM   604  C CG  . LEU A 1 80  ? -1.116  14.580  12.060  1.00 32.72 ? 89  LEU C CG  1 
ATOM   605  C CD1 . LEU A 1 80  ? -1.584  14.382  13.505  1.00 32.06 ? 89  LEU C CD1 1 
ATOM   606  C CD2 . LEU A 1 80  ? 0.049   13.650  11.766  1.00 32.11 ? 89  LEU C CD2 1 
ATOM   607  N N   . GLY A 1 81  ? -1.831  11.946  8.673   1.00 19.66 ? 90  GLY C N   1 
ATOM   608  C CA  . GLY A 1 81  ? -2.365  10.691  8.170   1.00 17.76 ? 90  GLY C CA  1 
ATOM   609  C C   . GLY A 1 81  ? -2.562  10.645  6.667   1.00 19.69 ? 90  GLY C C   1 
ATOM   610  O O   . GLY A 1 81  ? -2.817  9.572   6.117   1.00 16.45 ? 90  GLY C O   1 
ATOM   611  N N   . ARG A 1 82  ? -2.464  11.795  6.004   1.00 16.98 ? 91  ARG C N   1 
ATOM   612  C CA  . ARG A 1 82  ? -2.626  11.849  4.551   1.00 18.91 ? 91  ARG C CA  1 
ATOM   613  C C   . ARG A 1 82  ? -1.274  12.103  3.912   1.00 18.83 ? 91  ARG C C   1 
ATOM   614  O O   . ARG A 1 82  ? -0.540  12.993  4.344   1.00 21.12 ? 91  ARG C O   1 
ATOM   615  C CB  . ARG A 1 82  ? -3.592  12.968  4.132   1.00 19.71 ? 91  ARG C CB  1 
ATOM   616  C CG  . ARG A 1 82  ? -5.062  12.747  4.498   1.00 22.79 ? 91  ARG C CG  1 
ATOM   617  C CD  . ARG A 1 82  ? -5.958  13.814  3.853   1.00 24.67 ? 91  ARG C CD  1 
ATOM   618  N NE  . ARG A 1 82  ? -7.353  13.721  4.288   1.00 27.14 ? 91  ARG C NE  1 
ATOM   619  C CZ  . ARG A 1 82  ? -8.204  12.777  3.896   1.00 27.00 ? 91  ARG C CZ  1 
ATOM   620  N NH1 . ARG A 1 82  ? -7.816  11.833  3.051   1.00 25.81 ? 91  ARG C NH1 1 
ATOM   621  N NH2 . ARG A 1 82  ? -9.448  12.774  4.352   1.00 30.47 ? 91  ARG C NH2 1 
ATOM   622  N N   . PHE A 1 83  ? -0.944  11.325  2.885   1.00 15.43 ? 92  PHE C N   1 
ATOM   623  C CA  . PHE A 1 83  ? 0.335   11.480  2.210   1.00 14.46 ? 92  PHE C CA  1 
ATOM   624  C C   . PHE A 1 83  ? 0.186   11.549  0.699   1.00 15.38 ? 92  PHE C C   1 
ATOM   625  O O   . PHE A 1 83  ? -0.863  11.206  0.150   1.00 14.10 ? 92  PHE C O   1 
ATOM   626  C CB  . PHE A 1 83  ? 1.267   10.328  2.579   1.00 16.27 ? 92  PHE C CB  1 
ATOM   627  C CG  . PHE A 1 83  ? 1.542   10.231  4.045   1.00 15.27 ? 92  PHE C CG  1 
ATOM   628  C CD1 . PHE A 1 83  ? 0.698   9.503   4.879   1.00 18.77 ? 92  PHE C CD1 1 
ATOM   629  C CD2 . PHE A 1 83  ? 2.630   10.895  4.598   1.00 16.86 ? 92  PHE C CD2 1 
ATOM   630  C CE1 . PHE A 1 83  ? 0.934   9.443   6.247   1.00 16.70 ? 92  PHE C CE1 1 
ATOM   631  C CE2 . PHE A 1 83  ? 2.876   10.839  5.968   1.00 18.10 ? 92  PHE C CE2 1 
ATOM   632  C CZ  . PHE A 1 83  ? 2.026   10.111  6.791   1.00 19.66 ? 92  PHE C CZ  1 
ATOM   633  N N   . LEU A 1 84  ? 1.245   11.987  0.027   1.00 13.26 ? 93  LEU C N   1 
ATOM   634  C CA  . LEU A 1 84  ? 1.216   12.107  -1.422  1.00 13.29 ? 93  LEU C CA  1 
ATOM   635  C C   . LEU A 1 84  ? 2.391   11.438  -2.106  1.00 15.39 ? 93  LEU C C   1 
ATOM   636  O O   . LEU A 1 84  ? 3.542   11.635  -1.725  1.00 14.14 ? 93  LEU C O   1 
ATOM   637  C CB  . LEU A 1 84  ? 1.211   13.585  -1.834  1.00 12.89 ? 93  LEU C CB  1 
ATOM   638  C CG  . LEU A 1 84  ? 1.203   13.852  -3.347  1.00 12.33 ? 93  LEU C CG  1 
ATOM   639  C CD1 . LEU A 1 84  ? -0.113  13.369  -3.931  1.00 15.31 ? 93  LEU C CD1 1 
ATOM   640  C CD2 . LEU A 1 84  ? 1.370   15.341  -3.614  1.00 13.18 ? 93  LEU C CD2 1 
ATOM   641  N N   . LEU A 1 85  ? 2.080   10.619  -3.101  1.00 14.51 ? 94  LEU C N   1 
ATOM   642  C CA  . LEU A 1 85  ? 3.099   9.990   -3.929  1.00 15.71 ? 94  LEU C CA  1 
ATOM   643  C C   . LEU A 1 85  ? 3.018   10.883  -5.164  1.00 14.91 ? 94  LEU C C   1 
ATOM   644  O O   . LEU A 1 85  ? 2.110   10.735  -5.979  1.00 17.36 ? 94  LEU C O   1 
ATOM   645  C CB  . LEU A 1 85  ? 2.706   8.554   -4.279  1.00 15.48 ? 94  LEU C CB  1 
ATOM   646  C CG  . LEU A 1 85  ? 3.133   7.471   -3.291  1.00 18.16 ? 94  LEU C CG  1 
ATOM   647  C CD1 . LEU A 1 85  ? 2.626   6.106   -3.760  1.00 18.29 ? 94  LEU C CD1 1 
ATOM   648  C CD2 . LEU A 1 85  ? 4.665   7.446   -3.207  1.00 21.43 ? 94  LEU C CD2 1 
ATOM   649  N N   . GLN A 1 86  ? 3.946   11.826  -5.284  1.00 15.66 ? 95  GLN C N   1 
ATOM   650  C CA  . GLN A 1 86  ? 3.928   12.770  -6.398  1.00 15.62 ? 95  GLN C CA  1 
ATOM   651  C C   . GLN A 1 86  ? 3.921   12.158  -7.788  1.00 17.61 ? 95  GLN C C   1 
ATOM   652  O O   . GLN A 1 86  ? 4.524   11.107  -8.022  1.00 16.34 ? 95  GLN C O   1 
ATOM   653  C CB  . GLN A 1 86  ? 5.114   13.728  -6.289  1.00 16.53 ? 95  GLN C CB  1 
ATOM   654  C CG  . GLN A 1 86  ? 5.118   14.607  -5.049  1.00 18.80 ? 95  GLN C CG  1 
ATOM   655  C CD  . GLN A 1 86  ? 6.247   15.618  -5.074  1.00 21.48 ? 95  GLN C CD  1 
ATOM   656  O OE1 . GLN A 1 86  ? 7.220   15.451  -5.808  1.00 17.40 ? 95  GLN C OE1 1 
ATOM   657  N NE2 . GLN A 1 86  ? 6.130   16.667  -4.261  1.00 17.39 ? 95  GLN C NE2 1 
ATOM   658  N N   . ALA A 1 87  ? 3.234   12.839  -8.702  1.00 14.48 ? 96  ALA C N   1 
ATOM   659  C CA  . ALA A 1 87  ? 3.161   12.402  -10.086 1.00 18.43 ? 96  ALA C CA  1 
ATOM   660  C C   . ALA A 1 87  ? 4.573   12.495  -10.662 1.00 20.22 ? 96  ALA C C   1 
ATOM   661  O O   . ALA A 1 87  ? 5.411   13.263  -10.176 1.00 17.09 ? 96  ALA C O   1 
ATOM   662  C CB  . ALA A 1 87  ? 2.209   13.307  -10.873 1.00 19.52 ? 96  ALA C CB  1 
ATOM   663  N N   . ARG A 1 88  ? 4.831   11.696  -11.691 1.00 21.78 ? 97  ARG C N   1 
ATOM   664  C CA  . ARG A 1 88  ? 6.122   11.656  -12.375 1.00 25.29 ? 97  ARG C CA  1 
ATOM   665  C C   . ARG A 1 88  ? 5.816   11.535  -13.862 1.00 24.21 ? 97  ARG C C   1 
ATOM   666  O O   . ARG A 1 88  ? 5.455   10.458  -14.332 1.00 26.65 ? 97  ARG C O   1 
ATOM   667  C CB  . ARG A 1 88  ? 6.925   10.426  -11.935 1.00 28.91 ? 97  ARG C CB  1 
ATOM   668  C CG  . ARG A 1 88  ? 7.081   10.262  -10.427 1.00 35.38 ? 97  ARG C CG  1 
ATOM   669  C CD  . ARG A 1 88  ? 7.644   8.879   -10.081 1.00 41.45 ? 97  ARG C CD  1 
ATOM   670  N NE  . ARG A 1 88  ? 9.056   8.725   -10.427 1.00 44.35 ? 97  ARG C NE  1 
ATOM   671  C CZ  . ARG A 1 88  ? 10.045  9.409   -9.862  1.00 46.53 ? 97  ARG C CZ  1 
ATOM   672  N NH1 . ARG A 1 88  ? 9.787   10.305  -8.919  1.00 48.48 ? 97  ARG C NH1 1 
ATOM   673  N NH2 . ARG A 1 88  ? 11.299  9.190   -10.233 1.00 49.28 ? 97  ARG C NH2 1 
ATOM   674  N N   . GLY A 1 89  ? 5.950   12.632  -14.598 1.00 25.46 ? 98  GLY C N   1 
ATOM   675  C CA  . GLY A 1 89  ? 5.659   12.590  -16.019 1.00 25.46 ? 98  GLY C CA  1 
ATOM   676  C C   . GLY A 1 89  ? 4.191   12.278  -16.245 1.00 27.25 ? 98  GLY C C   1 
ATOM   677  O O   . GLY A 1 89  ? 3.324   12.896  -15.627 1.00 28.26 ? 98  GLY C O   1 
ATOM   678  N N   . ALA A 1 90  ? 3.908   11.313  -17.117 1.00 27.31 ? 99  ALA C N   1 
ATOM   679  C CA  . ALA A 1 90  ? 2.533   10.928  -17.414 1.00 26.49 ? 99  ALA C CA  1 
ATOM   680  C C   . ALA A 1 90  ? 1.949   10.072  -16.288 1.00 24.48 ? 99  ALA C C   1 
ATOM   681  O O   . ALA A 1 90  ? 0.766   9.730   -16.306 1.00 26.24 ? 99  ALA C O   1 
ATOM   682  C CB  . ALA A 1 90  ? 2.480   10.160  -18.736 1.00 30.51 ? 99  ALA C CB  1 
ATOM   683  N N   . ARG A 1 91  ? 2.783   9.723   -15.314 1.00 24.32 ? 100 ARG C N   1 
ATOM   684  C CA  . ARG A 1 91  ? 2.338   8.920   -14.176 1.00 23.35 ? 100 ARG C CA  1 
ATOM   685  C C   . ARG A 1 91  ? 1.639   9.807   -13.144 1.00 21.38 ? 100 ARG C C   1 
ATOM   686  O O   . ARG A 1 91  ? 2.291   10.581  -12.438 1.00 20.94 ? 100 ARG C O   1 
ATOM   687  C CB  . ARG A 1 91  ? 3.535   8.226   -13.529 1.00 25.13 ? 100 ARG C CB  1 
ATOM   688  C CG  . ARG A 1 91  ? 4.307   7.325   -14.486 1.00 29.60 ? 100 ARG C CG  1 
ATOM   689  C CD  . ARG A 1 91  ? 5.535   6.754   -13.810 1.00 31.74 ? 100 ARG C CD  1 
ATOM   690  N NE  . ARG A 1 91  ? 5.191   5.759   -12.802 1.00 33.07 ? 100 ARG C NE  1 
ATOM   691  C CZ  . ARG A 1 91  ? 6.071   5.221   -11.966 1.00 35.56 ? 100 ARG C CZ  1 
ATOM   692  N NH1 . ARG A 1 91  ? 7.342   5.590   -12.023 1.00 33.89 ? 100 ARG C NH1 1 
ATOM   693  N NH2 . ARG A 1 91  ? 5.682   4.318   -11.076 1.00 38.91 ? 100 ARG C NH2 1 
ATOM   694  N N   . GLY A 1 92  ? 0.318   9.672   -13.054 1.00 18.95 ? 101 GLY C N   1 
ATOM   695  C CA  . GLY A 1 92  ? -0.467  10.473  -12.133 1.00 17.87 ? 101 GLY C CA  1 
ATOM   696  C C   . GLY A 1 92  ? -0.133  10.311  -10.665 1.00 19.26 ? 101 GLY C C   1 
ATOM   697  O O   . GLY A 1 92  ? 0.372   9.276   -10.237 1.00 18.71 ? 101 GLY C O   1 
ATOM   698  N N   . ALA A 1 93  ? -0.423  11.345  -9.888  1.00 15.09 ? 102 ALA C N   1 
ATOM   699  C CA  . ALA A 1 93  ? -0.146  11.311  -8.464  1.00 15.60 ? 102 ALA C CA  1 
ATOM   700  C C   . ALA A 1 93  ? -1.031  10.298  -7.764  1.00 15.84 ? 102 ALA C C   1 
ATOM   701  O O   . ALA A 1 93  ? -2.132  9.984   -8.228  1.00 16.52 ? 102 ALA C O   1 
ATOM   702  C CB  . ALA A 1 93  ? -0.372  12.690  -7.848  1.00 15.44 ? 102 ALA C CB  1 
ATOM   703  N N   . VAL A 1 94  ? -0.547  9.800   -6.635  1.00 14.85 ? 103 VAL C N   1 
ATOM   704  C CA  . VAL A 1 94  ? -1.301  8.837   -5.857  1.00 12.34 ? 103 VAL C CA  1 
ATOM   705  C C   . VAL A 1 94  ? -1.460  9.399   -4.456  1.00 14.07 ? 103 VAL C C   1 
ATOM   706  O O   . VAL A 1 94  ? -0.473  9.713   -3.781  1.00 16.71 ? 103 VAL C O   1 
ATOM   707  C CB  . VAL A 1 94  ? -0.573  7.483   -5.767  1.00 13.33 ? 103 VAL C CB  1 
ATOM   708  C CG1 . VAL A 1 94  ? -1.390  6.515   -4.921  1.00 18.16 ? 103 VAL C CG1 1 
ATOM   709  C CG2 . VAL A 1 94  ? -0.349  6.916   -7.160  1.00 15.38 ? 103 VAL C CG2 1 
ATOM   710  N N   . HIS A 1 95  ? -2.710  9.546   -4.033  1.00 14.44 ? 104 HIS C N   1 
ATOM   711  C CA  . HIS A 1 95  ? -3.017  10.053  -2.703  1.00 15.45 ? 104 HIS C CA  1 
ATOM   712  C C   . HIS A 1 95  ? -3.145  8.859   -1.781  1.00 14.05 ? 104 HIS C C   1 
ATOM   713  O O   . HIS A 1 95  ? -3.706  7.836   -2.158  1.00 14.82 ? 104 HIS C O   1 
ATOM   714  C CB  . HIS A 1 95  ? -4.325  10.842  -2.733  1.00 18.41 ? 104 HIS C CB  1 
ATOM   715  C CG  . HIS A 1 95  ? -4.278  12.025  -3.641  1.00 22.27 ? 104 HIS C CG  1 
ATOM   716  N ND1 . HIS A 1 95  ? -3.667  13.208  -3.287  1.00 24.59 ? 104 HIS C ND1 1 
ATOM   717  C CD2 . HIS A 1 95  ? -4.685  12.178  -4.923  1.00 25.67 ? 104 HIS C CD2 1 
ATOM   718  C CE1 . HIS A 1 95  ? -3.694  14.037  -4.316  1.00 25.83 ? 104 HIS C CE1 1 
ATOM   719  N NE2 . HIS A 1 95  ? -4.305  13.436  -5.321  1.00 24.19 ? 104 HIS C NE2 1 
ATOM   720  N N   . VAL A 1 96  ? -2.616  8.993   -0.572  1.00 16.45 ? 105 VAL C N   1 
ATOM   721  C CA  . VAL A 1 96  ? -2.650  7.909   0.398   1.00 13.66 ? 105 VAL C CA  1 
ATOM   722  C C   . VAL A 1 96  ? -3.166  8.388   1.734   1.00 14.57 ? 105 VAL C C   1 
ATOM   723  O O   . VAL A 1 96  ? -2.895  9.515   2.141   1.00 17.26 ? 105 VAL C O   1 
ATOM   724  C CB  . VAL A 1 96  ? -1.248  7.336   0.640   1.00 15.61 ? 105 VAL C CB  1 
ATOM   725  C CG1 . VAL A 1 96  ? -1.354  6.094   1.508   1.00 18.42 ? 105 VAL C CG1 1 
ATOM   726  C CG2 . VAL A 1 96  ? -0.574  7.028   -0.684  1.00 14.92 ? 105 VAL C CG2 1 
ATOM   727  N N   . VAL A 1 97  ? -3.922  7.533   2.412   1.00 10.78 ? 106 VAL C N   1 
ATOM   728  C CA  . VAL A 1 97  ? -4.412  7.873   3.734   1.00 14.53 ? 106 VAL C CA  1 
ATOM   729  C C   . VAL A 1 97  ? -4.298  6.638   4.598   1.00 13.05 ? 106 VAL C C   1 
ATOM   730  O O   . VAL A 1 97  ? -4.629  5.538   4.165   1.00 13.32 ? 106 VAL C O   1 
ATOM   731  C CB  . VAL A 1 97  ? -5.899  8.301   3.742   1.00 17.74 ? 106 VAL C CB  1 
ATOM   732  C CG1 . VAL A 1 97  ? -6.284  8.776   5.145   1.00 17.22 ? 106 VAL C CG1 1 
ATOM   733  C CG2 . VAL A 1 97  ? -6.138  9.400   2.743   1.00 26.80 ? 106 VAL C CG2 1 
ATOM   734  N N   . VAL A 1 98  ? -3.785  6.811   5.805   1.00 13.37 ? 107 VAL C N   1 
ATOM   735  C CA  . VAL A 1 98  ? -3.704  5.697   6.725   1.00 12.90 ? 107 VAL C CA  1 
ATOM   736  C C   . VAL A 1 98  ? -4.970  5.869   7.542   1.00 18.98 ? 107 VAL C C   1 
ATOM   737  O O   . VAL A 1 98  ? -5.114  6.848   8.276   1.00 18.18 ? 107 VAL C O   1 
ATOM   738  C CB  . VAL A 1 98  ? -2.470  5.785   7.644   1.00 16.03 ? 107 VAL C CB  1 
ATOM   739  C CG1 . VAL A 1 98  ? -2.511  4.661   8.672   1.00 13.54 ? 107 VAL C CG1 1 
ATOM   740  C CG2 . VAL A 1 98  ? -1.187  5.661   6.806   1.00 12.61 ? 107 VAL C CG2 1 
ATOM   741  N N   . ALA A 1 99  ? -5.911  4.951   7.368   1.00 15.77 ? 108 ALA C N   1 
ATOM   742  C CA  . ALA A 1 99  ? -7.166  5.014   8.104   1.00 21.66 ? 108 ALA C CA  1 
ATOM   743  C C   . ALA A 1 99  ? -7.042  4.164   9.374   1.00 21.35 ? 108 ALA C C   1 
ATOM   744  O O   . ALA A 1 99  ? -6.231  4.470   10.245  1.00 28.30 ? 108 ALA C O   1 
ATOM   745  C CB  . ALA A 1 99  ? -8.301  4.521   7.226   1.00 18.64 ? 108 ALA C CB  1 
ATOM   746  N N   . GLU A 1 100 ? -7.819  3.095   9.485   1.00 25.47 ? 109 GLU C N   1 
ATOM   747  C CA  . GLU A 1 100 ? -7.756  2.249   10.669  1.00 23.20 ? 109 GLU C CA  1 
ATOM   748  C C   . GLU A 1 100 ? -6.399  1.569   10.864  1.00 20.77 ? 109 GLU C C   1 
ATOM   749  O O   . GLU A 1 100 ? -5.798  1.072   9.912   1.00 19.45 ? 109 GLU C O   1 
ATOM   750  C CB  . GLU A 1 100 ? -8.835  1.157   10.622  1.00 26.68 ? 109 GLU C CB  1 
ATOM   751  C CG  . GLU A 1 100 ? -10.270 1.616   10.878  1.00 31.56 ? 109 GLU C CG  1 
ATOM   752  C CD  . GLU A 1 100 ? -11.023 1.949   9.609   1.00 34.37 ? 109 GLU C CD  1 
ATOM   753  O OE1 . GLU A 1 100 ? -12.149 2.479   9.712   1.00 40.28 ? 109 GLU C OE1 1 
ATOM   754  O OE2 . GLU A 1 100 ? -10.492 1.684   8.508   1.00 35.43 ? 109 GLU C OE2 1 
ATOM   755  N N   . THR A 1 101 ? -5.926  1.566   12.107  1.00 16.60 ? 110 THR C N   1 
ATOM   756  C CA  . THR A 1 101 ? -4.680  0.896   12.478  1.00 15.11 ? 110 THR C CA  1 
ATOM   757  C C   . THR A 1 101 ? -4.478  0.966   13.986  1.00 18.01 ? 110 THR C C   1 
ATOM   758  O O   . THR A 1 101 ? -4.866  1.942   14.633  1.00 18.48 ? 110 THR C O   1 
ATOM   759  C CB  . THR A 1 101 ? -3.424  1.514   11.815  1.00 13.75 ? 110 THR C CB  1 
ATOM   760  O OG1 . THR A 1 101 ? -2.271  0.754   12.209  1.00 13.93 ? 110 THR C OG1 1 
ATOM   761  C CG2 . THR A 1 101 ? -3.230  2.974   12.259  1.00 18.97 ? 110 THR C CG2 1 
ATOM   762  N N   . ASP A 1 102 ? -3.883  -0.077  14.546  1.00 15.04 ? 111 ASP C N   1 
ATOM   763  C CA  . ASP A 1 102 ? -3.593  -0.091  15.969  1.00 16.70 ? 111 ASP C CA  1 
ATOM   764  C C   . ASP A 1 102 ? -2.071  -0.056  16.100  1.00 17.95 ? 111 ASP C C   1 
ATOM   765  O O   . ASP A 1 102 ? -1.527  -0.207  17.189  1.00 18.36 ? 111 ASP C O   1 
ATOM   766  C CB  . ASP A 1 102 ? -4.192  -1.337  16.636  1.00 17.36 ? 111 ASP C CB  1 
ATOM   767  C CG  . ASP A 1 102 ? -3.633  -2.626  16.083  1.00 20.43 ? 111 ASP C CG  1 
ATOM   768  O OD1 . ASP A 1 102 ? -4.001  -3.702  16.605  1.00 19.96 ? 111 ASP C OD1 1 
ATOM   769  O OD2 . ASP A 1 102 ? -2.825  -2.567  15.129  1.00 17.12 ? 111 ASP C OD2 1 
ATOM   770  N N   . TYR A 1 103 ? -1.403  0.178   14.966  1.00 17.08 ? 112 TYR C N   1 
ATOM   771  C CA  . TYR A 1 103 ? 0.056   0.264   14.868  1.00 16.71 ? 112 TYR C CA  1 
ATOM   772  C C   . TYR A 1 103 ? 0.780   -1.023  15.192  1.00 15.60 ? 112 TYR C C   1 
ATOM   773  O O   . TYR A 1 103 ? 1.904   -1.227  14.748  1.00 13.13 ? 112 TYR C O   1 
ATOM   774  C CB  . TYR A 1 103 ? 0.620   1.335   15.811  1.00 16.09 ? 112 TYR C CB  1 
ATOM   775  C CG  . TYR A 1 103 ? 0.079   2.726   15.595  1.00 17.10 ? 112 TYR C CG  1 
ATOM   776  C CD1 . TYR A 1 103 ? -0.848  3.283   16.480  1.00 18.36 ? 112 TYR C CD1 1 
ATOM   777  C CD2 . TYR A 1 103 ? 0.493   3.489   14.504  1.00 18.57 ? 112 TYR C CD2 1 
ATOM   778  C CE1 . TYR A 1 103 ? -1.345  4.567   16.283  1.00 20.53 ? 112 TYR C CE1 1 
ATOM   779  C CE2 . TYR A 1 103 ? -0.001  4.770   14.296  1.00 18.27 ? 112 TYR C CE2 1 
ATOM   780  C CZ  . TYR A 1 103 ? -0.915  5.299   15.184  1.00 20.94 ? 112 TYR C CZ  1 
ATOM   781  O OH  . TYR A 1 103 ? -1.417  6.554   14.962  1.00 20.68 ? 112 TYR C OH  1 
ATOM   782  N N   . GLN A 1 104 ? 0.127   -1.884  15.961  1.00 18.69 ? 113 GLN C N   1 
ATOM   783  C CA  . GLN A 1 104 ? 0.746   -3.107  16.426  1.00 14.94 ? 113 GLN C CA  1 
ATOM   784  C C   . GLN A 1 104 ? 0.375   -4.421  15.759  1.00 16.03 ? 113 GLN C C   1 
ATOM   785  O O   . GLN A 1 104 ? 1.115   -5.393  15.887  1.00 15.70 ? 113 GLN C O   1 
ATOM   786  C CB  . GLN A 1 104 ? 0.535   -3.177  17.945  1.00 18.07 ? 113 GLN C CB  1 
ATOM   787  C CG  . GLN A 1 104 ? 1.138   -1.953  18.628  1.00 22.02 ? 113 GLN C CG  1 
ATOM   788  C CD  . GLN A 1 104 ? 0.718   -1.770  20.069  1.00 23.39 ? 113 GLN C CD  1 
ATOM   789  O OE1 . GLN A 1 104 ? 1.284   -0.933  20.778  1.00 26.77 ? 113 GLN C OE1 1 
ATOM   790  N NE2 . GLN A 1 104 ? -0.275  -2.537  20.511  1.00 19.62 ? 113 GLN C NE2 1 
ATOM   791  N N   . SER A 1 105 ? -0.751  -4.465  15.050  1.00 14.12 ? 114 SER C N   1 
ATOM   792  C CA  . SER A 1 105 ? -1.132  -5.701  14.383  1.00 15.21 ? 114 SER C CA  1 
ATOM   793  C C   . SER A 1 105 ? -1.639  -5.486  12.960  1.00 14.86 ? 114 SER C C   1 
ATOM   794  O O   . SER A 1 105 ? -1.347  -6.281  12.074  1.00 13.94 ? 114 SER C O   1 
ATOM   795  C CB  . SER A 1 105 ? -2.193  -6.460  15.193  1.00 15.84 ? 114 SER C CB  1 
ATOM   796  O OG  . SER A 1 105 ? -3.445  -5.796  15.146  1.00 17.17 ? 114 SER C OG  1 
ATOM   797  N N   . PHE A 1 106 ? -2.382  -4.411  12.719  1.00 15.74 ? 115 PHE C N   1 
ATOM   798  C CA  . PHE A 1 106 ? -2.917  -4.182  11.372  1.00 11.60 ? 115 PHE C CA  1 
ATOM   799  C C   . PHE A 1 106 ? -2.984  -2.718  10.971  1.00 12.79 ? 115 PHE C C   1 
ATOM   800  O O   . PHE A 1 106 ? -2.894  -1.826  11.804  1.00 12.65 ? 115 PHE C O   1 
ATOM   801  C CB  . PHE A 1 106 ? -4.334  -4.747  11.282  1.00 14.77 ? 115 PHE C CB  1 
ATOM   802  C CG  . PHE A 1 106 ? -5.370  -3.849  11.903  1.00 15.35 ? 115 PHE C CG  1 
ATOM   803  C CD1 . PHE A 1 106 ? -6.103  -2.953  11.123  1.00 16.55 ? 115 PHE C CD1 1 
ATOM   804  C CD2 . PHE A 1 106 ? -5.572  -3.856  13.277  1.00 16.19 ? 115 PHE C CD2 1 
ATOM   805  C CE1 . PHE A 1 106 ? -7.021  -2.080  11.709  1.00 16.05 ? 115 PHE C CE1 1 
ATOM   806  C CE2 . PHE A 1 106 ? -6.488  -2.985  13.875  1.00 15.96 ? 115 PHE C CE2 1 
ATOM   807  C CZ  . PHE A 1 106 ? -7.214  -2.096  13.089  1.00 16.02 ? 115 PHE C CZ  1 
ATOM   808  N N   . ALA A 1 107 ? -3.166  -2.485  9.677   1.00 10.28 ? 116 ALA C N   1 
ATOM   809  C CA  . ALA A 1 107 ? -3.307  -1.143  9.147   1.00 11.32 ? 116 ALA C CA  1 
ATOM   810  C C   . ALA A 1 107 ? -4.134  -1.212  7.886   1.00 13.97 ? 116 ALA C C   1 
ATOM   811  O O   . ALA A 1 107 ? -3.966  -2.118  7.080   1.00 12.31 ? 116 ALA C O   1 
ATOM   812  C CB  . ALA A 1 107 ? -1.946  -0.541  8.839   1.00 12.33 ? 116 ALA C CB  1 
ATOM   813  N N   . VAL A 1 108 ? -5.032  -0.250  7.730   1.00 11.69 ? 117 VAL C N   1 
ATOM   814  C CA  . VAL A 1 108 ? -5.859  -0.171  6.541   1.00 13.55 ? 117 VAL C CA  1 
ATOM   815  C C   . VAL A 1 108 ? -5.487  1.138   5.863   1.00 12.27 ? 117 VAL C C   1 
ATOM   816  O O   . VAL A 1 108 ? -5.656  2.210   6.444   1.00 15.24 ? 117 VAL C O   1 
ATOM   817  C CB  . VAL A 1 108 ? -7.370  -0.139  6.875   1.00 14.13 ? 117 VAL C CB  1 
ATOM   818  C CG1 . VAL A 1 108 ? -8.177  0.045   5.591   1.00 16.55 ? 117 VAL C CG1 1 
ATOM   819  C CG2 . VAL A 1 108 ? -7.785  -1.431  7.563   1.00 14.43 ? 117 VAL C CG2 1 
ATOM   820  N N   . LEU A 1 109 ? -4.977  1.046   4.638   1.00 13.84 ? 118 LEU C N   1 
ATOM   821  C CA  . LEU A 1 109 ? -4.594  2.221   3.877   1.00 12.59 ? 118 LEU C CA  1 
ATOM   822  C C   . LEU A 1 109 ? -5.445  2.351   2.621   1.00 11.79 ? 118 LEU C C   1 
ATOM   823  O O   . LEU A 1 109 ? -5.877  1.363   2.025   1.00 13.21 ? 118 LEU C O   1 
ATOM   824  C CB  . LEU A 1 109 ? -3.128  2.142   3.452   1.00 16.17 ? 118 LEU C CB  1 
ATOM   825  C CG  . LEU A 1 109 ? -2.043  2.650   4.405   1.00 15.19 ? 118 LEU C CG  1 
ATOM   826  C CD1 . LEU A 1 109 ? -2.019  1.802   5.660   1.00 15.55 ? 118 LEU C CD1 1 
ATOM   827  C CD2 . LEU A 1 109 ? -0.692  2.595   3.692   1.00 16.70 ? 118 LEU C CD2 1 
ATOM   828  N N   . TYR A 1 110 ? -5.702  3.588   2.234   1.00 13.46 ? 119 TYR C N   1 
ATOM   829  C CA  . TYR A 1 110 ? -6.454  3.847   1.025   1.00 14.07 ? 119 TYR C CA  1 
ATOM   830  C C   . TYR A 1 110 ? -5.512  4.563   0.070   1.00 13.83 ? 119 TYR C C   1 
ATOM   831  O O   . TYR A 1 110 ? -4.717  5.394   0.495   1.00 12.91 ? 119 TYR C O   1 
ATOM   832  C CB  . TYR A 1 110 ? -7.647  4.751   1.311   1.00 15.89 ? 119 TYR C CB  1 
ATOM   833  C CG  . TYR A 1 110 ? -8.780  4.074   2.053   1.00 14.35 ? 119 TYR C CG  1 
ATOM   834  C CD1 . TYR A 1 110 ? -8.741  3.901   3.439   1.00 17.38 ? 119 TYR C CD1 1 
ATOM   835  C CD2 . TYR A 1 110 ? -9.907  3.626   1.366   1.00 17.81 ? 119 TYR C CD2 1 
ATOM   836  C CE1 . TYR A 1 110 ? -9.804  3.303   4.121   1.00 16.70 ? 119 TYR C CE1 1 
ATOM   837  C CE2 . TYR A 1 110 ? -10.969 3.026   2.037   1.00 19.53 ? 119 TYR C CE2 1 
ATOM   838  C CZ  . TYR A 1 110 ? -10.911 2.871   3.408   1.00 19.81 ? 119 TYR C CZ  1 
ATOM   839  O OH  . TYR A 1 110 ? -11.969 2.291   4.065   1.00 18.67 ? 119 TYR C OH  1 
ATOM   840  N N   . LEU A 1 111 ? -5.594  4.234   -1.212  1.00 11.30 ? 120 LEU C N   1 
ATOM   841  C CA  . LEU A 1 111 ? -4.766  4.885   -2.219  1.00 12.76 ? 120 LEU C CA  1 
ATOM   842  C C   . LEU A 1 111 ? -5.706  5.353   -3.308  1.00 16.98 ? 120 LEU C C   1 
ATOM   843  O O   . LEU A 1 111 ? -6.657  4.652   -3.647  1.00 17.38 ? 120 LEU C O   1 
ATOM   844  C CB  . LEU A 1 111 ? -3.747  3.912   -2.815  1.00 15.80 ? 120 LEU C CB  1 
ATOM   845  C CG  . LEU A 1 111 ? -2.491  3.575   -1.999  1.00 16.20 ? 120 LEU C CG  1 
ATOM   846  C CD1 . LEU A 1 111 ? -2.845  2.585   -0.904  1.00 18.78 ? 120 LEU C CD1 1 
ATOM   847  C CD2 . LEU A 1 111 ? -1.438  2.971   -2.935  1.00 20.33 ? 120 LEU C CD2 1 
ATOM   848  N N   . GLU A 1 112 ? -5.448  6.536   -3.856  1.00 13.61 ? 121 GLU C N   1 
ATOM   849  C CA  . GLU A 1 112 ? -6.307  7.055   -4.903  1.00 16.60 ? 121 GLU C CA  1 
ATOM   850  C C   . GLU A 1 112 ? -5.556  7.741   -6.026  1.00 15.82 ? 121 GLU C C   1 
ATOM   851  O O   . GLU A 1 112 ? -4.664  8.557   -5.789  1.00 16.18 ? 121 GLU C O   1 
ATOM   852  C CB  . GLU A 1 112 ? -7.321  8.037   -4.321  1.00 18.26 ? 121 GLU C CB  1 
ATOM   853  C CG  . GLU A 1 112 ? -8.222  8.659   -5.368  1.00 21.84 ? 121 GLU C CG  1 
ATOM   854  C CD  . GLU A 1 112 ? -9.104  9.744   -4.789  1.00 26.69 ? 121 GLU C CD  1 
ATOM   855  O OE1 . GLU A 1 112 ? -9.958  9.426   -3.943  1.00 33.17 ? 121 GLU C OE1 1 
ATOM   856  O OE2 . GLU A 1 112 ? -8.937  10.918  -5.176  1.00 33.30 ? 121 GLU C OE2 1 
ATOM   857  N N   . ARG A 1 113 ? -5.919  7.393   -7.255  1.00 16.67 ? 122 ARG C N   1 
ATOM   858  C CA  . ARG A 1 113 ? -5.314  8.006   -8.425  1.00 17.03 ? 122 ARG C CA  1 
ATOM   859  C C   . ARG A 1 113 ? -6.416  8.195   -9.454  1.00 17.94 ? 122 ARG C C   1 
ATOM   860  O O   . ARG A 1 113 ? -7.209  7.286   -9.696  1.00 18.67 ? 122 ARG C O   1 
ATOM   861  C CB  . ARG A 1 113 ? -4.210  7.122   -9.007  1.00 18.72 ? 122 ARG C CB  1 
ATOM   862  C CG  . ARG A 1 113 ? -3.669  7.678   -10.311 1.00 19.36 ? 122 ARG C CG  1 
ATOM   863  C CD  . ARG A 1 113 ? -2.463  6.916   -10.832 1.00 19.72 ? 122 ARG C CD  1 
ATOM   864  N NE  . ARG A 1 113 ? -2.185  7.300   -12.213 1.00 19.74 ? 122 ARG C NE  1 
ATOM   865  C CZ  . ARG A 1 113 ? -1.241  6.757   -12.973 1.00 23.49 ? 122 ARG C CZ  1 
ATOM   866  N NH1 . ARG A 1 113 ? -0.467  5.793   -12.485 1.00 22.99 ? 122 ARG C NH1 1 
ATOM   867  N NH2 . ARG A 1 113 ? -1.078  7.181   -14.223 1.00 22.24 ? 122 ARG C NH2 1 
ATOM   868  N N   . ALA A 1 114 ? -6.480  9.385   -10.042 1.00 23.10 ? 123 ALA C N   1 
ATOM   869  C CA  . ALA A 1 114 ? -7.492  9.676   -11.054 1.00 24.81 ? 123 ALA C CA  1 
ATOM   870  C C   . ALA A 1 114 ? -8.900  9.415   -10.519 1.00 25.07 ? 123 ALA C C   1 
ATOM   871  O O   . ALA A 1 114 ? -9.778  8.972   -11.256 1.00 28.46 ? 123 ALA C O   1 
ATOM   872  C CB  . ALA A 1 114 ? -7.235  8.828   -12.302 1.00 27.78 ? 123 ALA C CB  1 
ATOM   873  N N   . GLY A 1 115 ? -9.099  9.665   -9.227  1.00 27.60 ? 124 GLY C N   1 
ATOM   874  C CA  . GLY A 1 115 ? -10.410 9.474   -8.630  1.00 27.11 ? 124 GLY C CA  1 
ATOM   875  C C   . GLY A 1 115 ? -10.810 8.042   -8.321  1.00 28.76 ? 124 GLY C C   1 
ATOM   876  O O   . GLY A 1 115 ? -11.899 7.809   -7.798  1.00 29.93 ? 124 GLY C O   1 
ATOM   877  N N   . GLN A 1 116 ? -9.944  7.084   -8.644  1.00 25.53 ? 125 GLN C N   1 
ATOM   878  C CA  . GLN A 1 116 ? -10.227 5.675   -8.392  1.00 25.70 ? 125 GLN C CA  1 
ATOM   879  C C   . GLN A 1 116 ? -9.604  5.260   -7.068  1.00 25.86 ? 125 GLN C C   1 
ATOM   880  O O   . GLN A 1 116 ? -8.389  5.348   -6.891  1.00 19.56 ? 125 GLN C O   1 
ATOM   881  C CB  . GLN A 1 116 ? -9.672  4.807   -9.523  1.00 33.86 ? 125 GLN C CB  1 
ATOM   882  C CG  . GLN A 1 116 ? -10.370 5.012   -10.861 1.00 41.50 ? 125 GLN C CG  1 
ATOM   883  C CD  . GLN A 1 116 ? -11.814 4.545   -10.838 1.00 47.65 ? 125 GLN C CD  1 
ATOM   884  O OE1 . GLN A 1 116 ? -12.095 3.369   -10.601 1.00 52.27 ? 125 GLN C OE1 1 
ATOM   885  N NE2 . GLN A 1 116 ? -12.740 5.468   -11.083 1.00 51.27 ? 125 GLN C NE2 1 
ATOM   886  N N   . LEU A 1 117 ? -10.444 4.798   -6.148  1.00 24.35 ? 126 LEU C N   1 
ATOM   887  C CA  . LEU A 1 117 ? -10.000 4.406   -4.820  1.00 26.65 ? 126 LEU C CA  1 
ATOM   888  C C   . LEU A 1 117 ? -9.599  2.937   -4.707  1.00 26.61 ? 126 LEU C C   1 
ATOM   889  O O   . LEU A 1 117 ? -10.245 2.059   -5.275  1.00 29.76 ? 126 LEU C O   1 
ATOM   890  C CB  . LEU A 1 117 ? -11.110 4.719   -3.810  1.00 27.20 ? 126 LEU C CB  1 
ATOM   891  C CG  . LEU A 1 117 ? -10.761 4.671   -2.328  1.00 27.40 ? 126 LEU C CG  1 
ATOM   892  C CD1 . LEU A 1 117 ? -9.684  5.701   -2.032  1.00 24.17 ? 126 LEU C CD1 1 
ATOM   893  C CD2 . LEU A 1 117 ? -12.011 4.952   -1.504  1.00 26.19 ? 126 LEU C CD2 1 
ATOM   894  N N   . SER A 1 118 ? -8.519  2.680   -3.974  1.00 24.83 ? 127 SER C N   1 
ATOM   895  C CA  . SER A 1 118 ? -8.028  1.326   -3.750  1.00 24.55 ? 127 SER C CA  1 
ATOM   896  C C   . SER A 1 118 ? -7.816  1.156   -2.239  1.00 22.02 ? 127 SER C C   1 
ATOM   897  O O   . SER A 1 118 ? -7.446  2.108   -1.559  1.00 22.27 ? 127 SER C O   1 
ATOM   898  C CB  . SER A 1 118 ? -6.716  1.126   -4.507  1.00 28.12 ? 127 SER C CB  1 
ATOM   899  O OG  . SER A 1 118 ? -6.176  -0.161  -4.284  1.00 37.49 ? 127 SER C OG  1 
ATOM   900  N N   . VAL A 1 119 ? -8.049  -0.045  -1.718  1.00 16.95 ? 128 VAL C N   1 
ATOM   901  C CA  . VAL A 1 119 ? -7.893  -0.283  -0.284  1.00 15.21 ? 128 VAL C CA  1 
ATOM   902  C C   . VAL A 1 119 ? -6.917  -1.423  -0.006  1.00 15.98 ? 128 VAL C C   1 
ATOM   903  O O   . VAL A 1 119 ? -6.988  -2.474  -0.648  1.00 17.88 ? 128 VAL C O   1 
ATOM   904  C CB  . VAL A 1 119 ? -9.241  -0.644  0.369   1.00 17.00 ? 128 VAL C CB  1 
ATOM   905  C CG1 . VAL A 1 119 ? -9.136  -0.491  1.883   1.00 18.49 ? 128 VAL C CG1 1 
ATOM   906  C CG2 . VAL A 1 119 ? -10.346 0.224   -0.194  1.00 18.83 ? 128 VAL C CG2 1 
ATOM   907  N N   . LYS A 1 120 ? -6.005  -1.210  0.941   1.00 14.93 ? 129 LYS C N   1 
ATOM   908  C CA  . LYS A 1 120 ? -5.031  -2.235  1.287   1.00 11.31 ? 129 LYS C CA  1 
ATOM   909  C C   . LYS A 1 120 ? -5.025  -2.557  2.767   1.00 12.65 ? 129 LYS C C   1 
ATOM   910  O O   . LYS A 1 120 ? -5.160  -1.663  3.610   1.00 14.25 ? 129 LYS C O   1 
ATOM   911  C CB  . LYS A 1 120 ? -3.611  -1.810  0.905   1.00 15.40 ? 129 LYS C CB  1 
ATOM   912  C CG  . LYS A 1 120 ? -3.392  -1.441  -0.545  1.00 15.26 ? 129 LYS C CG  1 
ATOM   913  C CD  . LYS A 1 120 ? -1.903  -1.234  -0.775  1.00 15.21 ? 129 LYS C CD  1 
ATOM   914  C CE  . LYS A 1 120 ? -1.594  -0.770  -2.182  1.00 18.00 ? 129 LYS C CE  1 
ATOM   915  N NZ  . LYS A 1 120 ? -0.122  -0.597  -2.374  1.00 17.92 ? 129 LYS C NZ  1 
ATOM   916  N N   . LEU A 1 121 ? -4.855  -3.839  3.060   1.00 9.73  ? 130 LEU C N   1 
ATOM   917  C CA  . LEU A 1 121 ? -4.784  -4.309  4.432   1.00 10.24 ? 130 LEU C CA  1 
ATOM   918  C C   . LEU A 1 121 ? -3.372  -4.840  4.658   1.00 13.12 ? 130 LEU C C   1 
ATOM   919  O O   . LEU A 1 121 ? -2.867  -5.663  3.886   1.00 14.72 ? 130 LEU C O   1 
ATOM   920  C CB  . LEU A 1 121 ? -5.785  -5.439  4.678   1.00 12.11 ? 130 LEU C CB  1 
ATOM   921  C CG  . LEU A 1 121 ? -5.656  -6.108  6.059   1.00 12.39 ? 130 LEU C CG  1 
ATOM   922  C CD1 . LEU A 1 121 ? -6.089  -5.113  7.161   1.00 12.72 ? 130 LEU C CD1 1 
ATOM   923  C CD2 . LEU A 1 121 ? -6.530  -7.355  6.122   1.00 15.42 ? 130 LEU C CD2 1 
ATOM   924  N N   . TYR A 1 122 ? -2.737  -4.351  5.715   1.00 12.59 ? 131 TYR C N   1 
ATOM   925  C CA  . TYR A 1 122 ? -1.405  -4.778  6.083   1.00 9.89  ? 131 TYR C CA  1 
ATOM   926  C C   . TYR A 1 122 ? -1.471  -5.363  7.479   1.00 11.06 ? 131 TYR C C   1 
ATOM   927  O O   . TYR A 1 122 ? -2.360  -5.037  8.272   1.00 11.92 ? 131 TYR C O   1 
ATOM   928  C CB  . TYR A 1 122 ? -0.415  -3.612  6.112   1.00 11.18 ? 131 TYR C CB  1 
ATOM   929  C CG  . TYR A 1 122 ? -0.112  -3.011  4.759   1.00 12.77 ? 131 TYR C CG  1 
ATOM   930  C CD1 . TYR A 1 122 ? -0.895  -1.978  4.248   1.00 12.66 ? 131 TYR C CD1 1 
ATOM   931  C CD2 . TYR A 1 122 ? 0.963   -3.471  3.990   1.00 13.52 ? 131 TYR C CD2 1 
ATOM   932  C CE1 . TYR A 1 122 ? -0.615  -1.417  3.009   1.00 13.45 ? 131 TYR C CE1 1 
ATOM   933  C CE2 . TYR A 1 122 ? 1.248   -2.917  2.751   1.00 13.48 ? 131 TYR C CE2 1 
ATOM   934  C CZ  . TYR A 1 122 ? 0.455   -1.893  2.270   1.00 16.23 ? 131 TYR C CZ  1 
ATOM   935  O OH  . TYR A 1 122 ? 0.733   -1.364  1.039   1.00 18.64 ? 131 TYR C OH  1 
ATOM   936  N N   . ALA A 1 123 ? -0.500  -6.208  7.787   1.00 13.61 ? 132 ALA C N   1 
ATOM   937  C CA  . ALA A 1 123 ? -0.430  -6.840  9.097   1.00 12.50 ? 132 ALA C CA  1 
ATOM   938  C C   . ALA A 1 123 ? 1.020   -6.867  9.542   1.00 12.95 ? 132 ALA C C   1 
ATOM   939  O O   . ALA A 1 123 ? 1.923   -6.905  8.715   1.00 13.65 ? 132 ALA C O   1 
ATOM   940  C CB  . ALA A 1 123 ? -0.991  -8.259  9.026   1.00 12.45 ? 132 ALA C CB  1 
ATOM   941  N N   . ARG A 1 124 ? 1.261   -6.810  10.848  1.00 12.78 ? 133 ARG C N   1 
ATOM   942  C CA  . ARG A 1 124 ? 2.645   -6.843  11.342  1.00 12.03 ? 133 ARG C CA  1 
ATOM   943  C C   . ARG A 1 124 ? 3.187   -8.266  11.247  1.00 12.65 ? 133 ARG C C   1 
ATOM   944  O O   . ARG A 1 124 ? 4.383   -8.477  11.100  1.00 13.76 ? 133 ARG C O   1 
ATOM   945  C CB  . ARG A 1 124 ? 2.726   -6.390  12.798  1.00 11.55 ? 133 ARG C CB  1 
ATOM   946  C CG  . ARG A 1 124 ? 2.495   -4.904  13.014  1.00 11.76 ? 133 ARG C CG  1 
ATOM   947  C CD  . ARG A 1 124 ? 3.614   -4.056  12.386  1.00 13.08 ? 133 ARG C CD  1 
ATOM   948  N NE  . ARG A 1 124 ? 3.597   -2.675  12.867  1.00 11.87 ? 133 ARG C NE  1 
ATOM   949  C CZ  . ARG A 1 124 ? 4.523   -1.765  12.590  1.00 11.22 ? 133 ARG C CZ  1 
ATOM   950  N NH1 . ARG A 1 124 ? 5.561   -2.077  11.817  1.00 11.69 ? 133 ARG C NH1 1 
ATOM   951  N NH2 . ARG A 1 124 ? 4.418   -0.551  13.119  1.00 13.20 ? 133 ARG C NH2 1 
ATOM   952  N N   . SER A 1 125 ? 2.289   -9.238  11.361  1.00 14.50 ? 134 SER C N   1 
ATOM   953  C CA  . SER A 1 125 ? 2.652   -10.647 11.271  1.00 15.56 ? 134 SER C CA  1 
ATOM   954  C C   . SER A 1 125 ? 1.399   -11.465 10.986  1.00 16.65 ? 134 SER C C   1 
ATOM   955  O O   . SER A 1 125 ? 0.290   -10.967 11.114  1.00 15.34 ? 134 SER C O   1 
ATOM   956  C CB  . SER A 1 125 ? 3.294   -11.132 12.580  1.00 17.49 ? 134 SER C CB  1 
ATOM   957  O OG  . SER A 1 125 ? 2.403   -10.987 13.676  1.00 17.08 ? 134 SER C OG  1 
ATOM   958  N N   . LEU A 1 126 ? 1.583   -12.720 10.601  1.00 17.09 ? 135 LEU C N   1 
ATOM   959  C CA  . LEU A 1 126 ? 0.469   -13.600 10.299  1.00 14.36 ? 135 LEU C CA  1 
ATOM   960  C C   . LEU A 1 126 ? 0.362   -14.662 11.393  1.00 17.72 ? 135 LEU C C   1 
ATOM   961  O O   . LEU A 1 126 ? 1.356   -14.998 12.038  1.00 15.53 ? 135 LEU C O   1 
ATOM   962  C CB  . LEU A 1 126 ? 0.698   -14.257 8.938   1.00 16.07 ? 135 LEU C CB  1 
ATOM   963  C CG  . LEU A 1 126 ? 1.061   -13.312 7.785   1.00 16.78 ? 135 LEU C CG  1 
ATOM   964  C CD1 . LEU A 1 126 ? 1.462   -14.119 6.564   1.00 18.01 ? 135 LEU C CD1 1 
ATOM   965  C CD2 . LEU A 1 126 ? -0.103  -12.395 7.472   1.00 17.64 ? 135 LEU C CD2 1 
ATOM   966  N N   . PRO A 1 127 ? -0.842  -15.223 11.596  1.00 18.69 ? 136 PRO C N   1 
ATOM   967  C CA  . PRO A 1 127 ? -2.096  -14.946 10.882  1.00 20.05 ? 136 PRO C CA  1 
ATOM   968  C C   . PRO A 1 127 ? -2.816  -13.654 11.282  1.00 20.34 ? 136 PRO C C   1 
ATOM   969  O O   . PRO A 1 127 ? -2.561  -13.076 12.342  1.00 19.46 ? 136 PRO C O   1 
ATOM   970  C CB  . PRO A 1 127 ? -2.939  -16.177 11.192  1.00 23.75 ? 136 PRO C CB  1 
ATOM   971  C CG  . PRO A 1 127 ? -2.571  -16.459 12.620  1.00 23.27 ? 136 PRO C CG  1 
ATOM   972  C CD  . PRO A 1 127 ? -1.047  -16.249 12.638  1.00 23.71 ? 136 PRO C CD  1 
ATOM   973  N N   . VAL A 1 128 ? -3.722  -13.206 10.416  1.00 19.28 ? 137 VAL C N   1 
ATOM   974  C CA  . VAL A 1 128 ? -4.509  -11.999 10.673  1.00 22.23 ? 137 VAL C CA  1 
ATOM   975  C C   . VAL A 1 128 ? -5.794  -12.444 11.370  1.00 20.73 ? 137 VAL C C   1 
ATOM   976  O O   . VAL A 1 128 ? -6.340  -13.499 11.049  1.00 21.78 ? 137 VAL C O   1 
ATOM   977  C CB  . VAL A 1 128 ? -4.880  -11.268 9.357   1.00 23.63 ? 137 VAL C CB  1 
ATOM   978  C CG1 . VAL A 1 128 ? -5.674  -10.005 9.664   1.00 24.83 ? 137 VAL C CG1 1 
ATOM   979  C CG2 . VAL A 1 128 ? -3.624  -10.925 8.583   1.00 25.35 ? 137 VAL C CG2 1 
ATOM   980  N N   . SER A 1 129 ? -6.275  -11.651 12.320  1.00 20.80 ? 138 SER C N   1 
ATOM   981  C CA  . SER A 1 129 ? -7.488  -12.013 13.041  1.00 22.74 ? 138 SER C CA  1 
ATOM   982  C C   . SER A 1 129 ? -8.711  -11.962 12.137  1.00 23.14 ? 138 SER C C   1 
ATOM   983  O O   . SER A 1 129 ? -8.764  -11.185 11.180  1.00 21.33 ? 138 SER C O   1 
ATOM   984  C CB  . SER A 1 129 ? -7.694  -11.088 14.248  1.00 22.22 ? 138 SER C CB  1 
ATOM   985  O OG  . SER A 1 129 ? -7.986  -9.755  13.855  1.00 30.14 ? 138 SER C OG  1 
ATOM   986  N N   . ASP A 1 130 ? -9.689  -12.811 12.440  1.00 23.02 ? 139 ASP C N   1 
ATOM   987  C CA  . ASP A 1 130 ? -10.928 -12.857 11.678  1.00 23.87 ? 139 ASP C CA  1 
ATOM   988  C C   . ASP A 1 130 ? -11.587 -11.485 11.744  1.00 21.27 ? 139 ASP C C   1 
ATOM   989  O O   . ASP A 1 130 ? -12.207 -11.036 10.780  1.00 21.65 ? 139 ASP C O   1 
ATOM   990  C CB  . ASP A 1 130 ? -11.881 -13.902 12.272  1.00 29.40 ? 139 ASP C CB  1 
ATOM   991  C CG  . ASP A 1 130 ? -11.366 -15.323 12.120  1.00 36.99 ? 139 ASP C CG  1 
ATOM   992  O OD1 . ASP A 1 130 ? -11.944 -16.235 12.751  1.00 42.24 ? 139 ASP C OD1 1 
ATOM   993  O OD2 . ASP A 1 130 ? -10.396 -15.536 11.367  1.00 40.39 ? 139 ASP C OD2 1 
ATOM   994  N N   . SER A 1 131 ? -11.446 -10.827 12.888  1.00 19.84 ? 140 SER C N   1 
ATOM   995  C CA  . SER A 1 131 ? -12.034 -9.508  13.094  1.00 22.57 ? 140 SER C CA  1 
ATOM   996  C C   . SER A 1 131 ? -11.496 -8.473  12.112  1.00 20.61 ? 140 SER C C   1 
ATOM   997  O O   . SER A 1 131 ? -12.253 -7.669  11.571  1.00 16.50 ? 140 SER C O   1 
ATOM   998  C CB  . SER A 1 131 ? -11.772 -9.036  14.525  1.00 23.43 ? 140 SER C CB  1 
ATOM   999  O OG  . SER A 1 131 ? -12.424 -7.802  14.767  1.00 33.73 ? 140 SER C OG  1 
ATOM   1000 N N   . VAL A 1 132 ? -10.182 -8.493  11.898  1.00 18.31 ? 141 VAL C N   1 
ATOM   1001 C CA  . VAL A 1 132 ? -9.536  -7.563  10.980  1.00 16.76 ? 141 VAL C CA  1 
ATOM   1002 C C   . VAL A 1 132 ? -9.894  -7.878  9.530   1.00 16.72 ? 141 VAL C C   1 
ATOM   1003 O O   . VAL A 1 132 ? -10.161 -6.969  8.735   1.00 16.74 ? 141 VAL C O   1 
ATOM   1004 C CB  . VAL A 1 132 ? -7.997  -7.592  11.159  1.00 19.95 ? 141 VAL C CB  1 
ATOM   1005 C CG1 . VAL A 1 132 ? -7.322  -6.757  10.080  1.00 14.74 ? 141 VAL C CG1 1 
ATOM   1006 C CG2 . VAL A 1 132 ? -7.630  -7.047  12.537  1.00 18.89 ? 141 VAL C CG2 1 
ATOM   1007 N N   . LEU A 1 133 ? -9.922  -9.161  9.183   1.00 15.99 ? 142 LEU C N   1 
ATOM   1008 C CA  . LEU A 1 133 ? -10.256 -9.547  7.816   1.00 16.79 ? 142 LEU C CA  1 
ATOM   1009 C C   . LEU A 1 133 ? -11.675 -9.109  7.473   1.00 18.14 ? 142 LEU C C   1 
ATOM   1010 O O   . LEU A 1 133 ? -11.920 -8.563  6.396   1.00 18.62 ? 142 LEU C O   1 
ATOM   1011 C CB  . LEU A 1 133 ? -10.120 -11.060 7.634   1.00 18.75 ? 142 LEU C CB  1 
ATOM   1012 C CG  . LEU A 1 133 ? -8.710  -11.628 7.835   1.00 23.08 ? 142 LEU C CG  1 
ATOM   1013 C CD1 . LEU A 1 133 ? -8.760  -13.144 7.734   1.00 23.86 ? 142 LEU C CD1 1 
ATOM   1014 C CD2 . LEU A 1 133 ? -7.759  -11.054 6.780   1.00 20.73 ? 142 LEU C CD2 1 
ATOM   1015 N N   . SER A 1 134 ? -12.610 -9.354  8.386   1.00 20.32 ? 143 SER C N   1 
ATOM   1016 C CA  . SER A 1 134 ? -14.008 -8.969  8.162   1.00 20.02 ? 143 SER C CA  1 
ATOM   1017 C C   . SER A 1 134 ? -14.143 -7.451  8.131   1.00 18.63 ? 143 SER C C   1 
ATOM   1018 O O   . SER A 1 134 ? -14.953 -6.897  7.381   1.00 18.93 ? 143 SER C O   1 
ATOM   1019 C CB  . SER A 1 134 ? -14.904 -9.545  9.265   1.00 18.99 ? 143 SER C CB  1 
ATOM   1020 O OG  . SER A 1 134 ? -14.828 -10.956 9.282   1.00 30.25 ? 143 SER C OG  1 
ATOM   1021 N N   . GLY A 1 135 ? -13.344 -6.784  8.952   1.00 17.23 ? 144 GLY C N   1 
ATOM   1022 C CA  . GLY A 1 135 ? -13.381 -5.335  8.996   1.00 17.50 ? 144 GLY C CA  1 
ATOM   1023 C C   . GLY A 1 135 ? -12.918 -4.767  7.673   1.00 20.01 ? 144 GLY C C   1 
ATOM   1024 O O   . GLY A 1 135 ? -13.525 -3.841  7.132   1.00 17.63 ? 144 GLY C O   1 
ATOM   1025 N N   . PHE A 1 136 ? -11.836 -5.330  7.145   1.00 16.67 ? 145 PHE C N   1 
ATOM   1026 C CA  . PHE A 1 136 ? -11.296 -4.883  5.874   1.00 15.61 ? 145 PHE C CA  1 
ATOM   1027 C C   . PHE A 1 136 ? -12.330 -5.080  4.763   1.00 18.49 ? 145 PHE C C   1 
ATOM   1028 O O   . PHE A 1 136 ? -12.573 -4.170  3.977   1.00 17.04 ? 145 PHE C O   1 
ATOM   1029 C CB  . PHE A 1 136 ? -10.007 -5.655  5.550   1.00 15.61 ? 145 PHE C CB  1 
ATOM   1030 C CG  . PHE A 1 136 ? -9.553  -5.517  4.117   1.00 16.16 ? 145 PHE C CG  1 
ATOM   1031 C CD1 . PHE A 1 136 ? -9.071  -4.306  3.626   1.00 18.82 ? 145 PHE C CD1 1 
ATOM   1032 C CD2 . PHE A 1 136 ? -9.619  -6.607  3.258   1.00 18.18 ? 145 PHE C CD2 1 
ATOM   1033 C CE1 . PHE A 1 136 ? -8.663  -4.190  2.292   1.00 18.42 ? 145 PHE C CE1 1 
ATOM   1034 C CE2 . PHE A 1 136 ? -9.215  -6.502  1.931   1.00 17.75 ? 145 PHE C CE2 1 
ATOM   1035 C CZ  . PHE A 1 136 ? -8.738  -5.294  1.448   1.00 17.69 ? 145 PHE C CZ  1 
ATOM   1036 N N   . GLU A 1 137 ? -12.951 -6.254  4.695   1.00 19.78 ? 146 GLU C N   1 
ATOM   1037 C CA  . GLU A 1 137 ? -13.938 -6.477  3.649   1.00 20.93 ? 146 GLU C CA  1 
ATOM   1038 C C   . GLU A 1 137 ? -15.121 -5.519  3.778   1.00 19.91 ? 146 GLU C C   1 
ATOM   1039 O O   . GLU A 1 137 ? -15.722 -5.138  2.775   1.00 19.86 ? 146 GLU C O   1 
ATOM   1040 C CB  . GLU A 1 137 ? -14.403 -7.934  3.651   1.00 23.66 ? 146 GLU C CB  1 
ATOM   1041 C CG  . GLU A 1 137 ? -13.298 -8.882  3.198   1.00 29.90 ? 146 GLU C CG  1 
ATOM   1042 C CD  . GLU A 1 137 ? -13.777 -10.303 2.972   1.00 36.68 ? 146 GLU C CD  1 
ATOM   1043 O OE1 . GLU A 1 137 ? -12.945 -11.153 2.587   1.00 39.20 ? 146 GLU C OE1 1 
ATOM   1044 O OE2 . GLU A 1 137 ? -14.979 -10.574 3.173   1.00 41.60 ? 146 GLU C OE2 1 
ATOM   1045 N N   . GLN A 1 138 ? -15.442 -5.112  5.004   1.00 17.65 ? 147 GLN C N   1 
ATOM   1046 C CA  . GLN A 1 138 ? -16.537 -4.169  5.208   1.00 21.54 ? 147 GLN C CA  1 
ATOM   1047 C C   . GLN A 1 138 ? -16.138 -2.832  4.582   1.00 21.58 ? 147 GLN C C   1 
ATOM   1048 O O   . GLN A 1 138 ? -16.952 -2.173  3.928   1.00 20.39 ? 147 GLN C O   1 
ATOM   1049 C CB  . GLN A 1 138 ? -16.823 -3.987  6.702   1.00 20.48 ? 147 GLN C CB  1 
ATOM   1050 C CG  . GLN A 1 138 ? -17.907 -2.951  7.032   1.00 22.41 ? 147 GLN C CG  1 
ATOM   1051 C CD  . GLN A 1 138 ? -19.276 -3.317  6.472   1.00 24.77 ? 147 GLN C CD  1 
ATOM   1052 O OE1 . GLN A 1 138 ? -19.697 -4.474  6.530   1.00 24.80 ? 147 GLN C OE1 1 
ATOM   1053 N NE2 . GLN A 1 138 ? -19.978 -2.328  5.935   1.00 24.25 ? 147 GLN C NE2 1 
ATOM   1054 N N   . ARG A 1 139 ? -14.883 -2.433  4.769   1.00 19.43 ? 148 ARG C N   1 
ATOM   1055 C CA  . ARG A 1 139 ? -14.407 -1.178  4.196   1.00 18.13 ? 148 ARG C CA  1 
ATOM   1056 C C   . ARG A 1 139 ? -14.369 -1.252  2.676   1.00 16.71 ? 148 ARG C C   1 
ATOM   1057 O O   . ARG A 1 139 ? -14.588 -0.254  1.996   1.00 19.38 ? 148 ARG C O   1 
ATOM   1058 C CB  . ARG A 1 139 ? -13.020 -0.829  4.743   1.00 20.22 ? 148 ARG C CB  1 
ATOM   1059 C CG  . ARG A 1 139 ? -13.040 -0.415  6.214   1.00 20.96 ? 148 ARG C CG  1 
ATOM   1060 C CD  . ARG A 1 139 ? -13.895 0.834   6.418   1.00 24.62 ? 148 ARG C CD  1 
ATOM   1061 N NE  . ARG A 1 139 ? -13.921 1.258   7.816   1.00 27.14 ? 148 ARG C NE  1 
ATOM   1062 C CZ  . ARG A 1 139 ? -14.923 1.021   8.655   1.00 28.27 ? 148 ARG C CZ  1 
ATOM   1063 N NH1 . ARG A 1 139 ? -15.997 0.358   8.246   1.00 30.09 ? 148 ARG C NH1 1 
ATOM   1064 N NH2 . ARG A 1 139 ? -14.850 1.447   9.905   1.00 22.75 ? 148 ARG C NH2 1 
ATOM   1065 N N   . VAL A 1 140 ? -14.089 -2.434  2.137   1.00 17.64 ? 149 VAL C N   1 
ATOM   1066 C CA  . VAL A 1 140 ? -14.054 -2.594  0.692   1.00 19.22 ? 149 VAL C CA  1 
ATOM   1067 C C   . VAL A 1 140 ? -15.464 -2.413  0.135   1.00 21.96 ? 149 VAL C C   1 
ATOM   1068 O O   . VAL A 1 140 ? -15.655 -1.803  -0.918  1.00 21.97 ? 149 VAL C O   1 
ATOM   1069 C CB  . VAL A 1 140 ? -13.527 -3.990  0.297   1.00 21.44 ? 149 VAL C CB  1 
ATOM   1070 C CG1 . VAL A 1 140 ? -13.662 -4.188  -1.204  1.00 21.97 ? 149 VAL C CG1 1 
ATOM   1071 C CG2 . VAL A 1 140 ? -12.068 -4.131  0.713   1.00 18.93 ? 149 VAL C CG2 1 
ATOM   1072 N N   . GLN A 1 141 ? -16.451 -2.945  0.848   1.00 20.41 ? 150 GLN C N   1 
ATOM   1073 C CA  . GLN A 1 141 ? -17.840 -2.821  0.407   1.00 23.26 ? 150 GLN C CA  1 
ATOM   1074 C C   . GLN A 1 141 ? -18.264 -1.358  0.442   1.00 21.95 ? 150 GLN C C   1 
ATOM   1075 O O   . GLN A 1 141 ? -18.960 -0.875  -0.452  1.00 24.50 ? 150 GLN C O   1 
ATOM   1076 C CB  . GLN A 1 141 ? -18.766 -3.646  1.305   1.00 23.02 ? 150 GLN C CB  1 
ATOM   1077 C CG  . GLN A 1 141 ? -20.232 -3.557  0.904   1.00 33.66 ? 150 GLN C CG  1 
ATOM   1078 C CD  . GLN A 1 141 ? -21.132 -4.431  1.759   1.00 39.41 ? 150 GLN C CD  1 
ATOM   1079 O OE1 . GLN A 1 141 ? -22.310 -4.609  1.452   1.00 46.02 ? 150 GLN C OE1 1 
ATOM   1080 N NE2 . GLN A 1 141 ? -20.582 -4.978  2.836   1.00 41.88 ? 150 GLN C NE2 1 
ATOM   1081 N N   . GLU A 1 142 ? -17.843 -0.652  1.485   1.00 22.60 ? 151 GLU C N   1 
ATOM   1082 C CA  . GLU A 1 142 ? -18.184 0.759   1.627   1.00 23.38 ? 151 GLU C CA  1 
ATOM   1083 C C   . GLU A 1 142 ? -17.484 1.618   0.582   1.00 25.52 ? 151 GLU C C   1 
ATOM   1084 O O   . GLU A 1 142 ? -17.884 2.757   0.333   1.00 25.10 ? 151 GLU C O   1 
ATOM   1085 C CB  . GLU A 1 142 ? -17.844 1.231   3.042   1.00 24.32 ? 151 GLU C CB  1 
ATOM   1086 C CG  . GLU A 1 142 ? -18.695 0.529   4.090   1.00 29.03 ? 151 GLU C CG  1 
ATOM   1087 C CD  . GLU A 1 142 ? -18.270 0.819   5.516   1.00 31.52 ? 151 GLU C CD  1 
ATOM   1088 O OE1 . GLU A 1 142 ? -18.994 0.398   6.437   1.00 33.83 ? 151 GLU C OE1 1 
ATOM   1089 O OE2 . GLU A 1 142 ? -17.219 1.456   5.718   1.00 35.04 ? 151 GLU C OE2 1 
ATOM   1090 N N   . ALA A 1 143 ? -16.449 1.060   -0.041  1.00 22.02 ? 152 ALA C N   1 
ATOM   1091 C CA  . ALA A 1 143 ? -15.708 1.773   -1.078  1.00 23.27 ? 152 ALA C CA  1 
ATOM   1092 C C   . ALA A 1 143 ? -16.314 1.454   -2.445  1.00 25.59 ? 152 ALA C C   1 
ATOM   1093 O O   . ALA A 1 143 ? -15.731 1.757   -3.491  1.00 24.53 ? 152 ALA C O   1 
ATOM   1094 C CB  . ALA A 1 143 ? -14.233 1.370   -1.044  1.00 23.93 ? 152 ALA C CB  1 
ATOM   1095 N N   . HIS A 1 144 ? -17.484 0.820   -2.417  1.00 25.58 ? 153 HIS C N   1 
ATOM   1096 C CA  . HIS A 1 144 ? -18.217 0.447   -3.621  1.00 26.66 ? 153 HIS C CA  1 
ATOM   1097 C C   . HIS A 1 144 ? -17.475 -0.569  -4.488  1.00 28.45 ? 153 HIS C C   1 
ATOM   1098 O O   . HIS A 1 144 ? -17.495 -0.492  -5.719  1.00 27.25 ? 153 HIS C O   1 
ATOM   1099 C CB  . HIS A 1 144 ? -18.554 1.701   -4.429  1.00 30.11 ? 153 HIS C CB  1 
ATOM   1100 C CG  . HIS A 1 144 ? -19.282 2.741   -3.637  1.00 34.56 ? 153 HIS C CG  1 
ATOM   1101 N ND1 . HIS A 1 144 ? -20.504 2.502   -3.046  1.00 37.65 ? 153 HIS C ND1 1 
ATOM   1102 C CD2 . HIS A 1 144 ? -18.944 4.009   -3.304  1.00 39.05 ? 153 HIS C CD2 1 
ATOM   1103 C CE1 . HIS A 1 144 ? -20.887 3.577   -2.380  1.00 39.29 ? 153 HIS C CE1 1 
ATOM   1104 N NE2 . HIS A 1 144 ? -19.959 4.506   -2.520  1.00 41.46 ? 153 HIS C NE2 1 
ATOM   1105 N N   . LEU A 1 145 ? -16.820 -1.519  -3.828  1.00 26.76 ? 154 LEU C N   1 
ATOM   1106 C CA  . LEU A 1 145 ? -16.088 -2.578  -4.507  1.00 25.97 ? 154 LEU C CA  1 
ATOM   1107 C C   . LEU A 1 145 ? -16.749 -3.890  -4.098  1.00 25.99 ? 154 LEU C C   1 
ATOM   1108 O O   . LEU A 1 145 ? -17.257 -4.011  -2.982  1.00 29.04 ? 154 LEU C O   1 
ATOM   1109 C CB  . LEU A 1 145 ? -14.617 -2.561  -4.080  1.00 22.56 ? 154 LEU C CB  1 
ATOM   1110 C CG  . LEU A 1 145 ? -13.812 -1.325  -4.495  1.00 22.95 ? 154 LEU C CG  1 
ATOM   1111 C CD1 . LEU A 1 145 ? -12.487 -1.273  -3.739  1.00 24.08 ? 154 LEU C CD1 1 
ATOM   1112 C CD2 . LEU A 1 145 ? -13.561 -1.367  -6.000  1.00 23.96 ? 154 LEU C CD2 1 
ATOM   1113 N N   . THR A 1 146 ? -16.760 -4.864  -4.998  1.00 25.40 ? 155 THR C N   1 
ATOM   1114 C CA  . THR A 1 146 ? -17.378 -6.148  -4.697  1.00 29.99 ? 155 THR C CA  1 
ATOM   1115 C C   . THR A 1 146 ? -16.357 -7.159  -4.192  1.00 32.55 ? 155 THR C C   1 
ATOM   1116 O O   . THR A 1 146 ? -15.162 -6.873  -4.139  1.00 32.92 ? 155 THR C O   1 
ATOM   1117 C CB  . THR A 1 146 ? -18.071 -6.744  -5.941  1.00 30.98 ? 155 THR C CB  1 
ATOM   1118 O OG1 . THR A 1 146 ? -17.094 -6.992  -6.960  1.00 31.45 ? 155 THR C OG1 1 
ATOM   1119 C CG2 . THR A 1 146 ? -19.118 -5.786  -6.476  1.00 31.20 ? 155 THR C CG2 1 
ATOM   1120 N N   . GLU A 1 147 ? -16.842 -8.344  -3.831  1.00 35.70 ? 156 GLU C N   1 
ATOM   1121 C CA  . GLU A 1 147 ? -15.985 -9.409  -3.333  1.00 38.63 ? 156 GLU C CA  1 
ATOM   1122 C C   . GLU A 1 147 ? -15.075 -9.924  -4.434  1.00 38.23 ? 156 GLU C C   1 
ATOM   1123 O O   . GLU A 1 147 ? -14.029 -10.506 -4.156  1.00 39.09 ? 156 GLU C O   1 
ATOM   1124 C CB  . GLU A 1 147 ? -16.833 -10.561 -2.788  1.00 43.58 ? 156 GLU C CB  1 
ATOM   1125 C CG  . GLU A 1 147 ? -17.689 -10.196 -1.588  1.00 52.19 ? 156 GLU C CG  1 
ATOM   1126 C CD  . GLU A 1 147 ? -18.508 -11.368 -1.082  1.00 56.43 ? 156 GLU C CD  1 
ATOM   1127 O OE1 . GLU A 1 147 ? -19.338 -11.892 -1.857  1.00 60.03 ? 156 GLU C OE1 1 
ATOM   1128 O OE2 . GLU A 1 147 ? -18.323 -11.766 0.088   1.00 59.46 ? 156 GLU C OE2 1 
ATOM   1129 N N   . ASP A 1 148 ? -15.470 -9.711  -5.684  1.00 38.13 ? 157 ASP C N   1 
ATOM   1130 C CA  . ASP A 1 148 ? -14.670 -10.171 -6.812  1.00 38.07 ? 157 ASP C CA  1 
ATOM   1131 C C   . ASP A 1 148 ? -13.569 -9.167  -7.139  1.00 34.18 ? 157 ASP C C   1 
ATOM   1132 O O   . ASP A 1 148 ? -12.763 -9.387  -8.043  1.00 35.02 ? 157 ASP C O   1 
ATOM   1133 C CB  . ASP A 1 148 ? -15.560 -10.401 -8.041  1.00 46.15 ? 157 ASP C CB  1 
ATOM   1134 C CG  . ASP A 1 148 ? -15.430 -9.300  -9.074  1.00 52.46 ? 157 ASP C CG  1 
ATOM   1135 O OD1 . ASP A 1 148 ? -15.749 -8.134  -8.751  1.00 59.52 ? 157 ASP C OD1 1 
ATOM   1136 O OD2 . ASP A 1 148 ? -15.005 -9.602  -10.210 1.00 57.70 ? 157 ASP C OD2 1 
ATOM   1137 N N   . GLN A 1 149 ? -13.548 -8.060  -6.402  1.00 28.14 ? 158 GLN C N   1 
ATOM   1138 C CA  . GLN A 1 149 ? -12.538 -7.030  -6.598  1.00 23.58 ? 158 GLN C CA  1 
ATOM   1139 C C   . GLN A 1 149 ? -11.613 -6.996  -5.377  1.00 22.15 ? 158 GLN C C   1 
ATOM   1140 O O   . GLN A 1 149 ? -10.956 -5.992  -5.102  1.00 19.94 ? 158 GLN C O   1 
ATOM   1141 C CB  . GLN A 1 149 ? -13.202 -5.663  -6.819  1.00 23.55 ? 158 GLN C CB  1 
ATOM   1142 C CG  . GLN A 1 149 ? -14.095 -5.623  -8.063  1.00 24.95 ? 158 GLN C CG  1 
ATOM   1143 C CD  . GLN A 1 149 ? -14.809 -4.304  -8.250  1.00 23.38 ? 158 GLN C CD  1 
ATOM   1144 O OE1 . GLN A 1 149 ? -15.502 -3.827  -7.353  1.00 27.98 ? 158 GLN C OE1 1 
ATOM   1145 N NE2 . GLN A 1 149 ? -14.647 -3.705  -9.420  1.00 26.60 ? 158 GLN C NE2 1 
ATOM   1146 N N   . ILE A 1 150 ? -11.590 -8.100  -4.637  1.00 22.99 ? 159 ILE C N   1 
ATOM   1147 C CA  . ILE A 1 150 ? -10.722 -8.221  -3.473  1.00 20.92 ? 159 ILE C CA  1 
ATOM   1148 C C   . ILE A 1 150 ? -9.685  -9.278  -3.817  1.00 20.71 ? 159 ILE C C   1 
ATOM   1149 O O   . ILE A 1 150 ? -10.028 -10.391 -4.218  1.00 21.24 ? 159 ILE C O   1 
ATOM   1150 C CB  . ILE A 1 150 ? -11.476 -8.689  -2.219  1.00 23.81 ? 159 ILE C CB  1 
ATOM   1151 C CG1 . ILE A 1 150 ? -12.518 -7.650  -1.809  1.00 24.47 ? 159 ILE C CG1 1 
ATOM   1152 C CG2 . ILE A 1 150 ? -10.484 -8.909  -1.078  1.00 23.52 ? 159 ILE C CG2 1 
ATOM   1153 C CD1 . ILE A 1 150 ? -13.306 -8.038  -0.580  1.00 27.97 ? 159 ILE C CD1 1 
ATOM   1154 N N   . PHE A 1 151 ? -8.416  -8.937  -3.648  1.00 20.33 ? 160 PHE C N   1 
ATOM   1155 C CA  . PHE A 1 151 ? -7.354  -9.869  -3.968  1.00 19.78 ? 160 PHE C CA  1 
ATOM   1156 C C   . PHE A 1 151 ? -6.473  -10.145 -2.756  1.00 17.97 ? 160 PHE C C   1 
ATOM   1157 O O   . PHE A 1 151 ? -5.865  -9.231  -2.202  1.00 17.89 ? 160 PHE C O   1 
ATOM   1158 C CB  . PHE A 1 151 ? -6.522  -9.306  -5.128  1.00 19.88 ? 160 PHE C CB  1 
ATOM   1159 C CG  . PHE A 1 151 ? -7.348  -8.912  -6.327  1.00 23.24 ? 160 PHE C CG  1 
ATOM   1160 C CD1 . PHE A 1 151 ? -8.014  -7.687  -6.362  1.00 18.71 ? 160 PHE C CD1 1 
ATOM   1161 C CD2 . PHE A 1 151 ? -7.513  -9.793  -7.395  1.00 24.55 ? 160 PHE C CD2 1 
ATOM   1162 C CE1 . PHE A 1 151 ? -8.837  -7.346  -7.440  1.00 23.08 ? 160 PHE C CE1 1 
ATOM   1163 C CE2 . PHE A 1 151 ? -8.332  -9.463  -8.480  1.00 26.43 ? 160 PHE C CE2 1 
ATOM   1164 C CZ  . PHE A 1 151 ? -8.998  -8.235  -8.501  1.00 23.49 ? 160 PHE C CZ  1 
ATOM   1165 N N   . TYR A 1 152 ? -6.422  -11.402 -2.328  1.00 18.53 ? 161 TYR C N   1 
ATOM   1166 C CA  . TYR A 1 152 ? -5.582  -11.747 -1.196  1.00 18.19 ? 161 TYR C CA  1 
ATOM   1167 C C   . TYR A 1 152 ? -4.218  -12.138 -1.728  1.00 18.26 ? 161 TYR C C   1 
ATOM   1168 O O   . TYR A 1 152 ? -4.103  -12.924 -2.667  1.00 21.52 ? 161 TYR C O   1 
ATOM   1169 C CB  . TYR A 1 152 ? -6.204  -12.878 -0.368  1.00 18.72 ? 161 TYR C CB  1 
ATOM   1170 C CG  . TYR A 1 152 ? -7.330  -12.391 0.521   1.00 24.00 ? 161 TYR C CG  1 
ATOM   1171 C CD1 . TYR A 1 152 ? -8.641  -12.325 0.054   1.00 24.57 ? 161 TYR C CD1 1 
ATOM   1172 C CD2 . TYR A 1 152 ? -7.070  -11.928 1.813   1.00 27.34 ? 161 TYR C CD2 1 
ATOM   1173 C CE1 . TYR A 1 152 ? -9.667  -11.805 0.851   1.00 24.94 ? 161 TYR C CE1 1 
ATOM   1174 C CE2 . TYR A 1 152 ? -8.086  -11.408 2.615   1.00 28.05 ? 161 TYR C CE2 1 
ATOM   1175 C CZ  . TYR A 1 152 ? -9.377  -11.351 2.125   1.00 26.77 ? 161 TYR C CZ  1 
ATOM   1176 O OH  . TYR A 1 152 ? -10.378 -10.834 2.913   1.00 31.26 ? 161 TYR C OH  1 
ATOM   1177 N N   . PHE A 1 153 ? -3.185  -11.559 -1.131  1.00 16.70 ? 162 PHE C N   1 
ATOM   1178 C CA  . PHE A 1 153 ? -1.819  -11.808 -1.551  1.00 16.60 ? 162 PHE C CA  1 
ATOM   1179 C C   . PHE A 1 153 ? -1.177  -13.004 -0.864  1.00 17.94 ? 162 PHE C C   1 
ATOM   1180 O O   . PHE A 1 153 ? -1.647  -13.464 0.174   1.00 18.84 ? 162 PHE C O   1 
ATOM   1181 C CB  . PHE A 1 153 ? -0.983  -10.543 -1.341  1.00 15.76 ? 162 PHE C CB  1 
ATOM   1182 C CG  . PHE A 1 153 ? -1.148  -9.529  -2.439  1.00 18.96 ? 162 PHE C CG  1 
ATOM   1183 C CD1 . PHE A 1 153 ? -2.402  -9.014  -2.751  1.00 19.07 ? 162 PHE C CD1 1 
ATOM   1184 C CD2 . PHE A 1 153 ? -0.055  -9.120  -3.188  1.00 18.85 ? 162 PHE C CD2 1 
ATOM   1185 C CE1 . PHE A 1 153 ? -2.564  -8.109  -3.796  1.00 20.19 ? 162 PHE C CE1 1 
ATOM   1186 C CE2 . PHE A 1 153 ? -0.208  -8.214  -4.237  1.00 18.79 ? 162 PHE C CE2 1 
ATOM   1187 C CZ  . PHE A 1 153 ? -1.466  -7.710  -4.541  1.00 16.67 ? 162 PHE C CZ  1 
ATOM   1188 N N   . PRO A 1 154 ? -0.090  -13.527 -1.448  1.00 20.24 ? 163 PRO C N   1 
ATOM   1189 C CA  . PRO A 1 154 ? 0.635   -14.682 -0.907  1.00 21.33 ? 163 PRO C CA  1 
ATOM   1190 C C   . PRO A 1 154 ? 1.020   -14.524 0.559   1.00 24.37 ? 163 PRO C C   1 
ATOM   1191 O O   . PRO A 1 154 ? 1.282   -13.414 1.028   1.00 20.38 ? 163 PRO C O   1 
ATOM   1192 C CB  . PRO A 1 154 ? 1.848   -14.786 -1.826  1.00 21.94 ? 163 PRO C CB  1 
ATOM   1193 C CG  . PRO A 1 154 ? 1.298   -14.316 -3.143  1.00 23.63 ? 163 PRO C CG  1 
ATOM   1194 C CD  . PRO A 1 154 ? 0.505   -13.091 -2.725  1.00 21.03 ? 163 PRO C CD  1 
ATOM   1195 N N   . LYS A 1 155 ? 1.045   -15.644 1.274   1.00 25.60 ? 164 LYS C N   1 
ATOM   1196 C CA  . LYS A 1 155 ? 1.395   -15.663 2.689   1.00 29.22 ? 164 LYS C CA  1 
ATOM   1197 C C   . LYS A 1 155 ? 2.812   -16.189 2.877   1.00 30.49 ? 164 LYS C C   1 
ATOM   1198 O O   . LYS A 1 155 ? 3.270   -16.366 4.005   1.00 30.39 ? 164 LYS C O   1 
ATOM   1199 C CB  . LYS A 1 155 ? 0.414   -16.548 3.460   1.00 32.68 ? 164 LYS C CB  1 
ATOM   1200 C CG  . LYS A 1 155 ? -1.044  -16.136 3.325   1.00 40.17 ? 164 LYS C CG  1 
ATOM   1201 C CD  . LYS A 1 155 ? -1.953  -17.139 4.020   1.00 42.50 ? 164 LYS C CD  1 
ATOM   1202 C CE  . LYS A 1 155 ? -3.415  -16.758 3.875   1.00 45.92 ? 164 LYS C CE  1 
ATOM   1203 N NZ  . LYS A 1 155 ? -3.851  -16.717 2.450   1.00 48.30 ? 164 LYS C NZ  1 
ATOM   1204 N N   . TYR A 1 156 ? 3.496   -16.446 1.765   1.00 30.97 ? 165 TYR C N   1 
ATOM   1205 C CA  . TYR A 1 156 ? 4.866   -16.937 1.801   1.00 34.09 ? 165 TYR C CA  1 
ATOM   1206 C C   . TYR A 1 156 ? 5.610   -16.484 0.550   1.00 30.50 ? 165 TYR C C   1 
ATOM   1207 O O   . TYR A 1 156 ? 4.993   -16.122 -0.451  1.00 30.20 ? 165 TYR C O   1 
ATOM   1208 C CB  . TYR A 1 156 ? 4.888   -18.466 1.926   1.00 39.99 ? 165 TYR C CB  1 
ATOM   1209 C CG  . TYR A 1 156 ? 4.334   -19.219 0.736   1.00 46.14 ? 165 TYR C CG  1 
ATOM   1210 C CD1 . TYR A 1 156 ? 5.144   -19.530 -0.357  1.00 51.14 ? 165 TYR C CD1 1 
ATOM   1211 C CD2 . TYR A 1 156 ? 3.002   -19.631 0.707   1.00 49.93 ? 165 TYR C CD2 1 
ATOM   1212 C CE1 . TYR A 1 156 ? 4.641   -20.235 -1.452  1.00 53.13 ? 165 TYR C CE1 1 
ATOM   1213 C CE2 . TYR A 1 156 ? 2.487   -20.333 -0.380  1.00 52.86 ? 165 TYR C CE2 1 
ATOM   1214 C CZ  . TYR A 1 156 ? 3.312   -20.633 -1.455  1.00 54.66 ? 165 TYR C CZ  1 
ATOM   1215 O OH  . TYR A 1 156 ? 2.808   -21.331 -2.529  1.00 54.99 ? 165 TYR C OH  1 
ATOM   1216 N N   . GLY A 1 157 ? 6.935   -16.490 0.617   1.00 29.17 ? 166 GLY C N   1 
ATOM   1217 C CA  . GLY A 1 157 ? 7.730   -16.058 -0.517  1.00 27.74 ? 166 GLY C CA  1 
ATOM   1218 C C   . GLY A 1 157 ? 8.148   -14.604 -0.399  1.00 25.33 ? 166 GLY C C   1 
ATOM   1219 O O   . GLY A 1 157 ? 8.565   -13.988 -1.385  1.00 25.49 ? 166 GLY C O   1 
ATOM   1220 N N   . PHE A 1 158 ? 8.038   -14.056 0.808   1.00 22.64 ? 167 PHE C N   1 
ATOM   1221 C CA  . PHE A 1 158 ? 8.404   -12.661 1.066   1.00 22.02 ? 167 PHE C CA  1 
ATOM   1222 C C   . PHE A 1 158 ? 9.890   -12.404 0.886   1.00 23.24 ? 167 PHE C C   1 
ATOM   1223 O O   . PHE A 1 158 ? 10.710  -13.314 1.014   1.00 23.87 ? 167 PHE C O   1 
ATOM   1224 C CB  . PHE A 1 158 ? 8.041   -12.255 2.499   1.00 18.42 ? 167 PHE C CB  1 
ATOM   1225 C CG  . PHE A 1 158 ? 6.568   -12.220 2.774   1.00 17.08 ? 167 PHE C CG  1 
ATOM   1226 C CD1 . PHE A 1 158 ? 5.912   -13.334 3.282   1.00 18.63 ? 167 PHE C CD1 1 
ATOM   1227 C CD2 . PHE A 1 158 ? 5.836   -11.062 2.540   1.00 17.15 ? 167 PHE C CD2 1 
ATOM   1228 C CE1 . PHE A 1 158 ? 4.551   -13.290 3.558   1.00 17.82 ? 167 PHE C CE1 1 
ATOM   1229 C CE2 . PHE A 1 158 ? 4.472   -11.010 2.813   1.00 16.00 ? 167 PHE C CE2 1 
ATOM   1230 C CZ  . PHE A 1 158 ? 3.828   -12.125 3.322   1.00 16.77 ? 167 PHE C CZ  1 
ATOM   1231 N N   . CYS A 1 159 ? 10.228  -11.148 0.608   1.00 22.27 ? 168 CYS C N   1 
ATOM   1232 C CA  . CYS A 1 159 ? 11.615  -10.737 0.433   1.00 26.14 ? 168 CYS C CA  1 
ATOM   1233 C C   . CYS A 1 159 ? 12.067  -9.956  1.646   1.00 27.44 ? 168 CYS C C   1 
ATOM   1234 O O   . CYS A 1 159 ? 11.416  -8.995  2.052   1.00 29.25 ? 168 CYS C O   1 
ATOM   1235 C CB  . CYS A 1 159 ? 11.784  -9.852  -0.806  1.00 26.36 ? 168 CYS C CB  1 
ATOM   1236 S SG  . CYS A 1 159 ? 11.664  -10.719 -2.390  1.00 32.30 ? 168 CYS C SG  1 
ATOM   1237 N N   . GLU A 1 160 ? 13.192  -10.370 2.211   1.00 27.47 ? 169 GLU C N   1 
ATOM   1238 C CA  . GLU A 1 160 ? 13.745  -9.719  3.386   1.00 27.35 ? 169 GLU C CA  1 
ATOM   1239 C C   . GLU A 1 160 ? 14.646  -8.550  2.982   1.00 27.97 ? 169 GLU C C   1 
ATOM   1240 O O   . GLU A 1 160 ? 14.815  -7.588  3.733   1.00 25.98 ? 169 GLU C O   1 
ATOM   1241 C CB  . GLU A 1 160 ? 14.537  -10.738 4.202   1.00 31.42 ? 169 GLU C CB  1 
ATOM   1242 C CG  . GLU A 1 160 ? 15.055  -10.222 5.525   1.00 37.53 ? 169 GLU C CG  1 
ATOM   1243 C CD  . GLU A 1 160 ? 15.716  -11.310 6.340   1.00 41.06 ? 169 GLU C CD  1 
ATOM   1244 O OE1 . GLU A 1 160 ? 16.651  -11.956 5.823   1.00 42.74 ? 169 GLU C OE1 1 
ATOM   1245 O OE2 . GLU A 1 160 ? 15.303  -11.521 7.498   1.00 45.32 ? 169 GLU C OE2 1 
ATOM   1246 N N   . ALA A 1 161 ? 15.219  -8.632  1.787   1.00 26.35 ? 170 ALA C N   1 
ATOM   1247 C CA  . ALA A 1 161 ? 16.092  -7.577  1.298   1.00 26.63 ? 170 ALA C CA  1 
ATOM   1248 C C   . ALA A 1 161 ? 16.328  -7.756  -0.190  1.00 24.77 ? 170 ALA C C   1 
ATOM   1249 O O   . ALA A 1 161 ? 15.851  -8.711  -0.800  1.00 26.35 ? 170 ALA C O   1 
ATOM   1250 C CB  . ALA A 1 161 ? 17.420  -7.610  2.043   1.00 30.71 ? 170 ALA C CB  1 
ATOM   1251 N N   . ALA A 1 162 ? 17.062  -6.819  -0.772  1.00 24.83 ? 171 ALA C N   1 
ATOM   1252 C CA  . ALA A 1 162 ? 17.388  -6.868  -2.190  1.00 23.54 ? 171 ALA C CA  1 
ATOM   1253 C C   . ALA A 1 162 ? 18.816  -6.361  -2.349  1.00 22.10 ? 171 ALA C C   1 
ATOM   1254 O O   . ALA A 1 162 ? 19.258  -5.513  -1.574  1.00 22.70 ? 171 ALA C O   1 
ATOM   1255 C CB  . ALA A 1 162 ? 16.424  -5.987  -2.984  1.00 20.47 ? 171 ALA C CB  1 
ATOM   1256 N N   . ASP A 1 163 ? 19.539  -6.878  -3.339  1.00 25.79 ? 172 ASP C N   1 
ATOM   1257 C CA  . ASP A 1 163 ? 20.910  -6.435  -3.565  1.00 24.92 ? 172 ASP C CA  1 
ATOM   1258 C C   . ASP A 1 163 ? 20.904  -5.120  -4.329  1.00 25.80 ? 172 ASP C C   1 
ATOM   1259 O O   . ASP A 1 163 ? 19.868  -4.703  -4.846  1.00 24.95 ? 172 ASP C O   1 
ATOM   1260 C CB  . ASP A 1 163 ? 21.722  -7.499  -4.323  1.00 29.18 ? 172 ASP C CB  1 
ATOM   1261 C CG  . ASP A 1 163 ? 21.134  -7.846  -5.675  1.00 30.62 ? 172 ASP C CG  1 
ATOM   1262 O OD1 . ASP A 1 163 ? 20.836  -6.925  -6.458  1.00 29.57 ? 172 ASP C OD1 1 
ATOM   1263 O OD2 . ASP A 1 163 ? 20.989  -9.054  -5.966  1.00 36.74 ? 172 ASP C OD2 1 
ATOM   1264 N N   . GLN A 1 164 ? 22.061  -4.467  -4.397  1.00 23.48 ? 173 GLN C N   1 
ATOM   1265 C CA  . GLN A 1 164 ? 22.181  -3.175  -5.065  1.00 24.43 ? 173 GLN C CA  1 
ATOM   1266 C C   . GLN A 1 164 ? 21.749  -3.159  -6.527  1.00 22.02 ? 173 GLN C C   1 
ATOM   1267 O O   . GLN A 1 164 ? 21.478  -2.096  -7.084  1.00 23.17 ? 173 GLN C O   1 
ATOM   1268 C CB  . GLN A 1 164 ? 23.624  -2.660  -4.959  1.00 25.03 ? 173 GLN C CB  1 
ATOM   1269 C CG  . GLN A 1 164 ? 24.630  -3.406  -5.845  1.00 27.97 ? 173 GLN C CG  1 
ATOM   1270 C CD  . GLN A 1 164 ? 26.052  -2.925  -5.631  1.00 26.78 ? 173 GLN C CD  1 
ATOM   1271 O OE1 . GLN A 1 164 ? 26.808  -3.507  -4.854  1.00 28.34 ? 173 GLN C OE1 1 
ATOM   1272 N NE2 . GLN A 1 164 ? 26.414  -1.842  -6.306  1.00 30.02 ? 173 GLN C NE2 1 
ATOM   1273 N N   . PHE A 1 165 ? 21.680  -4.325  -7.155  1.00 19.55 ? 174 PHE C N   1 
ATOM   1274 C CA  . PHE A 1 165 ? 21.290  -4.371  -8.558  1.00 20.51 ? 174 PHE C CA  1 
ATOM   1275 C C   . PHE A 1 165 ? 19.783  -4.423  -8.751  1.00 21.93 ? 174 PHE C C   1 
ATOM   1276 O O   . PHE A 1 165 ? 19.293  -4.296  -9.869  1.00 20.87 ? 174 PHE C O   1 
ATOM   1277 C CB  . PHE A 1 165 ? 21.932  -5.576  -9.255  1.00 21.63 ? 174 PHE C CB  1 
ATOM   1278 C CG  . PHE A 1 165 ? 23.429  -5.494  -9.351  1.00 22.12 ? 174 PHE C CG  1 
ATOM   1279 C CD1 . PHE A 1 165 ? 24.239  -6.113  -8.406  1.00 27.17 ? 174 PHE C CD1 1 
ATOM   1280 C CD2 . PHE A 1 165 ? 24.027  -4.786  -10.385 1.00 26.54 ? 174 PHE C CD2 1 
ATOM   1281 C CE1 . PHE A 1 165 ? 25.628  -6.031  -8.491  1.00 28.08 ? 174 PHE C CE1 1 
ATOM   1282 C CE2 . PHE A 1 165 ? 25.415  -4.696  -10.479 1.00 29.63 ? 174 PHE C CE2 1 
ATOM   1283 C CZ  . PHE A 1 165 ? 26.215  -5.319  -9.531  1.00 28.62 ? 174 PHE C CZ  1 
ATOM   1284 N N   . HIS A 1 166 ? 19.049  -4.592  -7.657  1.00 22.78 ? 175 HIS C N   1 
ATOM   1285 C CA  . HIS A 1 166 ? 17.600  -4.677  -7.742  1.00 21.13 ? 175 HIS C CA  1 
ATOM   1286 C C   . HIS A 1 166 ? 16.899  -3.696  -6.819  1.00 21.47 ? 175 HIS C C   1 
ATOM   1287 O O   . HIS A 1 166 ? 16.025  -4.070  -6.037  1.00 23.00 ? 175 HIS C O   1 
ATOM   1288 C CB  . HIS A 1 166 ? 17.167  -6.105  -7.441  1.00 20.64 ? 175 HIS C CB  1 
ATOM   1289 C CG  . HIS A 1 166 ? 17.773  -7.111  -8.367  1.00 23.92 ? 175 HIS C CG  1 
ATOM   1290 N ND1 . HIS A 1 166 ? 17.300  -7.326  -9.644  1.00 25.55 ? 175 HIS C ND1 1 
ATOM   1291 C CD2 . HIS A 1 166 ? 18.847  -7.921  -8.223  1.00 22.95 ? 175 HIS C CD2 1 
ATOM   1292 C CE1 . HIS A 1 166 ? 18.056  -8.227  -10.245 1.00 22.91 ? 175 HIS C CE1 1 
ATOM   1293 N NE2 . HIS A 1 166 ? 19.002  -8.604  -9.404  1.00 24.68 ? 175 HIS C NE2 1 
ATOM   1294 N N   . VAL A 1 167 ? 17.296  -2.435  -6.927  1.00 21.51 ? 176 VAL C N   1 
ATOM   1295 C CA  . VAL A 1 167 ? 16.715  -1.368  -6.135  1.00 23.25 ? 176 VAL C CA  1 
ATOM   1296 C C   . VAL A 1 167 ? 16.164  -0.310  -7.082  1.00 25.18 ? 176 VAL C C   1 
ATOM   1297 O O   . VAL A 1 167 ? 16.910  0.303   -7.843  1.00 25.91 ? 176 VAL C O   1 
ATOM   1298 C CB  . VAL A 1 167 ? 17.765  -0.720  -5.208  1.00 25.41 ? 176 VAL C CB  1 
ATOM   1299 C CG1 . VAL A 1 167 ? 17.131  0.407   -4.414  1.00 28.02 ? 176 VAL C CG1 1 
ATOM   1300 C CG2 . VAL A 1 167 ? 18.347  -1.765  -4.268  1.00 26.71 ? 176 VAL C CG2 1 
ATOM   1301 N N   . LEU A 1 168 ? 14.850  -0.120  -7.050  1.00 21.50 ? 177 LEU C N   1 
ATOM   1302 C CA  . LEU A 1 168 ? 14.194  0.873   -7.893  1.00 23.52 ? 177 LEU C CA  1 
ATOM   1303 C C   . LEU A 1 168 ? 13.970  2.119   -7.053  1.00 28.26 ? 177 LEU C C   1 
ATOM   1304 O O   . LEU A 1 168 ? 13.207  2.094   -6.089  1.00 23.58 ? 177 LEU C O   1 
ATOM   1305 C CB  . LEU A 1 168 ? 12.852  0.339   -8.400  1.00 25.00 ? 177 LEU C CB  1 
ATOM   1306 C CG  . LEU A 1 168 ? 11.996  1.308   -9.224  1.00 29.02 ? 177 LEU C CG  1 
ATOM   1307 C CD1 . LEU A 1 168 ? 12.771  1.761   -10.451 1.00 30.29 ? 177 LEU C CD1 1 
ATOM   1308 C CD2 . LEU A 1 168 ? 10.696  0.625   -9.640  1.00 29.30 ? 177 LEU C CD2 1 
ATOM   1309 N N   . ASP A 1 169 ? 14.644  3.206   -7.413  1.00 29.06 ? 178 ASP C N   1 
ATOM   1310 C CA  . ASP A 1 169 ? 14.507  4.451   -6.669  1.00 34.10 ? 178 ASP C CA  1 
ATOM   1311 C C   . ASP A 1 169 ? 13.522  5.407   -7.333  1.00 36.88 ? 178 ASP C C   1 
ATOM   1312 O O   . ASP A 1 169 ? 13.817  5.990   -8.376  1.00 39.08 ? 178 ASP C O   1 
ATOM   1313 C CB  . ASP A 1 169 ? 15.873  5.129   -6.523  1.00 40.69 ? 178 ASP C CB  1 
ATOM   1314 C CG  . ASP A 1 169 ? 15.782  6.488   -5.847  1.00 46.47 ? 178 ASP C CG  1 
ATOM   1315 O OD1 . ASP A 1 169 ? 15.201  6.572   -4.747  1.00 50.09 ? 178 ASP C OD1 1 
ATOM   1316 O OD2 . ASP A 1 169 ? 16.297  7.473   -6.417  1.00 50.06 ? 178 ASP C OD2 1 
ATOM   1317 N N   . GLU A 1 170 ? 12.345  5.560   -6.732  1.00 33.85 ? 179 GLU C N   1 
ATOM   1318 C CA  . GLU A 1 170 ? 11.335  6.464   -7.269  1.00 34.98 ? 179 GLU C CA  1 
ATOM   1319 C C   . GLU A 1 170 ? 11.187  7.695   -6.383  1.00 37.61 ? 179 GLU C C   1 
ATOM   1320 O O   . GLU A 1 170 ? 10.110  8.281   -6.284  1.00 38.20 ? 179 GLU C O   1 
ATOM   1321 C CB  . GLU A 1 170 ? 9.988   5.749   -7.414  1.00 34.46 ? 179 GLU C CB  1 
ATOM   1322 C CG  . GLU A 1 170 ? 9.956   4.735   -8.549  1.00 36.33 ? 179 GLU C CG  1 
ATOM   1323 C CD  . GLU A 1 170 ? 8.554   4.476   -9.070  1.00 39.02 ? 179 GLU C CD  1 
ATOM   1324 O OE1 . GLU A 1 170 ? 8.416   3.775   -10.098 1.00 35.93 ? 179 GLU C OE1 1 
ATOM   1325 O OE2 . GLU A 1 170 ? 7.586   4.975   -8.456  1.00 42.42 ? 179 GLU C OE2 1 
ATOM   1326 N N   . VAL A 1 171 ? 12.287  8.073   -5.737  1.00 38.91 ? 180 VAL C N   1 
ATOM   1327 C CA  . VAL A 1 171 ? 12.311  9.244   -4.871  1.00 42.08 ? 180 VAL C CA  1 
ATOM   1328 C C   . VAL A 1 171 ? 12.957  10.396  -5.632  1.00 45.60 ? 180 VAL C C   1 
ATOM   1329 O O   . VAL A 1 171 ? 12.364  11.463  -5.785  1.00 47.49 ? 180 VAL C O   1 
ATOM   1330 C CB  . VAL A 1 171 ? 13.120  8.976   -3.583  1.00 41.54 ? 180 VAL C CB  1 
ATOM   1331 C CG1 . VAL A 1 171 ? 13.204  10.244  -2.745  1.00 41.03 ? 180 VAL C CG1 1 
ATOM   1332 C CG2 . VAL A 1 171 ? 12.465  7.860   -2.784  1.00 39.45 ? 180 VAL C CG2 1 
ATOM   1333 N N   . ARG A 1 172 ? 14.176  10.169  -6.110  1.00 48.77 ? 181 ARG C N   1 
ATOM   1334 C CA  . ARG A 1 172 ? 14.882  11.196  -6.854  1.00 53.16 ? 181 ARG C CA  1 
ATOM   1335 C C   . ARG A 1 172 ? 14.174  11.564  -8.144  1.00 56.67 ? 181 ARG C C   1 
ATOM   1336 O O   . ARG A 1 172 ? 13.974  10.719  -9.017  1.00 57.51 ? 181 ARG C O   1 
ATOM   1337 N N   . ARG A 1 173 ? 13.791  12.831  -8.264  1.00 58.91 ? 182 ARG C N   1 
ATOM   1338 C CA  . ARG A 1 173 ? 13.108  13.286  -9.461  1.00 62.12 ? 182 ARG C CA  1 
ATOM   1339 C C   . ARG A 1 173 ? 14.072  13.681  -10.564 1.00 63.14 ? 182 ARG C C   1 
ATOM   1340 O O   . ARG A 1 173 ? 14.248  12.947  -11.536 1.00 64.85 ? 182 ARG C O   1 
ATOM   1341 N N   . LEU B 2 1   ? 12.132  0.383   -15.393 1.00 34.80 ? 158 LEU A N   1 
ATOM   1342 C CA  . LEU B 2 1   ? 11.185  -0.287  -14.504 1.00 32.97 ? 158 LEU A CA  1 
ATOM   1343 C C   . LEU B 2 1   ? 10.394  0.734   -13.700 1.00 28.70 ? 158 LEU A C   1 
ATOM   1344 O O   . LEU B 2 1   ? 10.942  1.744   -13.258 1.00 27.78 ? 158 LEU A O   1 
ATOM   1345 C CB  . LEU B 2 1   ? 11.929  -1.224  -13.550 1.00 33.39 ? 158 LEU A CB  1 
ATOM   1346 C CG  . LEU B 2 1   ? 11.063  -2.112  -12.656 1.00 33.37 ? 158 LEU A CG  1 
ATOM   1347 C CD1 . LEU B 2 1   ? 10.252  -3.070  -13.514 1.00 36.27 ? 158 LEU A CD1 1 
ATOM   1348 C CD2 . LEU B 2 1   ? 11.945  -2.885  -11.694 1.00 35.43 ? 158 LEU A CD2 1 
ATOM   1349 N N   . ARG B 2 2   ? 9.105   0.467   -13.517 1.00 28.26 ? 159 ARG A N   1 
ATOM   1350 C CA  . ARG B 2 2   ? 8.230   1.362   -12.767 1.00 26.18 ? 159 ARG A CA  1 
ATOM   1351 C C   . ARG B 2 2   ? 7.324   0.583   -11.825 1.00 21.85 ? 159 ARG A C   1 
ATOM   1352 O O   . ARG B 2 2   ? 7.056   -0.597  -12.044 1.00 22.32 ? 159 ARG A O   1 
ATOM   1353 C CB  . ARG B 2 2   ? 7.390   2.199   -13.736 1.00 28.74 ? 159 ARG A CB  1 
ATOM   1354 C CG  . ARG B 2 2   ? 8.239   3.137   -14.572 1.00 35.56 ? 159 ARG A CG  1 
ATOM   1355 C CD  . ARG B 2 2   ? 7.457   3.839   -15.663 1.00 40.40 ? 159 ARG A CD  1 
ATOM   1356 N NE  . ARG B 2 2   ? 8.330   4.756   -16.390 1.00 44.68 ? 159 ARG A NE  1 
ATOM   1357 C CZ  . ARG B 2 2   ? 7.979   5.434   -17.477 1.00 48.47 ? 159 ARG A CZ  1 
ATOM   1358 N NH1 . ARG B 2 2   ? 6.760   5.305   -17.983 1.00 50.23 ? 159 ARG A NH1 1 
ATOM   1359 N NH2 . ARG B 2 2   ? 8.852   6.247   -18.055 1.00 50.76 ? 159 ARG A NH2 1 
ATOM   1360 N N   . TYR B 2 3   ? 6.861   1.253   -10.776 1.00 18.51 ? 160 TYR A N   1 
ATOM   1361 C CA  . TYR B 2 3   ? 5.987   0.640   -9.779  1.00 15.92 ? 160 TYR A CA  1 
ATOM   1362 C C   . TYR B 2 3   ? 4.699   1.429   -9.576  1.00 17.84 ? 160 TYR A C   1 
ATOM   1363 O O   . TYR B 2 3   ? 4.730   2.596   -9.179  1.00 18.33 ? 160 TYR A O   1 
ATOM   1364 C CB  . TYR B 2 3   ? 6.720   0.533   -8.433  1.00 16.55 ? 160 TYR A CB  1 
ATOM   1365 C CG  . TYR B 2 3   ? 5.890   -0.041  -7.301  1.00 16.08 ? 160 TYR A CG  1 
ATOM   1366 C CD1 . TYR B 2 3   ? 5.351   -1.328  -7.380  1.00 18.16 ? 160 TYR A CD1 1 
ATOM   1367 C CD2 . TYR B 2 3   ? 5.655   0.702   -6.144  1.00 17.60 ? 160 TYR A CD2 1 
ATOM   1368 C CE1 . TYR B 2 3   ? 4.600   -1.861  -6.331  1.00 15.23 ? 160 TYR A CE1 1 
ATOM   1369 C CE2 . TYR B 2 3   ? 4.906   0.180   -5.089  1.00 17.99 ? 160 TYR A CE2 1 
ATOM   1370 C CZ  . TYR B 2 3   ? 4.384   -1.103  -5.191  1.00 19.01 ? 160 TYR A CZ  1 
ATOM   1371 O OH  . TYR B 2 3   ? 3.652   -1.629  -4.149  1.00 18.05 ? 160 TYR A OH  1 
ATOM   1372 N N   . ASP B 2 4   ? 3.570   0.783   -9.852  1.00 14.52 ? 161 ASP A N   1 
ATOM   1373 C CA  . ASP B 2 4   ? 2.258   1.400   -9.663  1.00 16.72 ? 161 ASP A CA  1 
ATOM   1374 C C   . ASP B 2 4   ? 1.687   0.811   -8.375  1.00 18.74 ? 161 ASP A C   1 
ATOM   1375 O O   . ASP B 2 4   ? 1.131   -0.288  -8.381  1.00 21.37 ? 161 ASP A O   1 
ATOM   1376 C CB  . ASP B 2 4   ? 1.326   1.072   -10.832 1.00 19.49 ? 161 ASP A CB  1 
ATOM   1377 C CG  . ASP B 2 4   ? -0.075  1.651   -10.652 1.00 22.82 ? 161 ASP A CG  1 
ATOM   1378 O OD1 . ASP B 2 4   ? -0.343  2.271   -9.600  1.00 21.63 ? 161 ASP A OD1 1 
ATOM   1379 O OD2 . ASP B 2 4   ? -0.908  1.490   -11.569 1.00 22.36 ? 161 ASP A OD2 1 
ATOM   1380 N N   . SER B 2 5   ? 1.834   1.545   -7.278  1.00 16.97 ? 162 SER A N   1 
ATOM   1381 C CA  . SER B 2 5   ? 1.354   1.083   -5.979  1.00 16.76 ? 162 SER A CA  1 
ATOM   1382 C C   . SER B 2 5   ? -0.152  0.808   -5.922  1.00 15.00 ? 162 SER A C   1 
ATOM   1383 O O   . SER B 2 5   ? -0.601  -0.026  -5.137  1.00 20.53 ? 162 SER A O   1 
ATOM   1384 C CB  . SER B 2 5   ? 1.730   2.098   -4.895  1.00 16.81 ? 162 SER A CB  1 
ATOM   1385 O OG  . SER B 2 5   ? 1.326   1.644   -3.612  1.00 24.76 ? 162 SER A OG  1 
ATOM   1386 N N   . THR B 2 6   ? -0.938  1.497   -6.742  1.00 15.43 ? 163 THR A N   1 
ATOM   1387 C CA  . THR B 2 6   ? -2.384  1.296   -6.708  1.00 14.70 ? 163 THR A CA  1 
ATOM   1388 C C   . THR B 2 6   ? -2.789  -0.091  -7.171  1.00 19.52 ? 163 THR A C   1 
ATOM   1389 O O   . THR B 2 6   ? -3.838  -0.600  -6.786  1.00 19.73 ? 163 THR A O   1 
ATOM   1390 C CB  . THR B 2 6   ? -3.135  2.327   -7.577  1.00 16.78 ? 163 THR A CB  1 
ATOM   1391 O OG1 . THR B 2 6   ? -2.827  2.111   -8.961  1.00 19.57 ? 163 THR A OG1 1 
ATOM   1392 C CG2 . THR B 2 6   ? -2.742  3.743   -7.183  1.00 18.60 ? 163 THR A CG2 1 
ATOM   1393 N N   . ALA B 2 7   ? -1.956  -0.699  -8.006  1.00 20.87 ? 164 ALA A N   1 
ATOM   1394 C CA  . ALA B 2 7   ? -2.249  -2.026  -8.520  1.00 21.77 ? 164 ALA A CA  1 
ATOM   1395 C C   . ALA B 2 7   ? -1.157  -3.034  -8.176  1.00 23.12 ? 164 ALA A C   1 
ATOM   1396 O O   . ALA B 2 7   ? -1.152  -4.151  -8.701  1.00 25.36 ? 164 ALA A O   1 
ATOM   1397 C CB  . ALA B 2 7   ? -2.440  -1.963  -10.038 1.00 23.99 ? 164 ALA A CB  1 
ATOM   1398 N N   . GLU B 2 8   ? -0.243  -2.642  -7.290  1.00 18.77 ? 165 GLU A N   1 
ATOM   1399 C CA  . GLU B 2 8   ? 0.866   -3.501  -6.886  1.00 20.04 ? 165 GLU A CA  1 
ATOM   1400 C C   . GLU B 2 8   ? 1.526   -4.074  -8.132  1.00 23.88 ? 165 GLU A C   1 
ATOM   1401 O O   . GLU B 2 8   ? 1.867   -5.257  -8.188  1.00 25.50 ? 165 GLU A O   1 
ATOM   1402 C CB  . GLU B 2 8   ? 0.362   -4.640  -5.997  1.00 23.12 ? 165 GLU A CB  1 
ATOM   1403 C CG  . GLU B 2 8   ? 0.023   -4.209  -4.575  1.00 23.31 ? 165 GLU A CG  1 
ATOM   1404 C CD  . GLU B 2 8   ? 1.216   -3.599  -3.856  1.00 26.46 ? 165 GLU A CD  1 
ATOM   1405 O OE1 . GLU B 2 8   ? 2.364   -3.887  -4.268  1.00 24.03 ? 165 GLU A OE1 1 
ATOM   1406 O OE2 . GLU B 2 8   ? 1.004   -2.844  -2.878  1.00 24.84 ? 165 GLU A OE2 1 
ATOM   1407 N N   . ARG B 2 9   ? 1.707   -3.214  -9.127  1.00 22.87 ? 166 ARG A N   1 
ATOM   1408 C CA  . ARG B 2 9   ? 2.285   -3.616  -10.396 1.00 23.32 ? 166 ARG A CA  1 
ATOM   1409 C C   . ARG B 2 9   ? 3.692   -3.098  -10.646 1.00 23.68 ? 166 ARG A C   1 
ATOM   1410 O O   . ARG B 2 9   ? 3.954   -1.898  -10.563 1.00 19.84 ? 166 ARG A O   1 
ATOM   1411 C CB  . ARG B 2 9   ? 1.369   -3.162  -11.536 1.00 25.46 ? 166 ARG A CB  1 
ATOM   1412 C CG  . ARG B 2 9   ? 1.888   -3.474  -12.927 1.00 29.38 ? 166 ARG A CG  1 
ATOM   1413 C CD  . ARG B 2 9   ? 0.953   -2.919  -13.998 1.00 32.26 ? 166 ARG A CD  1 
ATOM   1414 N NE  . ARG B 2 9   ? 1.448   -3.198  -15.345 1.00 40.43 ? 166 ARG A NE  1 
ATOM   1415 C CZ  . ARG B 2 9   ? 0.872   -2.769  -16.464 1.00 43.89 ? 166 ARG A CZ  1 
ATOM   1416 N NH1 . ARG B 2 9   ? -0.229  -2.030  -16.407 1.00 44.91 ? 166 ARG A NH1 1 
ATOM   1417 N NH2 . ARG B 2 9   ? 1.402   -3.079  -17.642 1.00 42.62 ? 166 ARG A NH2 1 
ATOM   1418 N N   . LEU B 2 10  ? 4.595   -4.027  -10.942 1.00 24.63 ? 167 LEU A N   1 
ATOM   1419 C CA  . LEU B 2 10  ? 5.984   -3.709  -11.258 1.00 28.22 ? 167 LEU A CA  1 
ATOM   1420 C C   . LEU B 2 10  ? 6.100   -3.984  -12.752 1.00 31.17 ? 167 LEU A C   1 
ATOM   1421 O O   . LEU B 2 10  ? 5.983   -5.131  -13.179 1.00 33.23 ? 167 LEU A O   1 
ATOM   1422 C CB  . LEU B 2 10  ? 6.938   -4.628  -10.495 1.00 28.74 ? 167 LEU A CB  1 
ATOM   1423 C CG  . LEU B 2 10  ? 7.814   -4.001  -9.408  1.00 30.94 ? 167 LEU A CG  1 
ATOM   1424 C CD1 . LEU B 2 10  ? 8.799   -5.047  -8.899  1.00 29.32 ? 167 LEU A CD1 1 
ATOM   1425 C CD2 . LEU B 2 10  ? 8.555   -2.803  -9.961  1.00 30.70 ? 167 LEU A CD2 1 
ATOM   1426 N N   . TYR B 2 11  ? 6.322   -2.939  -13.543 1.00 33.27 ? 168 TYR A N   1 
ATOM   1427 C CA  . TYR B 2 11  ? 6.412   -3.088  -14.993 1.00 34.62 ? 168 TYR A CA  1 
ATOM   1428 C C   . TYR B 2 11  ? 7.544   -2.262  -15.588 1.00 35.97 ? 168 TYR A C   1 
ATOM   1429 O O   . TYR B 2 11  ? 7.803   -1.141  -15.150 1.00 36.34 ? 168 TYR A O   1 
ATOM   1430 C CB  . TYR B 2 11  ? 5.077   -2.680  -15.626 1.00 36.41 ? 168 TYR A CB  1 
ATOM   1431 C CG  . TYR B 2 11  ? 4.739   -1.214  -15.447 1.00 38.64 ? 168 TYR A CG  1 
ATOM   1432 C CD1 . TYR B 2 11  ? 5.060   -0.279  -16.433 1.00 38.87 ? 168 TYR A CD1 1 
ATOM   1433 C CD2 . TYR B 2 11  ? 4.132   -0.754  -14.277 1.00 38.03 ? 168 TYR A CD2 1 
ATOM   1434 C CE1 . TYR B 2 11  ? 4.787   1.080   -16.258 1.00 38.41 ? 168 TYR A CE1 1 
ATOM   1435 C CE2 . TYR B 2 11  ? 3.855   0.600   -14.092 1.00 36.95 ? 168 TYR A CE2 1 
ATOM   1436 C CZ  . TYR B 2 11  ? 4.186   1.511   -15.084 1.00 38.53 ? 168 TYR A CZ  1 
ATOM   1437 O OH  . TYR B 2 11  ? 3.931   2.850   -14.902 1.00 36.09 ? 168 TYR A OH  1 
HETATM 1438 O O   . HOH C 3 .   ? 3.911   -0.491  -1.759  1.00 17.69 ? 183 HOH C O   1 
HETATM 1439 O O   . HOH C 3 .   ? 28.571  0.052   -6.224  1.00 14.00 ? 184 HOH C O   1 
HETATM 1440 O O   . HOH C 3 .   ? 1.879   -10.443 0.509   1.00 14.76 ? 185 HOH C O   1 
HETATM 1441 O O   . HOH C 3 .   ? 3.689   -5.390  16.925  1.00 17.12 ? 186 HOH C O   1 
HETATM 1442 O O   . HOH C 3 .   ? 7.647   -11.674 -3.344  1.00 19.70 ? 187 HOH C O   1 
HETATM 1443 O O   . HOH C 3 .   ? 3.615   2.259   -2.014  1.00 17.96 ? 188 HOH C O   1 
HETATM 1444 O O   . HOH C 3 .   ? 6.291   -6.572  11.269  1.00 20.63 ? 189 HOH C O   1 
HETATM 1445 O O   . HOH C 3 .   ? 7.650   1.710   -1.950  1.00 19.94 ? 190 HOH C O   1 
HETATM 1446 O O   . HOH C 3 .   ? 0.714   1.117   -0.145  1.00 18.18 ? 191 HOH C O   1 
HETATM 1447 O O   . HOH C 3 .   ? 8.173   8.516   -4.456  1.00 24.67 ? 192 HOH C O   1 
HETATM 1448 O O   . HOH C 3 .   ? 0.218   -11.946 3.356   1.00 17.06 ? 193 HOH C O   1 
HETATM 1449 O O   . HOH C 3 .   ? -12.860 -4.655  -11.677 1.00 36.41 ? 194 HOH C O   1 
HETATM 1450 O O   . HOH C 3 .   ? -14.281 2.363   2.881   1.00 21.19 ? 195 HOH C O   1 
HETATM 1451 O O   . HOH C 3 .   ? -9.979  -9.540  -19.324 1.00 27.08 ? 196 HOH C O   1 
HETATM 1452 O O   . HOH C 3 .   ? 8.240   18.858  -3.251  1.00 27.53 ? 197 HOH C O   1 
HETATM 1453 O O   . HOH C 3 .   ? -4.339  11.290  -9.290  1.00 26.17 ? 198 HOH C O   1 
HETATM 1454 O O   . HOH C 3 .   ? 6.316   11.507  -3.523  1.00 22.62 ? 199 HOH C O   1 
HETATM 1455 O O   . HOH C 3 .   ? 3.278   -6.349  -5.247  1.00 25.03 ? 200 HOH C O   1 
HETATM 1456 O O   . HOH C 3 .   ? -3.362  -12.828 2.107   1.00 19.95 ? 201 HOH C O   1 
HETATM 1457 O O   . HOH C 3 .   ? 24.164  -5.613  -2.864  1.00 30.20 ? 202 HOH C O   1 
HETATM 1458 O O   . HOH C 3 .   ? 8.245   -9.351  0.297   1.00 22.46 ? 203 HOH C O   1 
HETATM 1459 O O   . HOH C 3 .   ? -11.678 3.097   6.677   1.00 28.57 ? 204 HOH C O   1 
HETATM 1460 O O   . HOH C 3 .   ? 2.448   -2.434  -0.664  1.00 22.10 ? 205 HOH C O   1 
HETATM 1461 O O   . HOH C 3 .   ? 21.794  -9.695  -8.276  1.00 23.40 ? 206 HOH C O   1 
HETATM 1462 O O   . HOH C 3 .   ? 29.202  -2.318  -4.035  1.00 27.57 ? 207 HOH C O   1 
HETATM 1463 O O   . HOH C 3 .   ? -1.992  -13.060 4.398   1.00 21.45 ? 208 HOH C O   1 
HETATM 1464 O O   . HOH C 3 .   ? 3.310   11.627  9.739   1.00 28.07 ? 209 HOH C O   1 
HETATM 1465 O O   . HOH C 3 .   ? -5.654  -11.571 -20.054 1.00 43.79 ? 210 HOH C O   1 
HETATM 1466 O O   . HOH C 3 .   ? 7.617   14.396  -8.635  1.00 37.91 ? 211 HOH C O   1 
HETATM 1467 O O   . HOH C 3 .   ? -9.333  5.084   12.805  1.00 26.43 ? 212 HOH C O   1 
HETATM 1468 O O   . HOH C 3 .   ? 13.039  3.569   2.135   1.00 32.92 ? 213 HOH C O   1 
HETATM 1469 O O   . HOH C 3 .   ? 9.061   -3.754  12.308  1.00 23.67 ? 214 HOH C O   1 
HETATM 1470 O O   . HOH C 3 .   ? 3.008   0.894   18.999  1.00 25.75 ? 215 HOH C O   1 
HETATM 1471 O O   . HOH C 3 .   ? -4.595  3.114   18.292  1.00 26.94 ? 216 HOH C O   1 
HETATM 1472 O O   . HOH C 3 .   ? -1.475  13.687  -11.218 1.00 24.67 ? 217 HOH C O   1 
HETATM 1473 O O   . HOH C 3 .   ? -5.201  -8.111  15.445  1.00 34.73 ? 218 HOH C O   1 
HETATM 1474 O O   . HOH C 3 .   ? 0.981   12.735  8.238   1.00 36.29 ? 219 HOH C O   1 
HETATM 1475 O O   . HOH C 3 .   ? 0.132   -17.788 -0.034  1.00 30.98 ? 220 HOH C O   1 
HETATM 1476 O O   . HOH C 3 .   ? 2.912   11.355  13.046  1.00 32.74 ? 221 HOH C O   1 
HETATM 1477 O O   . HOH C 3 .   ? -4.746  -1.327  -13.897 1.00 29.28 ? 222 HOH C O   1 
HETATM 1478 O O   . HOH C 3 .   ? 11.427  -6.078  5.092   1.00 54.90 ? 223 HOH C O   1 
HETATM 1479 O O   . HOH C 3 .   ? -1.976  -4.471  20.122  1.00 34.45 ? 224 HOH C O   1 
HETATM 1480 O O   . HOH C 3 .   ? -11.397 6.242   8.603   1.00 41.81 ? 225 HOH C O   1 
HETATM 1481 O O   . HOH C 3 .   ? 18.058  -8.852  -4.924  1.00 28.17 ? 226 HOH C O   1 
HETATM 1482 O O   . HOH C 3 .   ? 2.397   -8.390  -6.566  1.00 26.40 ? 227 HOH C O   1 
HETATM 1483 O O   . HOH C 3 .   ? -1.493  9.681   -17.614 1.00 32.10 ? 228 HOH C O   1 
HETATM 1484 O O   . HOH C 3 .   ? 1.913   -12.293 16.153  1.00 40.72 ? 229 HOH C O   1 
HETATM 1485 O O   . HOH C 3 .   ? -3.639  -16.373 -0.636  1.00 44.13 ? 230 HOH C O   1 
HETATM 1486 O O   . HOH C 3 .   ? -4.559  -8.985  12.677  1.00 33.53 ? 231 HOH C O   1 
HETATM 1487 O O   . HOH C 3 .   ? -5.864  13.746  13.911  1.00 34.70 ? 232 HOH C O   1 
HETATM 1488 O O   . HOH C 3 .   ? -7.774  0.243   -14.312 1.00 38.67 ? 233 HOH C O   1 
HETATM 1489 O O   . HOH C 3 .   ? -2.891  7.601   16.797  1.00 27.68 ? 234 HOH C O   1 
HETATM 1490 O O   . HOH C 3 .   ? -16.463 -6.893  0.744   1.00 38.06 ? 235 HOH C O   1 
HETATM 1491 O O   . HOH C 3 .   ? -13.173 2.145   -7.972  1.00 43.69 ? 236 HOH C O   1 
HETATM 1492 O O   . HOH C 3 .   ? -5.241  11.714  1.247   1.00 39.69 ? 237 HOH C O   1 
HETATM 1493 O O   . HOH C 3 .   ? -15.967 -0.961  -10.440 1.00 46.63 ? 238 HOH C O   1 
HETATM 1494 O O   . HOH C 3 .   ? 4.426   0.158   16.891  1.00 29.84 ? 239 HOH C O   1 
HETATM 1495 O O   . HOH C 3 .   ? 5.363   -14.518 -3.805  1.00 37.40 ? 240 HOH C O   1 
HETATM 1496 O O   . HOH C 3 .   ? -7.678  -13.582 -3.696  1.00 32.75 ? 241 HOH C O   1 
HETATM 1497 O O   . HOH C 3 .   ? -2.496  0.944   19.631  1.00 48.23 ? 242 HOH C O   1 
HETATM 1498 O O   . HOH C 3 .   ? -12.541 3.191   12.605  1.00 45.59 ? 243 HOH C O   1 
HETATM 1499 O O   . HOH C 3 .   ? -4.051  -3.185  -17.836 1.00 45.90 ? 244 HOH C O   1 
HETATM 1500 O O   . HOH C 3 .   ? -4.973  -2.217  -20.651 1.00 35.70 ? 245 HOH C O   1 
HETATM 1501 O O   . HOH C 3 .   ? -0.723  7.630   -19.272 1.00 50.89 ? 246 HOH C O   1 
HETATM 1502 O O   . HOH C 3 .   ? -8.594  14.846  9.634   1.00 48.96 ? 247 HOH C O   1 
HETATM 1503 O O   . HOH C 3 .   ? 12.263  5.493   0.494   1.00 29.89 ? 248 HOH C O   1 
HETATM 1504 O O   . HOH C 3 .   ? 11.724  2.216   10.641  1.00 29.63 ? 249 HOH C O   1 
HETATM 1505 O O   . HOH C 3 .   ? -10.623 1.000   -7.670  1.00 32.55 ? 250 HOH C O   1 
HETATM 1506 O O   . HOH C 3 .   ? 9.587   -9.572  4.226   1.00 45.47 ? 251 HOH C O   1 
HETATM 1507 O O   . HOH C 3 .   ? 2.881   4.456   -11.676 1.00 32.27 ? 252 HOH C O   1 
HETATM 1508 O O   . HOH C 3 .   ? -8.999  7.246   14.324  1.00 28.17 ? 253 HOH C O   1 
HETATM 1509 O O   . HOH C 3 .   ? -6.731  3.235   -6.876  1.00 40.28 ? 254 HOH C O   1 
HETATM 1510 O O   . HOH C 3 .   ? 9.957   15.962  -5.938  1.00 35.85 ? 255 HOH C O   1 
HETATM 1511 O O   . HOH C 3 .   ? 6.353   6.641   -6.837  1.00 28.94 ? 256 HOH C O   1 
HETATM 1512 O O   . HOH C 3 .   ? 14.028  7.125   0.191   1.00 63.58 ? 257 HOH C O   1 
HETATM 1513 O O   . HOH C 3 .   ? -13.229 4.242   -6.380  1.00 41.56 ? 258 HOH C O   1 
HETATM 1514 O O   . HOH C 3 .   ? -17.707 -5.984  -1.233  1.00 33.12 ? 259 HOH C O   1 
HETATM 1515 O O   . HOH C 3 .   ? -7.894  6.196   16.764  1.00 41.24 ? 260 HOH C O   1 
HETATM 1516 O O   . HOH C 3 .   ? -2.581  -15.076 -3.295  1.00 43.33 ? 261 HOH C O   1 
HETATM 1517 O O   . HOH C 3 .   ? 21.252  -2.968  -1.177  1.00 58.45 ? 262 HOH C O   1 
HETATM 1518 O O   . HOH C 3 .   ? 7.437   -5.283  13.624  1.00 39.67 ? 263 HOH C O   1 
HETATM 1519 O O   . HOH C 3 .   ? 19.008  -9.410  4.932   1.00 54.54 ? 264 HOH C O   1 
HETATM 1520 O O   . HOH C 3 .   ? 8.658   -14.277 -8.923  1.00 40.13 ? 265 HOH C O   1 
HETATM 1521 O O   . HOH C 3 .   ? -6.489  14.093  -0.249  1.00 54.74 ? 266 HOH C O   1 
HETATM 1522 O O   . HOH C 3 .   ? 4.588   -2.491  16.853  1.00 37.01 ? 267 HOH C O   1 
HETATM 1523 O O   . HOH C 3 .   ? -6.562  -15.660 8.681   1.00 53.70 ? 268 HOH C O   1 
HETATM 1524 O O   . HOH C 3 .   ? -9.165  -14.499 14.995  1.00 34.56 ? 269 HOH C O   1 
HETATM 1525 O O   . HOH C 3 .   ? 13.753  9.961   0.869   1.00 53.45 ? 270 HOH C O   1 
HETATM 1526 O O   . HOH C 3 .   ? 8.990   17.072  6.061   1.00 51.19 ? 271 HOH C O   1 
HETATM 1527 O O   . HOH C 3 .   ? 11.724  -13.944 3.417   1.00 45.58 ? 272 HOH C O   1 
HETATM 1528 O O   . HOH C 3 .   ? 9.739   4.430   15.535  1.00 40.96 ? 273 HOH C O   1 
HETATM 1529 O O   . HOH C 3 .   ? 17.360  -4.286  0.950   1.00 48.61 ? 274 HOH C O   1 
HETATM 1530 O O   . HOH C 3 .   ? 2.730   7.633   -10.130 1.00 36.72 ? 275 HOH C O   1 
HETATM 1531 O O   . HOH C 3 .   ? -7.874  1.761   -9.637  1.00 50.02 ? 276 HOH C O   1 
HETATM 1532 O O   . HOH C 3 .   ? 7.207   12.205  12.592  1.00 57.08 ? 277 HOH C O   1 
HETATM 1533 O O   . HOH C 3 .   ? 17.086  9.426   -3.913  1.00 67.22 ? 278 HOH C O   1 
HETATM 1534 O O   . HOH C 3 .   ? -23.799 -1.652  3.863   1.00 63.66 ? 279 HOH C O   1 
HETATM 1535 O O   . HOH C 3 .   ? -5.668  -12.889 -5.464  1.00 54.94 ? 280 HOH C O   1 
HETATM 1536 O O   . HOH C 3 .   ? -2.809  13.373  -0.708  1.00 40.59 ? 281 HOH C O   1 
HETATM 1537 O O   . HOH C 3 .   ? -12.887 -7.008  18.845  1.00 65.37 ? 282 HOH C O   1 
HETATM 1538 O O   . HOH C 3 .   ? 2.851   19.192  8.221   1.00 40.59 ? 283 HOH C O   1 
HETATM 1539 O O   . HOH C 3 .   ? 8.244   -16.415 2.965   1.00 58.21 ? 284 HOH C O   1 
HETATM 1540 O O   . HOH C 3 .   ? -14.502 16.403  -10.376 1.00 54.67 ? 285 HOH C O   1 
HETATM 1541 O O   . HOH C 3 .   ? -4.708  12.311  11.726  1.00 43.22 ? 286 HOH C O   1 
HETATM 1542 O O   . HOH C 3 .   ? 12.368  2.511   4.466   1.00 42.22 ? 287 HOH C O   1 
HETATM 1543 O O   . HOH C 3 .   ? -10.063 -5.286  -10.241 1.00 21.12 ? 288 HOH C O   1 
HETATM 1544 O O   . HOH C 3 .   ? 1.127   14.275  6.106   1.00 38.79 ? 289 HOH C O   1 
HETATM 1545 O O   . HOH C 3 .   ? 1.045   16.600  8.845   1.00 47.94 ? 290 HOH C O   1 
HETATM 1546 O O   . HOH C 3 .   ? 3.959   6.756   -7.930  1.00 51.17 ? 291 HOH C O   1 
HETATM 1547 O O   . HOH C 3 .   ? -7.822  14.575  -2.598  1.00 56.07 ? 292 HOH C O   1 
HETATM 1548 O O   . HOH C 3 .   ? 16.248  3.058   -9.838  1.00 35.32 ? 293 HOH C O   1 
HETATM 1549 O O   . HOH C 3 .   ? -3.041  -14.555 6.156   1.00 45.04 ? 294 HOH C O   1 
HETATM 1550 O O   . HOH C 3 .   ? 1.248   8.056   -20.968 1.00 43.80 ? 295 HOH C O   1 
HETATM 1551 O O   . HOH C 3 .   ? -6.297  -15.180 4.697   1.00 49.22 ? 296 HOH C O   1 
HETATM 1552 O O   . HOH C 3 .   ? -3.959  17.237  10.294  1.00 37.58 ? 297 HOH C O   1 
HETATM 1553 O O   . HOH C 3 .   ? 13.346  -8.556  -14.035 1.00 49.54 ? 298 HOH C O   1 
HETATM 1554 O O   . HOH C 3 .   ? 10.916  -9.157  6.256   1.00 40.56 ? 299 HOH C O   1 
HETATM 1555 O O   . HOH C 3 .   ? -6.104  14.087  10.230  1.00 42.15 ? 300 HOH C O   1 
HETATM 1556 O O   . HOH C 3 .   ? -15.888 3.439   4.609   1.00 39.82 ? 301 HOH C O   1 
HETATM 1557 O O   . HOH C 3 .   ? -7.577  11.597  -7.426  1.00 42.42 ? 302 HOH C O   1 
HETATM 1558 O O   . HOH C 3 .   ? -0.549  2.421   20.474  1.00 42.98 ? 303 HOH C O   1 
HETATM 1559 O O   . HOH C 3 .   ? -2.412  -14.007 -18.439 1.00 64.47 ? 304 HOH C O   1 
HETATM 1560 O O   . HOH C 3 .   ? -6.399  -17.501 13.215  1.00 57.81 ? 305 HOH C O   1 
HETATM 1561 O O   . HOH C 3 .   ? 9.347   7.815   -13.458 1.00 53.78 ? 306 HOH C O   1 
HETATM 1562 O O   . HOH C 3 .   ? 13.293  12.030  10.455  1.00 49.97 ? 307 HOH C O   1 
HETATM 1563 O O   . HOH C 3 .   ? -5.116  -13.718 15.377  1.00 56.47 ? 308 HOH C O   1 
HETATM 1564 O O   . HOH C 3 .   ? -7.774  -8.042  16.515  1.00 39.96 ? 309 HOH C O   1 
HETATM 1565 O O   . HOH C 3 .   ? -4.236  -14.544 8.246   1.00 41.92 ? 310 HOH C O   1 
HETATM 1566 O O   . HOH C 3 .   ? -5.028  -13.641 -17.438 1.00 50.00 ? 311 HOH C O   1 
HETATM 1567 O O   . HOH C 3 .   ? 6.332   11.243  9.573   1.00 34.43 ? 312 HOH C O   1 
HETATM 1568 O O   . HOH C 3 .   ? -17.471 -7.854  6.722   1.00 42.24 ? 313 HOH C O   1 
HETATM 1569 O O   . HOH C 3 .   ? 3.044   -21.466 3.545   1.00 46.62 ? 314 HOH C O   1 
HETATM 1570 O O   . HOH C 3 .   ? 4.530   15.431  12.968  1.00 57.56 ? 315 HOH C O   1 
HETATM 1571 O O   . HOH C 3 .   ? -0.146  -15.261 -6.436  1.00 50.67 ? 316 HOH C O   1 
HETATM 1572 O O   . HOH C 3 .   ? 16.022  -13.380 -4.492  1.00 47.63 ? 317 HOH C O   1 
HETATM 1573 O O   . HOH C 3 .   ? 26.822  -7.453  -4.825  1.00 58.11 ? 318 HOH C O   1 
HETATM 1574 O O   . HOH C 3 .   ? -0.192  -12.989 14.337  1.00 44.13 ? 319 HOH C O   1 
HETATM 1575 O O   . HOH C 3 .   ? -9.420  11.763  11.807  1.00 68.59 ? 320 HOH C O   1 
HETATM 1576 O O   . HOH C 3 .   ? -7.013  -12.399 -11.625 1.00 46.55 ? 321 HOH C O   1 
HETATM 1577 O O   . HOH C 3 .   ? -13.287 -13.392 7.047   1.00 53.18 ? 322 HOH C O   1 
HETATM 1578 O O   . HOH C 3 .   ? -13.637 -13.240 0.360   1.00 62.86 ? 323 HOH C O   1 
HETATM 1579 O O   . HOH C 3 .   ? 5.944   9.080   -18.175 1.00 51.25 ? 324 HOH C O   1 
HETATM 1580 O O   . HOH C 3 .   ? -13.841 7.510   7.217   1.00 61.21 ? 325 HOH C O   1 
HETATM 1581 O O   . HOH C 3 .   ? -10.932 -12.162 15.546  1.00 45.54 ? 326 HOH C O   1 
HETATM 1582 O O   . HOH C 3 .   ? 1.721   12.307  16.996  1.00 57.67 ? 327 HOH C O   1 
HETATM 1583 O O   . HOH C 3 .   ? -0.817  -9.214  -9.945  1.00 55.73 ? 328 HOH C O   1 
HETATM 1584 O O   . HOH C 3 .   ? 14.748  -17.288 -9.723  1.00 56.32 ? 329 HOH C O   1 
HETATM 1585 O O   . HOH C 3 .   ? 16.886  -13.695 7.730   1.00 50.01 ? 330 HOH C O   1 
HETATM 1586 O O   . HOH C 3 .   ? -18.418 -7.199  4.328   1.00 48.90 ? 331 HOH C O   1 
HETATM 1587 O O   . HOH C 3 .   ? -17.416 2.240   11.275  1.00 50.93 ? 332 HOH C O   1 
HETATM 1588 O O   . HOH C 3 .   ? 14.651  0.199   4.151   1.00 59.80 ? 333 HOH C O   1 
HETATM 1589 O O   . HOH C 3 .   ? -1.672  5.690   20.128  1.00 55.95 ? 334 HOH C O   1 
HETATM 1590 O O   . HOH C 3 .   ? -1.412  -14.820 -14.003 1.00 47.83 ? 335 HOH C O   1 
HETATM 1591 O O   . HOH D 3 .   ? 0.075   -7.501  -8.289  1.00 36.59 ? 169 HOH A O   1 
HETATM 1592 O O   . HOH D 3 .   ? 3.590   -6.867  -10.950 1.00 29.41 ? 170 HOH A O   1 
HETATM 1593 O O   . HOH D 3 .   ? 0.315   4.889   -9.856  1.00 33.94 ? 171 HOH A O   1 
HETATM 1594 O O   . HOH D 3 .   ? -0.444  0.633   -14.245 1.00 51.27 ? 172 HOH A O   1 
HETATM 1595 O O   . HOH D 3 .   ? 3.347   3.949   -7.267  1.00 22.07 ? 173 HOH A O   1 
HETATM 1596 O O   . HOH D 3 .   ? 1.660   3.999   -13.823 1.00 35.03 ? 174 HOH A O   1 
HETATM 1597 O O   . HOH D 3 .   ? 0.955   1.509   -18.181 1.00 52.32 ? 175 HOH A O   1 
HETATM 1598 O O   . HOH D 3 .   ? 2.892   -6.008  -15.791 1.00 55.09 ? 176 HOH A O   1 
HETATM 1599 O O   . HOH D 3 .   ? 2.523   5.365   -17.200 1.00 51.15 ? 177 HOH A O   1 
HETATM 1600 O O   . HOH D 3 .   ? 11.253  1.423   -19.212 1.00 42.38 ? 178 HOH A O   1 
HETATM 1601 O O   . HOH D 3 .   ? 11.117  5.379   -16.071 1.00 58.87 ? 179 HOH A O   1 
# 
